data_6BKK
# 
_entry.id   6BKK 
# 
_audit_conform.dict_name       mmcif_pdbx.dic 
_audit_conform.dict_version    5.398 
_audit_conform.dict_location   http://mmcif.pdb.org/dictionaries/ascii/mmcif_pdbx.dic 
# 
loop_
_database_2.database_id 
_database_2.database_code 
_database_2.pdbx_database_accession 
_database_2.pdbx_DOI 
PDB   6BKK         pdb_00006bkk 10.2210/pdb6bkk/pdb 
WWPDB D_1000231031 ?            ?                   
# 
loop_
_pdbx_audit_revision_history.ordinal 
_pdbx_audit_revision_history.data_content_type 
_pdbx_audit_revision_history.major_revision 
_pdbx_audit_revision_history.minor_revision 
_pdbx_audit_revision_history.revision_date 
1 'Structure model' 1 0 2018-09-19 
2 'Structure model' 1 1 2018-11-28 
3 'Structure model' 1 2 2020-01-01 
4 'Structure model' 1 3 2023-10-04 
5 'Structure model' 1 4 2024-11-13 
# 
_pdbx_audit_revision_details.ordinal             1 
_pdbx_audit_revision_details.revision_ordinal    1 
_pdbx_audit_revision_details.data_content_type   'Structure model' 
_pdbx_audit_revision_details.provider            repository 
_pdbx_audit_revision_details.type                'Initial release' 
_pdbx_audit_revision_details.description         ? 
_pdbx_audit_revision_details.details             ? 
# 
loop_
_pdbx_audit_revision_group.ordinal 
_pdbx_audit_revision_group.revision_ordinal 
_pdbx_audit_revision_group.data_content_type 
_pdbx_audit_revision_group.group 
1 2 'Structure model' 'Data collection'            
2 2 'Structure model' 'Database references'        
3 3 'Structure model' 'Author supporting evidence' 
4 4 'Structure model' 'Data collection'            
5 4 'Structure model' 'Database references'        
6 4 'Structure model' 'Refinement description'     
7 5 'Structure model' 'Structure summary'          
# 
loop_
_pdbx_audit_revision_category.ordinal 
_pdbx_audit_revision_category.revision_ordinal 
_pdbx_audit_revision_category.data_content_type 
_pdbx_audit_revision_category.category 
1 2 'Structure model' citation                      
2 3 'Structure model' pdbx_audit_support            
3 4 'Structure model' chem_comp_atom                
4 4 'Structure model' chem_comp_bond                
5 4 'Structure model' database_2                    
6 4 'Structure model' pdbx_initial_refinement_model 
7 5 'Structure model' pdbx_entry_details            
8 5 'Structure model' pdbx_modification_feature     
# 
loop_
_pdbx_audit_revision_item.ordinal 
_pdbx_audit_revision_item.revision_ordinal 
_pdbx_audit_revision_item.data_content_type 
_pdbx_audit_revision_item.item 
1 2 'Structure model' '_citation.journal_volume'                 
2 2 'Structure model' '_citation.page_first'                     
3 2 'Structure model' '_citation.page_last'                      
4 2 'Structure model' '_citation.title'                          
5 3 'Structure model' '_pdbx_audit_support.funding_organization' 
6 4 'Structure model' '_database_2.pdbx_DOI'                     
7 4 'Structure model' '_database_2.pdbx_database_accession'      
# 
_pdbx_database_status.status_code                     REL 
_pdbx_database_status.status_code_sf                  REL 
_pdbx_database_status.status_code_mr                  ? 
_pdbx_database_status.entry_id                        6BKK 
_pdbx_database_status.recvd_initial_deposition_date   2017-11-08 
_pdbx_database_status.SG_entry                        N 
_pdbx_database_status.deposit_site                    RCSB 
_pdbx_database_status.process_site                    RCSB 
_pdbx_database_status.status_code_cs                  ? 
_pdbx_database_status.methods_development_category    ? 
_pdbx_database_status.pdb_format_compatible           Y 
_pdbx_database_status.status_code_nmr_data            ? 
# 
loop_
_audit_author.name 
_audit_author.pdbx_ordinal 
_audit_author.identifier_ORCID 
'Thomaston, J.L.' 1 0000-0003-0427-6277 
'DeGrado, W.F.'   2 ?                   
# 
_citation.abstract                  ? 
_citation.abstract_id_CAS           ? 
_citation.book_id_ISBN              ? 
_citation.book_publisher            ? 
_citation.book_publisher_city       ? 
_citation.book_title                ? 
_citation.coordinate_linkage        ? 
_citation.country                   US 
_citation.database_id_Medline       ? 
_citation.details                   ? 
_citation.id                        primary 
_citation.journal_abbrev            'J. Am. Chem. Soc.' 
_citation.journal_id_ASTM           JACSAT 
_citation.journal_id_CSD            ? 
_citation.journal_id_ISSN           1520-5126 
_citation.journal_full              ? 
_citation.journal_issue             ? 
_citation.journal_volume            140 
_citation.language                  ? 
_citation.page_first                15219 
_citation.page_last                 15226 
_citation.title                     
'Inhibitors of the M2 Proton Channel Engage and Disrupt Transmembrane Networks of Hydrogen-Bonded Waters.' 
_citation.year                      2018 
_citation.database_id_CSD           ? 
_citation.pdbx_database_id_DOI      10.1021/jacs.8b06741 
_citation.pdbx_database_id_PubMed   30165017 
_citation.unpublished_flag          ? 
# 
loop_
_citation_author.citation_id 
_citation_author.name 
_citation_author.ordinal 
_citation_author.identifier_ORCID 
primary 'Thomaston, J.L.'   1 ? 
primary 'Polizzi, N.F.'     2 ? 
primary 'Konstantinidi, A.' 3 ? 
primary 'Wang, J.'          4 ? 
primary 'Kolocouris, A.'    5 ? 
primary 'DeGrado, W.F.'     6 ? 
# 
loop_
_entity.id 
_entity.type 
_entity.src_method 
_entity.pdbx_description 
_entity.formula_weight 
_entity.pdbx_number_of_molecules 
_entity.pdbx_ec 
_entity.pdbx_mutation 
_entity.pdbx_fragment 
_entity.details 
1 polymer     syn 'Matrix protein 2'                               2754.340 8   ? ? ? ? 
2 non-polymer syn '(3S,5S,7S)-tricyclo[3.3.1.1~3,7~]decan-1-amine' 151.249  2   ? ? ? ? 
3 non-polymer syn 'CHLORIDE ION'                                   35.453   2   ? ? ? ? 
4 water       nat water                                            18.015   105 ? ? ? ? 
# 
_entity_poly.entity_id                      1 
_entity_poly.type                           'polypeptide(L)' 
_entity_poly.nstd_linkage                   no 
_entity_poly.nstd_monomer                   yes 
_entity_poly.pdbx_seq_one_letter_code       '(ACE)SSDPLVVAASIIGILHLILWILDRL(NH2)' 
_entity_poly.pdbx_seq_one_letter_code_can   XSSDPLVVAASIIGILHLILWILDRLX 
_entity_poly.pdbx_strand_id                 A,B,C,D,E,F,G,H 
_entity_poly.pdbx_target_identifier         ? 
# 
loop_
_pdbx_entity_nonpoly.entity_id 
_pdbx_entity_nonpoly.name 
_pdbx_entity_nonpoly.comp_id 
2 '(3S,5S,7S)-tricyclo[3.3.1.1~3,7~]decan-1-amine' 308 
3 'CHLORIDE ION'                                   CL  
4 water                                            HOH 
# 
loop_
_entity_poly_seq.entity_id 
_entity_poly_seq.num 
_entity_poly_seq.mon_id 
_entity_poly_seq.hetero 
1 1  ACE n 
1 2  SER n 
1 3  SER n 
1 4  ASP n 
1 5  PRO n 
1 6  LEU n 
1 7  VAL n 
1 8  VAL n 
1 9  ALA n 
1 10 ALA n 
1 11 SER n 
1 12 ILE n 
1 13 ILE n 
1 14 GLY n 
1 15 ILE n 
1 16 LEU n 
1 17 HIS n 
1 18 LEU n 
1 19 ILE n 
1 20 LEU n 
1 21 TRP n 
1 22 ILE n 
1 23 LEU n 
1 24 ASP n 
1 25 ARG n 
1 26 LEU n 
1 27 NH2 n 
# 
_pdbx_entity_src_syn.entity_id              1 
_pdbx_entity_src_syn.pdbx_src_id            1 
_pdbx_entity_src_syn.pdbx_alt_source_flag   sample 
_pdbx_entity_src_syn.pdbx_beg_seq_num       1 
_pdbx_entity_src_syn.pdbx_end_seq_num       27 
_pdbx_entity_src_syn.organism_scientific    'Influenza A virus' 
_pdbx_entity_src_syn.organism_common_name   ? 
_pdbx_entity_src_syn.ncbi_taxonomy_id       11320 
_pdbx_entity_src_syn.details                ? 
# 
loop_
_chem_comp.id 
_chem_comp.type 
_chem_comp.mon_nstd_flag 
_chem_comp.name 
_chem_comp.pdbx_synonyms 
_chem_comp.formula 
_chem_comp.formula_weight 
308 non-polymer         . '(3S,5S,7S)-tricyclo[3.3.1.1~3,7~]decan-1-amine' Amantadine 'C10 H17 N'      151.249 
ACE non-polymer         . 'ACETYL GROUP'                                   ?          'C2 H4 O'        44.053  
ALA 'L-peptide linking' y ALANINE                                          ?          'C3 H7 N O2'     89.093  
ARG 'L-peptide linking' y ARGININE                                         ?          'C6 H15 N4 O2 1' 175.209 
ASP 'L-peptide linking' y 'ASPARTIC ACID'                                  ?          'C4 H7 N O4'     133.103 
CL  non-polymer         . 'CHLORIDE ION'                                   ?          'Cl -1'          35.453  
GLY 'peptide linking'   y GLYCINE                                          ?          'C2 H5 N O2'     75.067  
HIS 'L-peptide linking' y HISTIDINE                                        ?          'C6 H10 N3 O2 1' 156.162 
HOH non-polymer         . WATER                                            ?          'H2 O'           18.015  
ILE 'L-peptide linking' y ISOLEUCINE                                       ?          'C6 H13 N O2'    131.173 
LEU 'L-peptide linking' y LEUCINE                                          ?          'C6 H13 N O2'    131.173 
NH2 non-polymer         . 'AMINO GROUP'                                    ?          'H2 N'           16.023  
PRO 'L-peptide linking' y PROLINE                                          ?          'C5 H9 N O2'     115.130 
SER 'L-peptide linking' y SERINE                                           ?          'C3 H7 N O3'     105.093 
TRP 'L-peptide linking' y TRYPTOPHAN                                       ?          'C11 H12 N2 O2'  204.225 
VAL 'L-peptide linking' y VALINE                                           ?          'C5 H11 N O2'    117.146 
# 
loop_
_pdbx_poly_seq_scheme.asym_id 
_pdbx_poly_seq_scheme.entity_id 
_pdbx_poly_seq_scheme.seq_id 
_pdbx_poly_seq_scheme.mon_id 
_pdbx_poly_seq_scheme.ndb_seq_num 
_pdbx_poly_seq_scheme.pdb_seq_num 
_pdbx_poly_seq_scheme.auth_seq_num 
_pdbx_poly_seq_scheme.pdb_mon_id 
_pdbx_poly_seq_scheme.auth_mon_id 
_pdbx_poly_seq_scheme.pdb_strand_id 
_pdbx_poly_seq_scheme.pdb_ins_code 
_pdbx_poly_seq_scheme.hetero 
A 1 1  ACE 1  21 ?  ?   ?   A . n 
A 1 2  SER 2  22 22 SER SER A . n 
A 1 3  SER 3  23 23 SER SER A . n 
A 1 4  ASP 4  24 24 ASP ASP A . n 
A 1 5  PRO 5  25 25 PRO PRO A . n 
A 1 6  LEU 6  26 26 LEU LEU A . n 
A 1 7  VAL 7  27 27 VAL VAL A . n 
A 1 8  VAL 8  28 28 VAL VAL A . n 
A 1 9  ALA 9  29 29 ALA ALA A . n 
A 1 10 ALA 10 30 30 ALA ALA A . n 
A 1 11 SER 11 31 31 SER SER A . n 
A 1 12 ILE 12 32 32 ILE ILE A . n 
A 1 13 ILE 13 33 33 ILE ILE A . n 
A 1 14 GLY 14 34 34 GLY GLY A . n 
A 1 15 ILE 15 35 35 ILE ILE A . n 
A 1 16 LEU 16 36 36 LEU LEU A . n 
A 1 17 HIS 17 37 37 HIS HIS A . n 
A 1 18 LEU 18 38 38 LEU LEU A . n 
A 1 19 ILE 19 39 39 ILE ILE A . n 
A 1 20 LEU 20 40 40 LEU LEU A . n 
A 1 21 TRP 21 41 41 TRP TRP A . n 
A 1 22 ILE 22 42 42 ILE ILE A . n 
A 1 23 LEU 23 43 43 LEU LEU A . n 
A 1 24 ASP 24 44 44 ASP ASP A . n 
A 1 25 ARG 25 45 45 ARG ARG A . n 
A 1 26 LEU 26 46 46 LEU LEU A . n 
A 1 27 NH2 27 47 ?  ?   ?   A . n 
B 1 1  ACE 1  21 21 ACE ACE B . n 
B 1 2  SER 2  22 22 SER SER B . n 
B 1 3  SER 3  23 23 SER SER B . n 
B 1 4  ASP 4  24 24 ASP ASP B . n 
B 1 5  PRO 5  25 25 PRO PRO B . n 
B 1 6  LEU 6  26 26 LEU LEU B . n 
B 1 7  VAL 7  27 27 VAL VAL B . n 
B 1 8  VAL 8  28 28 VAL VAL B . n 
B 1 9  ALA 9  29 29 ALA ALA B . n 
B 1 10 ALA 10 30 30 ALA ALA B . n 
B 1 11 SER 11 31 31 SER SER B . n 
B 1 12 ILE 12 32 32 ILE ILE B . n 
B 1 13 ILE 13 33 33 ILE ILE B . n 
B 1 14 GLY 14 34 34 GLY GLY B . n 
B 1 15 ILE 15 35 35 ILE ILE B . n 
B 1 16 LEU 16 36 36 LEU LEU B . n 
B 1 17 HIS 17 37 37 HIS HIS B . n 
B 1 18 LEU 18 38 38 LEU LEU B . n 
B 1 19 ILE 19 39 39 ILE ILE B . n 
B 1 20 LEU 20 40 40 LEU LEU B . n 
B 1 21 TRP 21 41 41 TRP TRP B . n 
B 1 22 ILE 22 42 42 ILE ILE B . n 
B 1 23 LEU 23 43 43 LEU LEU B . n 
B 1 24 ASP 24 44 44 ASP ASP B . n 
B 1 25 ARG 25 45 45 ARG ARG B . n 
B 1 26 LEU 26 46 46 LEU LEU B . n 
B 1 27 NH2 27 47 ?  ?   ?   B . n 
C 1 1  ACE 1  21 21 ACE ACE C . n 
C 1 2  SER 2  22 22 SER SER C . n 
C 1 3  SER 3  23 23 SER SER C . n 
C 1 4  ASP 4  24 24 ASP ASP C . n 
C 1 5  PRO 5  25 25 PRO PRO C . n 
C 1 6  LEU 6  26 26 LEU LEU C . n 
C 1 7  VAL 7  27 27 VAL VAL C . n 
C 1 8  VAL 8  28 28 VAL VAL C . n 
C 1 9  ALA 9  29 29 ALA ALA C . n 
C 1 10 ALA 10 30 30 ALA ALA C . n 
C 1 11 SER 11 31 31 SER SER C . n 
C 1 12 ILE 12 32 32 ILE ILE C . n 
C 1 13 ILE 13 33 33 ILE ILE C . n 
C 1 14 GLY 14 34 34 GLY GLY C . n 
C 1 15 ILE 15 35 35 ILE ILE C . n 
C 1 16 LEU 16 36 36 LEU LEU C . n 
C 1 17 HIS 17 37 37 HIS HIS C . n 
C 1 18 LEU 18 38 38 LEU LEU C . n 
C 1 19 ILE 19 39 39 ILE ILE C . n 
C 1 20 LEU 20 40 40 LEU LEU C . n 
C 1 21 TRP 21 41 41 TRP TRP C . n 
C 1 22 ILE 22 42 42 ILE ILE C . n 
C 1 23 LEU 23 43 43 LEU LEU C . n 
C 1 24 ASP 24 44 44 ASP ASP C . n 
C 1 25 ARG 25 45 45 ARG ARG C . n 
C 1 26 LEU 26 46 46 LEU LEU C . n 
C 1 27 NH2 27 47 ?  ?   ?   C . n 
D 1 1  ACE 1  21 ?  ?   ?   D . n 
D 1 2  SER 2  22 22 SER SER D . n 
D 1 3  SER 3  23 23 SER SER D . n 
D 1 4  ASP 4  24 24 ASP ASP D . n 
D 1 5  PRO 5  25 25 PRO PRO D . n 
D 1 6  LEU 6  26 26 LEU LEU D . n 
D 1 7  VAL 7  27 27 VAL VAL D . n 
D 1 8  VAL 8  28 28 VAL VAL D . n 
D 1 9  ALA 9  29 29 ALA ALA D . n 
D 1 10 ALA 10 30 30 ALA ALA D . n 
D 1 11 SER 11 31 31 SER SER D . n 
D 1 12 ILE 12 32 32 ILE ILE D . n 
D 1 13 ILE 13 33 33 ILE ILE D . n 
D 1 14 GLY 14 34 34 GLY GLY D . n 
D 1 15 ILE 15 35 35 ILE ILE D . n 
D 1 16 LEU 16 36 36 LEU LEU D . n 
D 1 17 HIS 17 37 37 HIS HIS D . n 
D 1 18 LEU 18 38 38 LEU LEU D . n 
D 1 19 ILE 19 39 39 ILE ILE D . n 
D 1 20 LEU 20 40 40 LEU LEU D . n 
D 1 21 TRP 21 41 41 TRP TRP D . n 
D 1 22 ILE 22 42 42 ILE ILE D . n 
D 1 23 LEU 23 43 43 LEU LEU D . n 
D 1 24 ASP 24 44 44 ASP ASP D . n 
D 1 25 ARG 25 45 45 ARG ARG D . n 
D 1 26 LEU 26 46 46 LEU LEU D . n 
D 1 27 NH2 27 47 ?  ?   ?   D . n 
E 1 1  ACE 1  21 ?  ?   ?   E . n 
E 1 2  SER 2  22 22 SER SER E . n 
E 1 3  SER 3  23 23 SER SER E . n 
E 1 4  ASP 4  24 24 ASP ASP E . n 
E 1 5  PRO 5  25 25 PRO PRO E . n 
E 1 6  LEU 6  26 26 LEU LEU E . n 
E 1 7  VAL 7  27 27 VAL VAL E . n 
E 1 8  VAL 8  28 28 VAL VAL E . n 
E 1 9  ALA 9  29 29 ALA ALA E . n 
E 1 10 ALA 10 30 30 ALA ALA E . n 
E 1 11 SER 11 31 31 SER SER E . n 
E 1 12 ILE 12 32 32 ILE ILE E . n 
E 1 13 ILE 13 33 33 ILE ILE E . n 
E 1 14 GLY 14 34 34 GLY GLY E . n 
E 1 15 ILE 15 35 35 ILE ILE E . n 
E 1 16 LEU 16 36 36 LEU LEU E . n 
E 1 17 HIS 17 37 37 HIS HIS E . n 
E 1 18 LEU 18 38 38 LEU LEU E . n 
E 1 19 ILE 19 39 39 ILE ILE E . n 
E 1 20 LEU 20 40 40 LEU LEU E . n 
E 1 21 TRP 21 41 41 TRP TRP E . n 
E 1 22 ILE 22 42 42 ILE ILE E . n 
E 1 23 LEU 23 43 43 LEU LEU E . n 
E 1 24 ASP 24 44 44 ASP ASP E . n 
E 1 25 ARG 25 45 45 ARG ARG E . n 
E 1 26 LEU 26 46 46 LEU LEU E . n 
E 1 27 NH2 27 47 ?  ?   ?   E . n 
F 1 1  ACE 1  21 21 ACE ACE F . n 
F 1 2  SER 2  22 22 SER SER F . n 
F 1 3  SER 3  23 23 SER SER F . n 
F 1 4  ASP 4  24 24 ASP ASP F . n 
F 1 5  PRO 5  25 25 PRO PRO F . n 
F 1 6  LEU 6  26 26 LEU LEU F . n 
F 1 7  VAL 7  27 27 VAL VAL F . n 
F 1 8  VAL 8  28 28 VAL VAL F . n 
F 1 9  ALA 9  29 29 ALA ALA F . n 
F 1 10 ALA 10 30 30 ALA ALA F . n 
F 1 11 SER 11 31 31 SER SER F . n 
F 1 12 ILE 12 32 32 ILE ILE F . n 
F 1 13 ILE 13 33 33 ILE ILE F . n 
F 1 14 GLY 14 34 34 GLY GLY F . n 
F 1 15 ILE 15 35 35 ILE ILE F . n 
F 1 16 LEU 16 36 36 LEU LEU F . n 
F 1 17 HIS 17 37 37 HIS HIS F . n 
F 1 18 LEU 18 38 38 LEU LEU F . n 
F 1 19 ILE 19 39 39 ILE ILE F . n 
F 1 20 LEU 20 40 40 LEU LEU F . n 
F 1 21 TRP 21 41 41 TRP TRP F . n 
F 1 22 ILE 22 42 42 ILE ILE F . n 
F 1 23 LEU 23 43 43 LEU LEU F . n 
F 1 24 ASP 24 44 44 ASP ASP F . n 
F 1 25 ARG 25 45 45 ARG ARG F . n 
F 1 26 LEU 26 46 46 LEU LEU F . n 
F 1 27 NH2 27 47 ?  ?   ?   F . n 
G 1 1  ACE 1  21 21 ACE ACE G . n 
G 1 2  SER 2  22 22 SER SER G . n 
G 1 3  SER 3  23 23 SER SER G . n 
G 1 4  ASP 4  24 24 ASP ASP G . n 
G 1 5  PRO 5  25 25 PRO PRO G . n 
G 1 6  LEU 6  26 26 LEU LEU G . n 
G 1 7  VAL 7  27 27 VAL VAL G . n 
G 1 8  VAL 8  28 28 VAL VAL G . n 
G 1 9  ALA 9  29 29 ALA ALA G . n 
G 1 10 ALA 10 30 30 ALA ALA G . n 
G 1 11 SER 11 31 31 SER SER G . n 
G 1 12 ILE 12 32 32 ILE ILE G . n 
G 1 13 ILE 13 33 33 ILE ILE G . n 
G 1 14 GLY 14 34 34 GLY GLY G . n 
G 1 15 ILE 15 35 35 ILE ILE G . n 
G 1 16 LEU 16 36 36 LEU LEU G . n 
G 1 17 HIS 17 37 37 HIS HIS G . n 
G 1 18 LEU 18 38 38 LEU LEU G . n 
G 1 19 ILE 19 39 39 ILE ILE G . n 
G 1 20 LEU 20 40 40 LEU LEU G . n 
G 1 21 TRP 21 41 41 TRP TRP G . n 
G 1 22 ILE 22 42 42 ILE ILE G . n 
G 1 23 LEU 23 43 43 LEU LEU G . n 
G 1 24 ASP 24 44 44 ASP ASP G . n 
G 1 25 ARG 25 45 45 ARG ARG G . n 
G 1 26 LEU 26 46 46 LEU LEU G . n 
G 1 27 NH2 27 47 ?  ?   ?   G . n 
H 1 1  ACE 1  21 21 ACE ACE H . n 
H 1 2  SER 2  22 22 SER SER H . n 
H 1 3  SER 3  23 23 SER SER H . n 
H 1 4  ASP 4  24 24 ASP ASP H . n 
H 1 5  PRO 5  25 25 PRO PRO H . n 
H 1 6  LEU 6  26 26 LEU LEU H . n 
H 1 7  VAL 7  27 27 VAL VAL H . n 
H 1 8  VAL 8  28 28 VAL VAL H . n 
H 1 9  ALA 9  29 29 ALA ALA H . n 
H 1 10 ALA 10 30 30 ALA ALA H . n 
H 1 11 SER 11 31 31 SER SER H . n 
H 1 12 ILE 12 32 32 ILE ILE H . n 
H 1 13 ILE 13 33 33 ILE ILE H . n 
H 1 14 GLY 14 34 34 GLY GLY H . n 
H 1 15 ILE 15 35 35 ILE ILE H . n 
H 1 16 LEU 16 36 36 LEU LEU H . n 
H 1 17 HIS 17 37 37 HIS HIS H . n 
H 1 18 LEU 18 38 38 LEU LEU H . n 
H 1 19 ILE 19 39 39 ILE ILE H . n 
H 1 20 LEU 20 40 40 LEU LEU H . n 
H 1 21 TRP 21 41 41 TRP TRP H . n 
H 1 22 ILE 22 42 42 ILE ILE H . n 
H 1 23 LEU 23 43 43 LEU LEU H . n 
H 1 24 ASP 24 44 44 ASP ASP H . n 
H 1 25 ARG 25 45 45 ARG ARG H . n 
H 1 26 LEU 26 46 46 LEU LEU H . n 
H 1 27 NH2 27 47 ?  ?   ?   H . n 
# 
loop_
_pdbx_nonpoly_scheme.asym_id 
_pdbx_nonpoly_scheme.entity_id 
_pdbx_nonpoly_scheme.mon_id 
_pdbx_nonpoly_scheme.ndb_seq_num 
_pdbx_nonpoly_scheme.pdb_seq_num 
_pdbx_nonpoly_scheme.auth_seq_num 
_pdbx_nonpoly_scheme.pdb_mon_id 
_pdbx_nonpoly_scheme.auth_mon_id 
_pdbx_nonpoly_scheme.pdb_strand_id 
_pdbx_nonpoly_scheme.pdb_ins_code 
I 2 308 1  101 1   308 308 B . 
J 3 CL  1  101 1   CL  CL  C . 
K 3 CL  1  101 1   CL  CL  E . 
L 2 308 1  101 1   308 308 F . 
M 4 HOH 1  101 3   HOH HOH A . 
M 4 HOH 2  102 12  HOH HOH A . 
M 4 HOH 3  103 1   HOH HOH A . 
M 4 HOH 4  104 69  HOH HOH A . 
M 4 HOH 5  105 71  HOH HOH A . 
M 4 HOH 6  106 59  HOH HOH A . 
M 4 HOH 7  107 50  HOH HOH A . 
M 4 HOH 8  108 105 HOH HOH A . 
M 4 HOH 9  109 92  HOH HOH A . 
M 4 HOH 10 110 70  HOH HOH A . 
M 4 HOH 11 111 67  HOH HOH A . 
M 4 HOH 12 112 57  HOH HOH A . 
N 4 HOH 1  201 55  HOH HOH B . 
N 4 HOH 2  202 27  HOH HOH B . 
N 4 HOH 3  203 65  HOH HOH B . 
N 4 HOH 4  204 6   HOH HOH B . 
N 4 HOH 5  205 23  HOH HOH B . 
N 4 HOH 6  206 64  HOH HOH B . 
N 4 HOH 7  207 109 HOH HOH B . 
N 4 HOH 8  208 43  HOH HOH B . 
N 4 HOH 9  209 89  HOH HOH B . 
N 4 HOH 10 210 84  HOH HOH B . 
N 4 HOH 11 211 37  HOH HOH B . 
O 4 HOH 1  201 8   HOH HOH C . 
O 4 HOH 2  202 11  HOH HOH C . 
O 4 HOH 3  203 47  HOH HOH C . 
O 4 HOH 4  204 25  HOH HOH C . 
O 4 HOH 5  205 5   HOH HOH C . 
O 4 HOH 6  206 62  HOH HOH C . 
O 4 HOH 7  207 7   HOH HOH C . 
O 4 HOH 8  208 10  HOH HOH C . 
O 4 HOH 9  209 93  HOH HOH C . 
O 4 HOH 10 210 73  HOH HOH C . 
O 4 HOH 11 211 58  HOH HOH C . 
O 4 HOH 12 212 79  HOH HOH C . 
O 4 HOH 13 213 74  HOH HOH C . 
P 4 HOH 1  101 21  HOH HOH D . 
P 4 HOH 2  102 81  HOH HOH D . 
P 4 HOH 3  103 99  HOH HOH D . 
P 4 HOH 4  104 24  HOH HOH D . 
P 4 HOH 5  105 9   HOH HOH D . 
P 4 HOH 6  106 42  HOH HOH D . 
P 4 HOH 7  107 22  HOH HOH D . 
P 4 HOH 8  108 45  HOH HOH D . 
P 4 HOH 9  109 36  HOH HOH D . 
P 4 HOH 10 110 72  HOH HOH D . 
P 4 HOH 11 111 85  HOH HOH D . 
Q 4 HOH 1  201 94  HOH HOH E . 
Q 4 HOH 2  202 13  HOH HOH E . 
Q 4 HOH 3  203 52  HOH HOH E . 
Q 4 HOH 4  204 14  HOH HOH E . 
Q 4 HOH 5  205 38  HOH HOH E . 
Q 4 HOH 6  206 2   HOH HOH E . 
Q 4 HOH 7  207 15  HOH HOH E . 
Q 4 HOH 8  208 87  HOH HOH E . 
Q 4 HOH 9  209 103 HOH HOH E . 
Q 4 HOH 10 210 49  HOH HOH E . 
Q 4 HOH 11 211 86  HOH HOH E . 
Q 4 HOH 12 212 30  HOH HOH E . 
Q 4 HOH 13 213 39  HOH HOH E . 
Q 4 HOH 14 214 66  HOH HOH E . 
Q 4 HOH 15 215 88  HOH HOH E . 
R 4 HOH 1  201 53  HOH HOH F . 
R 4 HOH 2  202 16  HOH HOH F . 
R 4 HOH 3  203 75  HOH HOH F . 
R 4 HOH 4  204 80  HOH HOH F . 
R 4 HOH 5  205 76  HOH HOH F . 
R 4 HOH 6  206 31  HOH HOH F . 
R 4 HOH 7  207 96  HOH HOH F . 
R 4 HOH 8  208 51  HOH HOH F . 
R 4 HOH 9  209 60  HOH HOH F . 
R 4 HOH 10 210 40  HOH HOH F . 
R 4 HOH 11 211 28  HOH HOH F . 
R 4 HOH 12 212 108 HOH HOH F . 
R 4 HOH 13 213 56  HOH HOH F . 
R 4 HOH 14 214 33  HOH HOH F . 
S 4 HOH 1  101 19  HOH HOH G . 
S 4 HOH 2  102 29  HOH HOH G . 
S 4 HOH 3  103 104 HOH HOH G . 
S 4 HOH 4  104 97  HOH HOH G . 
S 4 HOH 5  105 26  HOH HOH G . 
S 4 HOH 6  106 54  HOH HOH G . 
S 4 HOH 7  107 107 HOH HOH G . 
S 4 HOH 8  108 90  HOH HOH G . 
S 4 HOH 9  109 46  HOH HOH G . 
S 4 HOH 10 110 102 HOH HOH G . 
S 4 HOH 11 111 35  HOH HOH G . 
S 4 HOH 12 112 34  HOH HOH G . 
S 4 HOH 13 113 44  HOH HOH G . 
S 4 HOH 14 114 41  HOH HOH G . 
S 4 HOH 15 115 32  HOH HOH G . 
S 4 HOH 16 116 82  HOH HOH G . 
S 4 HOH 17 117 48  HOH HOH G . 
S 4 HOH 18 118 83  HOH HOH G . 
S 4 HOH 19 119 68  HOH HOH G . 
T 4 HOH 1  101 91  HOH HOH H . 
T 4 HOH 2  102 20  HOH HOH H . 
T 4 HOH 3  103 17  HOH HOH H . 
T 4 HOH 4  104 98  HOH HOH H . 
T 4 HOH 5  105 18  HOH HOH H . 
T 4 HOH 6  106 63  HOH HOH H . 
T 4 HOH 7  107 95  HOH HOH H . 
T 4 HOH 8  108 100 HOH HOH H . 
T 4 HOH 9  109 61  HOH HOH H . 
T 4 HOH 10 110 77  HOH HOH H . 
# 
loop_
_software.citation_id 
_software.classification 
_software.compiler_name 
_software.compiler_version 
_software.contact_author 
_software.contact_author_email 
_software.date 
_software.description 
_software.dependencies 
_software.hardware 
_software.language 
_software.location 
_software.mods 
_software.name 
_software.os 
_software.os_version 
_software.type 
_software.version 
_software.pdbx_ordinal 
? refinement       ? ? ? ? ? ? ? ? ? ? ? PHENIX  ? ? ? '(1.11.1_2575: ???)' 1 
? 'data reduction' ? ? ? ? ? ? ? ? ? ? ? MOSFLM  ? ? ? .                    2 
? 'data scaling'   ? ? ? ? ? ? ? ? ? ? ? Aimless ? ? ? .                    3 
? phasing          ? ? ? ? ? ? ? ? ? ? ? PHASER  ? ? ? .                    4 
# 
_cell.angle_alpha                  90.00 
_cell.angle_alpha_esd              ? 
_cell.angle_beta                   108.17 
_cell.angle_beta_esd               ? 
_cell.angle_gamma                  90.00 
_cell.angle_gamma_esd              ? 
_cell.entry_id                     6BKK 
_cell.details                      ? 
_cell.formula_units_Z              ? 
_cell.length_a                     44.220 
_cell.length_a_esd                 ? 
_cell.length_b                     52.050 
_cell.length_b_esd                 ? 
_cell.length_c                     48.720 
_cell.length_c_esd                 ? 
_cell.volume                       ? 
_cell.volume_esd                   ? 
_cell.Z_PDB                        16 
_cell.reciprocal_angle_alpha       ? 
_cell.reciprocal_angle_beta        ? 
_cell.reciprocal_angle_gamma       ? 
_cell.reciprocal_angle_alpha_esd   ? 
_cell.reciprocal_angle_beta_esd    ? 
_cell.reciprocal_angle_gamma_esd   ? 
_cell.reciprocal_length_a          ? 
_cell.reciprocal_length_b          ? 
_cell.reciprocal_length_c          ? 
_cell.reciprocal_length_a_esd      ? 
_cell.reciprocal_length_b_esd      ? 
_cell.reciprocal_length_c_esd      ? 
_cell.pdbx_unique_axis             ? 
# 
_symmetry.entry_id                         6BKK 
_symmetry.cell_setting                     ? 
_symmetry.Int_Tables_number                4 
_symmetry.space_group_name_Hall            ? 
_symmetry.space_group_name_H-M             'P 1 21 1' 
_symmetry.pdbx_full_space_group_name_H-M   ? 
# 
_exptl.absorpt_coefficient_mu     ? 
_exptl.absorpt_correction_T_max   ? 
_exptl.absorpt_correction_T_min   ? 
_exptl.absorpt_correction_type    ? 
_exptl.absorpt_process_details    ? 
_exptl.entry_id                   6BKK 
_exptl.crystals_number            1 
_exptl.details                    ? 
_exptl.method                     'X-RAY DIFFRACTION' 
_exptl.method_details             ? 
# 
_exptl_crystal.colour                      ? 
_exptl_crystal.density_diffrn              ? 
_exptl_crystal.density_Matthews            2.42 
_exptl_crystal.density_method              ? 
_exptl_crystal.density_percent_sol         49.12 
_exptl_crystal.description                 ? 
_exptl_crystal.F_000                       ? 
_exptl_crystal.id                          1 
_exptl_crystal.preparation                 ? 
_exptl_crystal.size_max                    ? 
_exptl_crystal.size_mid                    ? 
_exptl_crystal.size_min                    ? 
_exptl_crystal.size_rad                    ? 
_exptl_crystal.colour_lustre               ? 
_exptl_crystal.colour_modifier             ? 
_exptl_crystal.colour_primary              ? 
_exptl_crystal.density_meas                ? 
_exptl_crystal.density_meas_esd            ? 
_exptl_crystal.density_meas_gt             ? 
_exptl_crystal.density_meas_lt             ? 
_exptl_crystal.density_meas_temp           ? 
_exptl_crystal.density_meas_temp_esd       ? 
_exptl_crystal.density_meas_temp_gt        ? 
_exptl_crystal.density_meas_temp_lt        ? 
_exptl_crystal.pdbx_crystal_image_url      ? 
_exptl_crystal.pdbx_crystal_image_format   ? 
_exptl_crystal.pdbx_mosaicity              ? 
_exptl_crystal.pdbx_mosaicity_esd          ? 
# 
_exptl_crystal_grow.apparatus       ? 
_exptl_crystal_grow.atmosphere      ? 
_exptl_crystal_grow.crystal_id      1 
_exptl_crystal_grow.details         ? 
_exptl_crystal_grow.method          'LIPIDIC CUBIC PHASE' 
_exptl_crystal_grow.method_ref      ? 
_exptl_crystal_grow.pH              ? 
_exptl_crystal_grow.pressure        ? 
_exptl_crystal_grow.pressure_esd    ? 
_exptl_crystal_grow.seeding         ? 
_exptl_crystal_grow.seeding_ref     ? 
_exptl_crystal_grow.temp            293 
_exptl_crystal_grow.temp_details    ? 
_exptl_crystal_grow.temp_esd        ? 
_exptl_crystal_grow.time            ? 
_exptl_crystal_grow.pdbx_details    '0.1 M NaCl, 0.02 M sodium citrate pH 5.6, 11% w/v PEG 3350, monoolein, amantadine' 
_exptl_crystal_grow.pdbx_pH_range   ? 
# 
_diffrn.ambient_environment    ? 
_diffrn.ambient_temp           100 
_diffrn.ambient_temp_details   ? 
_diffrn.ambient_temp_esd       ? 
_diffrn.crystal_id             1 
_diffrn.crystal_support        ? 
_diffrn.crystal_treatment      ? 
_diffrn.details                ? 
_diffrn.id                     1 
_diffrn.ambient_pressure       ? 
_diffrn.ambient_pressure_esd   ? 
_diffrn.ambient_pressure_gt    ? 
_diffrn.ambient_pressure_lt    ? 
_diffrn.ambient_temp_gt        ? 
_diffrn.ambient_temp_lt        ? 
# 
_diffrn_detector.details                      ? 
_diffrn_detector.detector                     CCD 
_diffrn_detector.diffrn_id                    1 
_diffrn_detector.type                         'ADSC QUANTUM 315' 
_diffrn_detector.area_resol_mean              ? 
_diffrn_detector.dtime                        ? 
_diffrn_detector.pdbx_frames_total            ? 
_diffrn_detector.pdbx_collection_time_total   ? 
_diffrn_detector.pdbx_collection_date         2016-03-05 
# 
_diffrn_radiation.collimation                      ? 
_diffrn_radiation.diffrn_id                        1 
_diffrn_radiation.filter_edge                      ? 
_diffrn_radiation.inhomogeneity                    ? 
_diffrn_radiation.monochromator                    ? 
_diffrn_radiation.polarisn_norm                    ? 
_diffrn_radiation.polarisn_ratio                   ? 
_diffrn_radiation.probe                            ? 
_diffrn_radiation.type                             ? 
_diffrn_radiation.xray_symbol                      ? 
_diffrn_radiation.wavelength_id                    1 
_diffrn_radiation.pdbx_monochromatic_or_laue_m_l   M 
_diffrn_radiation.pdbx_wavelength_list             ? 
_diffrn_radiation.pdbx_wavelength                  ? 
_diffrn_radiation.pdbx_diffrn_protocol             'SINGLE WAVELENGTH' 
_diffrn_radiation.pdbx_analyzer                    ? 
_diffrn_radiation.pdbx_scattering_type             x-ray 
# 
_diffrn_radiation_wavelength.id           1 
_diffrn_radiation_wavelength.wavelength   1.1158 
_diffrn_radiation_wavelength.wt           1.0 
# 
_diffrn_source.current                     ? 
_diffrn_source.details                     ? 
_diffrn_source.diffrn_id                   1 
_diffrn_source.power                       ? 
_diffrn_source.size                        ? 
_diffrn_source.source                      SYNCHROTRON 
_diffrn_source.target                      ? 
_diffrn_source.type                        'ALS BEAMLINE 8.3.1' 
_diffrn_source.voltage                     ? 
_diffrn_source.take-off_angle              ? 
_diffrn_source.pdbx_wavelength_list        1.1158 
_diffrn_source.pdbx_wavelength             ? 
_diffrn_source.pdbx_synchrotron_beamline   8.3.1 
_diffrn_source.pdbx_synchrotron_site       ALS 
# 
_reflns.B_iso_Wilson_estimate            ? 
_reflns.entry_id                         6BKK 
_reflns.data_reduction_details           ? 
_reflns.data_reduction_method            ? 
_reflns.d_resolution_high                1.995 
_reflns.d_resolution_low                 52.05 
_reflns.details                          ? 
_reflns.limit_h_max                      ? 
_reflns.limit_h_min                      ? 
_reflns.limit_k_max                      ? 
_reflns.limit_k_min                      ? 
_reflns.limit_l_max                      ? 
_reflns.limit_l_min                      ? 
_reflns.number_all                       ? 
_reflns.number_obs                       13454 
_reflns.observed_criterion               ? 
_reflns.observed_criterion_F_max         ? 
_reflns.observed_criterion_F_min         ? 
_reflns.observed_criterion_I_max         ? 
_reflns.observed_criterion_I_min         ? 
_reflns.observed_criterion_sigma_F       ? 
_reflns.observed_criterion_sigma_I       ? 
_reflns.percent_possible_obs             93.5 
_reflns.R_free_details                   ? 
_reflns.Rmerge_F_all                     ? 
_reflns.Rmerge_F_obs                     ? 
_reflns.Friedel_coverage                 ? 
_reflns.number_gt                        ? 
_reflns.threshold_expression             ? 
_reflns.pdbx_redundancy                  2.2 
_reflns.pdbx_Rmerge_I_obs                0.199 
_reflns.pdbx_Rmerge_I_all                ? 
_reflns.pdbx_Rsym_value                  ? 
_reflns.pdbx_netI_over_av_sigmaI         ? 
_reflns.pdbx_netI_over_sigmaI            4.6 
_reflns.pdbx_res_netI_over_av_sigmaI_2   ? 
_reflns.pdbx_res_netI_over_sigmaI_2      ? 
_reflns.pdbx_chi_squared                 ? 
_reflns.pdbx_scaling_rejects             ? 
_reflns.pdbx_d_res_high_opt              ? 
_reflns.pdbx_d_res_low_opt               ? 
_reflns.pdbx_d_res_opt_method            ? 
_reflns.phase_calculation_details        ? 
_reflns.pdbx_Rrim_I_all                  ? 
_reflns.pdbx_Rpim_I_all                  ? 
_reflns.pdbx_d_opt                       ? 
_reflns.pdbx_number_measured_all         ? 
_reflns.pdbx_diffrn_id                   1 
_reflns.pdbx_ordinal                     1 
_reflns.pdbx_CC_half                     0.974 
_reflns.pdbx_R_split                     ? 
# 
_reflns_shell.d_res_high                  1.995 
_reflns_shell.d_res_low                   2.05 
_reflns_shell.meanI_over_sigI_all         ? 
_reflns_shell.meanI_over_sigI_obs         2.2 
_reflns_shell.number_measured_all         ? 
_reflns_shell.number_measured_obs         ? 
_reflns_shell.number_possible             ? 
_reflns_shell.number_unique_all           ? 
_reflns_shell.number_unique_obs           942 
_reflns_shell.percent_possible_all        88.8 
_reflns_shell.percent_possible_obs        ? 
_reflns_shell.Rmerge_F_all                ? 
_reflns_shell.Rmerge_F_obs                ? 
_reflns_shell.Rmerge_I_all                ? 
_reflns_shell.Rmerge_I_obs                0.779 
_reflns_shell.meanI_over_sigI_gt          ? 
_reflns_shell.meanI_over_uI_all           ? 
_reflns_shell.meanI_over_uI_gt            ? 
_reflns_shell.number_measured_gt          ? 
_reflns_shell.number_unique_gt            ? 
_reflns_shell.percent_possible_gt         ? 
_reflns_shell.Rmerge_F_gt                 ? 
_reflns_shell.Rmerge_I_gt                 ? 
_reflns_shell.pdbx_redundancy             2.1 
_reflns_shell.pdbx_Rsym_value             ? 
_reflns_shell.pdbx_chi_squared            ? 
_reflns_shell.pdbx_netI_over_sigmaI_all   ? 
_reflns_shell.pdbx_netI_over_sigmaI_obs   ? 
_reflns_shell.pdbx_Rrim_I_all             ? 
_reflns_shell.pdbx_Rpim_I_all             ? 
_reflns_shell.pdbx_rejects                ? 
_reflns_shell.pdbx_ordinal                1 
_reflns_shell.pdbx_diffrn_id              1 
_reflns_shell.pdbx_CC_half                0.508 
_reflns_shell.pdbx_R_split                ? 
# 
_refine.aniso_B[1][1]                            ? 
_refine.aniso_B[1][2]                            ? 
_refine.aniso_B[1][3]                            ? 
_refine.aniso_B[2][2]                            ? 
_refine.aniso_B[2][3]                            ? 
_refine.aniso_B[3][3]                            ? 
_refine.B_iso_max                                ? 
_refine.B_iso_mean                               ? 
_refine.B_iso_min                                ? 
_refine.correlation_coeff_Fo_to_Fc               ? 
_refine.correlation_coeff_Fo_to_Fc_free          ? 
_refine.details                                  ? 
_refine.diff_density_max                         ? 
_refine.diff_density_max_esd                     ? 
_refine.diff_density_min                         ? 
_refine.diff_density_min_esd                     ? 
_refine.diff_density_rms                         ? 
_refine.diff_density_rms_esd                     ? 
_refine.entry_id                                 6BKK 
_refine.pdbx_refine_id                           'X-RAY DIFFRACTION' 
_refine.ls_abs_structure_details                 ? 
_refine.ls_abs_structure_Flack                   ? 
_refine.ls_abs_structure_Flack_esd               ? 
_refine.ls_abs_structure_Rogers                  ? 
_refine.ls_abs_structure_Rogers_esd              ? 
_refine.ls_d_res_high                            1.995 
_refine.ls_d_res_low                             46.291 
_refine.ls_extinction_coef                       ? 
_refine.ls_extinction_coef_esd                   ? 
_refine.ls_extinction_expression                 ? 
_refine.ls_extinction_method                     ? 
_refine.ls_goodness_of_fit_all                   ? 
_refine.ls_goodness_of_fit_all_esd               ? 
_refine.ls_goodness_of_fit_obs                   ? 
_refine.ls_goodness_of_fit_obs_esd               ? 
_refine.ls_hydrogen_treatment                    ? 
_refine.ls_matrix_type                           ? 
_refine.ls_number_constraints                    ? 
_refine.ls_number_parameters                     ? 
_refine.ls_number_reflns_all                     ? 
_refine.ls_number_reflns_obs                     13418 
_refine.ls_number_reflns_R_free                  1341 
_refine.ls_number_reflns_R_work                  ? 
_refine.ls_number_restraints                     ? 
_refine.ls_percent_reflns_obs                    92.82 
_refine.ls_percent_reflns_R_free                 9.99 
_refine.ls_R_factor_all                          ? 
_refine.ls_R_factor_obs                          0.2314 
_refine.ls_R_factor_R_free                       0.2703 
_refine.ls_R_factor_R_free_error                 ? 
_refine.ls_R_factor_R_free_error_details         ? 
_refine.ls_R_factor_R_work                       0.2271 
_refine.ls_R_Fsqd_factor_obs                     ? 
_refine.ls_R_I_factor_obs                        ? 
_refine.ls_redundancy_reflns_all                 ? 
_refine.ls_redundancy_reflns_obs                 ? 
_refine.ls_restrained_S_all                      ? 
_refine.ls_restrained_S_obs                      ? 
_refine.ls_shift_over_esd_max                    ? 
_refine.ls_shift_over_esd_mean                   ? 
_refine.ls_structure_factor_coef                 ? 
_refine.ls_weighting_details                     ? 
_refine.ls_weighting_scheme                      ? 
_refine.ls_wR_factor_all                         ? 
_refine.ls_wR_factor_obs                         ? 
_refine.ls_wR_factor_R_free                      ? 
_refine.ls_wR_factor_R_work                      ? 
_refine.occupancy_max                            ? 
_refine.occupancy_min                            ? 
_refine.solvent_model_details                    'FLAT BULK SOLVENT MODEL' 
_refine.solvent_model_param_bsol                 ? 
_refine.solvent_model_param_ksol                 ? 
_refine.ls_R_factor_gt                           ? 
_refine.ls_goodness_of_fit_gt                    ? 
_refine.ls_goodness_of_fit_ref                   ? 
_refine.ls_shift_over_su_max                     ? 
_refine.ls_shift_over_su_max_lt                  ? 
_refine.ls_shift_over_su_mean                    ? 
_refine.ls_shift_over_su_mean_lt                 ? 
_refine.pdbx_ls_sigma_I                          ? 
_refine.pdbx_ls_sigma_F                          1.35 
_refine.pdbx_ls_sigma_Fsqd                       ? 
_refine.pdbx_data_cutoff_high_absF               ? 
_refine.pdbx_data_cutoff_high_rms_absF           ? 
_refine.pdbx_data_cutoff_low_absF                ? 
_refine.pdbx_isotropic_thermal_model             ? 
_refine.pdbx_ls_cross_valid_method               'FREE R-VALUE' 
_refine.pdbx_method_to_determine_struct          'MOLECULAR REPLACEMENT' 
_refine.pdbx_starting_model                      3LBW 
_refine.pdbx_stereochemistry_target_values       ML 
_refine.pdbx_R_Free_selection_details            ? 
_refine.pdbx_stereochem_target_val_spec_case     ? 
_refine.pdbx_overall_ESU_R                       ? 
_refine.pdbx_overall_ESU_R_Free                  ? 
_refine.pdbx_solvent_vdw_probe_radii             1.11 
_refine.pdbx_solvent_ion_probe_radii             ? 
_refine.pdbx_solvent_shrinkage_radii             0.90 
_refine.pdbx_real_space_R                        ? 
_refine.pdbx_density_correlation                 ? 
_refine.pdbx_pd_number_of_powder_patterns        ? 
_refine.pdbx_pd_number_of_points                 ? 
_refine.pdbx_pd_meas_number_of_points            ? 
_refine.pdbx_pd_proc_ls_prof_R_factor            ? 
_refine.pdbx_pd_proc_ls_prof_wR_factor           ? 
_refine.pdbx_pd_Marquardt_correlation_coeff      ? 
_refine.pdbx_pd_Fsqrd_R_factor                   ? 
_refine.pdbx_pd_ls_matrix_band_width             ? 
_refine.pdbx_overall_phase_error                 26.86 
_refine.pdbx_overall_SU_R_free_Cruickshank_DPI   ? 
_refine.pdbx_overall_SU_R_free_Blow_DPI          ? 
_refine.pdbx_overall_SU_R_Blow_DPI               ? 
_refine.pdbx_TLS_residual_ADP_flag               ? 
_refine.pdbx_diffrn_id                           1 
_refine.overall_SU_B                             ? 
_refine.overall_SU_ML                            0.23 
_refine.overall_SU_R_Cruickshank_DPI             ? 
_refine.overall_SU_R_free                        ? 
_refine.overall_FOM_free_R_set                   ? 
_refine.overall_FOM_work_R_set                   ? 
_refine.pdbx_average_fsc_overall                 ? 
_refine.pdbx_average_fsc_work                    ? 
_refine.pdbx_average_fsc_free                    ? 
# 
_refine_hist.pdbx_refine_id                   'X-RAY DIFFRACTION' 
_refine_hist.cycle_id                         LAST 
_refine_hist.pdbx_number_atoms_protein        1551 
_refine_hist.pdbx_number_atoms_nucleic_acid   0 
_refine_hist.pdbx_number_atoms_ligand         24 
_refine_hist.number_atoms_solvent             105 
_refine_hist.number_atoms_total               1680 
_refine_hist.d_res_high                       1.995 
_refine_hist.d_res_low                        46.291 
# 
loop_
_refine_ls_restr.pdbx_refine_id 
_refine_ls_restr.criterion 
_refine_ls_restr.dev_ideal 
_refine_ls_restr.dev_ideal_target 
_refine_ls_restr.number 
_refine_ls_restr.rejects 
_refine_ls_restr.type 
_refine_ls_restr.weight 
_refine_ls_restr.pdbx_restraint_function 
'X-RAY DIFFRACTION' ? 0.001  ? 1601 ? f_bond_d           ? ? 
'X-RAY DIFFRACTION' ? 0.324  ? 2198 ? f_angle_d          ? ? 
'X-RAY DIFFRACTION' ? 10.052 ? 546  ? f_dihedral_angle_d ? ? 
'X-RAY DIFFRACTION' ? 0.035  ? 304  ? f_chiral_restr     ? ? 
'X-RAY DIFFRACTION' ? 0.002  ? 245  ? f_plane_restr      ? ? 
# 
loop_
_refine_ls_shell.pdbx_refine_id 
_refine_ls_shell.d_res_high 
_refine_ls_shell.d_res_low 
_refine_ls_shell.number_reflns_all 
_refine_ls_shell.number_reflns_obs 
_refine_ls_shell.number_reflns_R_free 
_refine_ls_shell.number_reflns_R_work 
_refine_ls_shell.percent_reflns_obs 
_refine_ls_shell.percent_reflns_R_free 
_refine_ls_shell.R_factor_all 
_refine_ls_shell.R_factor_obs 
_refine_ls_shell.R_factor_R_free 
_refine_ls_shell.R_factor_R_free_error 
_refine_ls_shell.R_factor_R_work 
_refine_ls_shell.redundancy_reflns_all 
_refine_ls_shell.redundancy_reflns_obs 
_refine_ls_shell.wR_factor_all 
_refine_ls_shell.wR_factor_obs 
_refine_ls_shell.wR_factor_R_free 
_refine_ls_shell.wR_factor_R_work 
_refine_ls_shell.pdbx_total_number_of_bins_used 
_refine_ls_shell.pdbx_phase_error 
_refine_ls_shell.pdbx_fsc_work 
_refine_ls_shell.pdbx_fsc_free 
'X-RAY DIFFRACTION' 1.9951 2.0664  . . 126 1142 89.00 . . . 0.3112 . 0.2443 . . . . . . . . . . 
'X-RAY DIFFRACTION' 2.0664 2.1491  . . 135 1213 94.00 . . . 0.2898 . 0.2425 . . . . . . . . . . 
'X-RAY DIFFRACTION' 2.1491 2.2469  . . 135 1217 94.00 . . . 0.2922 . 0.2342 . . . . . . . . . . 
'X-RAY DIFFRACTION' 2.2469 2.3654  . . 135 1216 93.00 . . . 0.3196 . 0.2364 . . . . . . . . . . 
'X-RAY DIFFRACTION' 2.3654 2.5136  . . 135 1220 94.00 . . . 0.2616 . 0.2193 . . . . . . . . . . 
'X-RAY DIFFRACTION' 2.5136 2.7076  . . 137 1231 94.00 . . . 0.2749 . 0.2379 . . . . . . . . . . 
'X-RAY DIFFRACTION' 2.7076 2.9801  . . 136 1215 94.00 . . . 0.2578 . 0.2136 . . . . . . . . . . 
'X-RAY DIFFRACTION' 2.9801 3.4112  . . 135 1225 94.00 . . . 0.2561 . 0.2274 . . . . . . . . . . 
'X-RAY DIFFRACTION' 3.4112 4.2973  . . 133 1198 92.00 . . . 0.2625 . 0.2099 . . . . . . . . . . 
'X-RAY DIFFRACTION' 4.2973 46.3030 . . 134 1200 89.00 . . . 0.2459 . 0.2314 . . . . . . . . . . 
# 
_struct.entry_id                     6BKK 
_struct.title                        'Influenza A M2 transmembrane domain bound to amantadine' 
_struct.pdbx_model_details           ? 
_struct.pdbx_formula_weight          ? 
_struct.pdbx_formula_weight_method   ? 
_struct.pdbx_model_type_details      ? 
_struct.pdbx_CASP_flag               N 
# 
_struct_keywords.entry_id        6BKK 
_struct_keywords.text            'influenza M2, proton channel, membrane protein, amantadine' 
_struct_keywords.pdbx_keywords   'MEMBRANE PROTEIN' 
# 
loop_
_struct_asym.id 
_struct_asym.pdbx_blank_PDB_chainid_flag 
_struct_asym.pdbx_modified 
_struct_asym.entity_id 
_struct_asym.details 
A N N 1 ? 
B N N 1 ? 
C N N 1 ? 
D N N 1 ? 
E N N 1 ? 
F N N 1 ? 
G N N 1 ? 
H N N 1 ? 
I N N 2 ? 
J N N 3 ? 
K N N 3 ? 
L N N 2 ? 
M N N 4 ? 
N N N 4 ? 
O N N 4 ? 
P N N 4 ? 
Q N N 4 ? 
R N N 4 ? 
S N N 4 ? 
T N N 4 ? 
# 
_struct_ref.id                         1 
_struct_ref.db_name                    UNP 
_struct_ref.db_code                    Q20MD5_I72A8 
_struct_ref.pdbx_db_accession          Q20MD5 
_struct_ref.pdbx_db_isoform            ? 
_struct_ref.entity_id                  1 
_struct_ref.pdbx_seq_one_letter_code   SSDPLVVAASIIGILHLILWILDRL 
_struct_ref.pdbx_align_begin           22 
# 
loop_
_struct_ref_seq.align_id 
_struct_ref_seq.ref_id 
_struct_ref_seq.pdbx_PDB_id_code 
_struct_ref_seq.pdbx_strand_id 
_struct_ref_seq.seq_align_beg 
_struct_ref_seq.pdbx_seq_align_beg_ins_code 
_struct_ref_seq.seq_align_end 
_struct_ref_seq.pdbx_seq_align_end_ins_code 
_struct_ref_seq.pdbx_db_accession 
_struct_ref_seq.db_align_beg 
_struct_ref_seq.pdbx_db_align_beg_ins_code 
_struct_ref_seq.db_align_end 
_struct_ref_seq.pdbx_db_align_end_ins_code 
_struct_ref_seq.pdbx_auth_seq_align_beg 
_struct_ref_seq.pdbx_auth_seq_align_end 
1 1 6BKK A 2 ? 26 ? Q20MD5 22 ? 46 ? 22 46 
2 1 6BKK B 2 ? 26 ? Q20MD5 22 ? 46 ? 22 46 
3 1 6BKK C 2 ? 26 ? Q20MD5 22 ? 46 ? 22 46 
4 1 6BKK D 2 ? 26 ? Q20MD5 22 ? 46 ? 22 46 
5 1 6BKK E 2 ? 26 ? Q20MD5 22 ? 46 ? 22 46 
6 1 6BKK F 2 ? 26 ? Q20MD5 22 ? 46 ? 22 46 
7 1 6BKK G 2 ? 26 ? Q20MD5 22 ? 46 ? 22 46 
8 1 6BKK H 2 ? 26 ? Q20MD5 22 ? 46 ? 22 46 
# 
loop_
_struct_ref_seq_dif.align_id 
_struct_ref_seq_dif.pdbx_pdb_id_code 
_struct_ref_seq_dif.mon_id 
_struct_ref_seq_dif.pdbx_pdb_strand_id 
_struct_ref_seq_dif.seq_num 
_struct_ref_seq_dif.pdbx_pdb_ins_code 
_struct_ref_seq_dif.pdbx_seq_db_name 
_struct_ref_seq_dif.pdbx_seq_db_accession_code 
_struct_ref_seq_dif.db_mon_id 
_struct_ref_seq_dif.pdbx_seq_db_seq_num 
_struct_ref_seq_dif.details 
_struct_ref_seq_dif.pdbx_auth_seq_num 
_struct_ref_seq_dif.pdbx_ordinal 
1 6BKK ACE A 1  ? UNP Q20MD5 ? ? acetylation 21 1  
1 6BKK NH2 A 27 ? UNP Q20MD5 ? ? amidation   47 2  
2 6BKK ACE B 1  ? UNP Q20MD5 ? ? acetylation 21 3  
2 6BKK NH2 B 27 ? UNP Q20MD5 ? ? amidation   47 4  
3 6BKK ACE C 1  ? UNP Q20MD5 ? ? acetylation 21 5  
3 6BKK NH2 C 27 ? UNP Q20MD5 ? ? amidation   47 6  
4 6BKK ACE D 1  ? UNP Q20MD5 ? ? acetylation 21 7  
4 6BKK NH2 D 27 ? UNP Q20MD5 ? ? amidation   47 8  
5 6BKK ACE E 1  ? UNP Q20MD5 ? ? acetylation 21 9  
5 6BKK NH2 E 27 ? UNP Q20MD5 ? ? amidation   47 10 
6 6BKK ACE F 1  ? UNP Q20MD5 ? ? acetylation 21 11 
6 6BKK NH2 F 27 ? UNP Q20MD5 ? ? amidation   47 12 
7 6BKK ACE G 1  ? UNP Q20MD5 ? ? acetylation 21 13 
7 6BKK NH2 G 27 ? UNP Q20MD5 ? ? amidation   47 14 
8 6BKK ACE H 1  ? UNP Q20MD5 ? ? acetylation 21 15 
8 6BKK NH2 H 27 ? UNP Q20MD5 ? ? amidation   47 16 
# 
loop_
_pdbx_struct_assembly.id 
_pdbx_struct_assembly.details 
_pdbx_struct_assembly.method_details 
_pdbx_struct_assembly.oligomeric_details 
_pdbx_struct_assembly.oligomeric_count 
1 author_and_software_defined_assembly PISA tetrameric 4 
2 author_and_software_defined_assembly PISA tetrameric 4 
# 
loop_
_pdbx_struct_assembly_prop.biol_id 
_pdbx_struct_assembly_prop.type 
_pdbx_struct_assembly_prop.value 
_pdbx_struct_assembly_prop.details 
1 'ABSA (A^2)' 5380 ? 
1 MORE         -55  ? 
1 'SSA (A^2)'  5450 ? 
2 'ABSA (A^2)' 5410 ? 
2 MORE         -56  ? 
2 'SSA (A^2)'  5570 ? 
# 
loop_
_pdbx_struct_assembly_gen.assembly_id 
_pdbx_struct_assembly_gen.oper_expression 
_pdbx_struct_assembly_gen.asym_id_list 
1 1 A,B,C,D,I,J,M,N,O,P 
2 1 E,F,G,H,K,L,Q,R,S,T 
# 
_pdbx_struct_assembly_auth_evidence.id                     1 
_pdbx_struct_assembly_auth_evidence.assembly_id            1 
_pdbx_struct_assembly_auth_evidence.experimental_support   none 
_pdbx_struct_assembly_auth_evidence.details                ? 
# 
_pdbx_struct_oper_list.id                   1 
_pdbx_struct_oper_list.type                 'identity operation' 
_pdbx_struct_oper_list.name                 1_555 
_pdbx_struct_oper_list.symmetry_operation   x,y,z 
_pdbx_struct_oper_list.matrix[1][1]         1.0000000000 
_pdbx_struct_oper_list.matrix[1][2]         0.0000000000 
_pdbx_struct_oper_list.matrix[1][3]         0.0000000000 
_pdbx_struct_oper_list.vector[1]            0.0000000000 
_pdbx_struct_oper_list.matrix[2][1]         0.0000000000 
_pdbx_struct_oper_list.matrix[2][2]         1.0000000000 
_pdbx_struct_oper_list.matrix[2][3]         0.0000000000 
_pdbx_struct_oper_list.vector[2]            0.0000000000 
_pdbx_struct_oper_list.matrix[3][1]         0.0000000000 
_pdbx_struct_oper_list.matrix[3][2]         0.0000000000 
_pdbx_struct_oper_list.matrix[3][3]         1.0000000000 
_pdbx_struct_oper_list.vector[3]            0.0000000000 
# 
loop_
_struct_conf.conf_type_id 
_struct_conf.id 
_struct_conf.pdbx_PDB_helix_id 
_struct_conf.beg_label_comp_id 
_struct_conf.beg_label_asym_id 
_struct_conf.beg_label_seq_id 
_struct_conf.pdbx_beg_PDB_ins_code 
_struct_conf.end_label_comp_id 
_struct_conf.end_label_asym_id 
_struct_conf.end_label_seq_id 
_struct_conf.pdbx_end_PDB_ins_code 
_struct_conf.beg_auth_comp_id 
_struct_conf.beg_auth_asym_id 
_struct_conf.beg_auth_seq_id 
_struct_conf.end_auth_comp_id 
_struct_conf.end_auth_asym_id 
_struct_conf.end_auth_seq_id 
_struct_conf.pdbx_PDB_helix_class 
_struct_conf.details 
_struct_conf.pdbx_PDB_helix_length 
HELX_P HELX_P1 AA1 ASP A 4 ? LEU A 26 ? ASP A 24 LEU A 46 1 ? 23 
HELX_P HELX_P2 AA2 ASP B 4 ? LEU B 26 ? ASP B 24 LEU B 46 1 ? 23 
HELX_P HELX_P3 AA3 ASP C 4 ? ASP C 24 ? ASP C 24 ASP C 44 1 ? 21 
HELX_P HELX_P4 AA4 ASP D 4 ? LEU D 26 ? ASP D 24 LEU D 46 1 ? 23 
HELX_P HELX_P5 AA5 ASP E 4 ? LEU E 26 ? ASP E 24 LEU E 46 1 ? 23 
HELX_P HELX_P6 AA6 ASP F 4 ? LEU F 26 ? ASP F 24 LEU F 46 1 ? 23 
HELX_P HELX_P7 AA7 ASP G 4 ? LEU G 26 ? ASP G 24 LEU G 46 1 ? 23 
HELX_P HELX_P8 AA8 ASP H 4 ? LEU H 26 ? ASP H 24 LEU H 46 1 ? 23 
# 
_struct_conf_type.id          HELX_P 
_struct_conf_type.criteria    ? 
_struct_conf_type.reference   ? 
# 
loop_
_struct_conn.id 
_struct_conn.conn_type_id 
_struct_conn.pdbx_leaving_atom_flag 
_struct_conn.pdbx_PDB_id 
_struct_conn.ptnr1_label_asym_id 
_struct_conn.ptnr1_label_comp_id 
_struct_conn.ptnr1_label_seq_id 
_struct_conn.ptnr1_label_atom_id 
_struct_conn.pdbx_ptnr1_label_alt_id 
_struct_conn.pdbx_ptnr1_PDB_ins_code 
_struct_conn.pdbx_ptnr1_standard_comp_id 
_struct_conn.ptnr1_symmetry 
_struct_conn.ptnr2_label_asym_id 
_struct_conn.ptnr2_label_comp_id 
_struct_conn.ptnr2_label_seq_id 
_struct_conn.ptnr2_label_atom_id 
_struct_conn.pdbx_ptnr2_label_alt_id 
_struct_conn.pdbx_ptnr2_PDB_ins_code 
_struct_conn.ptnr1_auth_asym_id 
_struct_conn.ptnr1_auth_comp_id 
_struct_conn.ptnr1_auth_seq_id 
_struct_conn.ptnr2_auth_asym_id 
_struct_conn.ptnr2_auth_comp_id 
_struct_conn.ptnr2_auth_seq_id 
_struct_conn.ptnr2_symmetry 
_struct_conn.pdbx_ptnr3_label_atom_id 
_struct_conn.pdbx_ptnr3_label_seq_id 
_struct_conn.pdbx_ptnr3_label_comp_id 
_struct_conn.pdbx_ptnr3_label_asym_id 
_struct_conn.pdbx_ptnr3_label_alt_id 
_struct_conn.pdbx_ptnr3_PDB_ins_code 
_struct_conn.details 
_struct_conn.pdbx_dist_value 
_struct_conn.pdbx_value_order 
_struct_conn.pdbx_role 
covale1 covale both ? B ACE 1 C ? ? ? 1_555 B SER 2 N ? ? B ACE 21 B SER 22 1_555 ? ? ? ? ? ? ? 1.330 ? ? 
covale2 covale both ? C ACE 1 C ? ? ? 1_555 C SER 2 N ? ? C ACE 21 C SER 22 1_555 ? ? ? ? ? ? ? 1.329 ? ? 
covale3 covale both ? F ACE 1 C ? ? ? 1_555 F SER 2 N ? ? F ACE 21 F SER 22 1_555 ? ? ? ? ? ? ? 1.330 ? ? 
covale4 covale both ? G ACE 1 C ? ? ? 1_555 G SER 2 N ? ? G ACE 21 G SER 22 1_555 ? ? ? ? ? ? ? 1.329 ? ? 
covale5 covale both ? H ACE 1 C ? ? ? 1_555 H SER 2 N ? ? H ACE 21 H SER 22 1_555 ? ? ? ? ? ? ? 1.330 ? ? 
# 
_struct_conn_type.id          covale 
_struct_conn_type.criteria    ? 
_struct_conn_type.reference   ? 
# 
loop_
_pdbx_modification_feature.ordinal 
_pdbx_modification_feature.label_comp_id 
_pdbx_modification_feature.label_asym_id 
_pdbx_modification_feature.label_seq_id 
_pdbx_modification_feature.label_alt_id 
_pdbx_modification_feature.modified_residue_label_comp_id 
_pdbx_modification_feature.modified_residue_label_asym_id 
_pdbx_modification_feature.modified_residue_label_seq_id 
_pdbx_modification_feature.modified_residue_label_alt_id 
_pdbx_modification_feature.auth_comp_id 
_pdbx_modification_feature.auth_asym_id 
_pdbx_modification_feature.auth_seq_id 
_pdbx_modification_feature.PDB_ins_code 
_pdbx_modification_feature.symmetry 
_pdbx_modification_feature.modified_residue_auth_comp_id 
_pdbx_modification_feature.modified_residue_auth_asym_id 
_pdbx_modification_feature.modified_residue_auth_seq_id 
_pdbx_modification_feature.modified_residue_PDB_ins_code 
_pdbx_modification_feature.modified_residue_symmetry 
_pdbx_modification_feature.comp_id_linking_atom 
_pdbx_modification_feature.modified_residue_id_linking_atom 
_pdbx_modification_feature.modified_residue_id 
_pdbx_modification_feature.ref_pcm_id 
_pdbx_modification_feature.ref_comp_id 
_pdbx_modification_feature.type 
_pdbx_modification_feature.category 
1 ACE B 1 ? SER B 2 ? ACE B 21 ? 1_555 SER B 22 ? 1_555 . . SER 6 ACE None 'Terminal acetylation' 
2 ACE C 1 ? SER C 2 ? ACE C 21 ? 1_555 SER C 22 ? 1_555 . . SER 6 ACE None 'Terminal acetylation' 
3 ACE F 1 ? SER F 2 ? ACE F 21 ? 1_555 SER F 22 ? 1_555 . . SER 6 ACE None 'Terminal acetylation' 
4 ACE G 1 ? SER G 2 ? ACE G 21 ? 1_555 SER G 22 ? 1_555 . . SER 6 ACE None 'Terminal acetylation' 
5 ACE H 1 ? SER H 2 ? ACE H 21 ? 1_555 SER H 22 ? 1_555 . . SER 6 ACE None 'Terminal acetylation' 
# 
loop_
_struct_site.id 
_struct_site.pdbx_evidence_code 
_struct_site.pdbx_auth_asym_id 
_struct_site.pdbx_auth_comp_id 
_struct_site.pdbx_auth_seq_id 
_struct_site.pdbx_auth_ins_code 
_struct_site.pdbx_num_residues 
_struct_site.details 
AC1 Software B 308 101 ? 5 'binding site for residue 308 B 101'                
AC2 Software C CL  101 ? 4 'binding site for residue CL C 101'                 
AC3 Software E CL  101 ? 4 'binding site for residue CL E 101'                 
AC4 Software F 308 101 ? 7 'binding site for residue 308 F 101'                
AC5 Software B ACE 21  ? 7 'binding site for Di-peptide ACE B 21 and SER B 22' 
AC6 Software C ACE 21  ? 6 'binding site for Di-peptide ACE C 21 and SER C 22' 
AC7 Software F ACE 21  ? 8 'binding site for Di-peptide ACE F 21 and SER F 22' 
AC8 Software G ACE 21  ? 8 'binding site for Di-peptide ACE G 21 and SER G 22' 
AC9 Software H ACE 21  ? 5 'binding site for Di-peptide ACE H 21 and SER H 22' 
# 
loop_
_struct_site_gen.id 
_struct_site_gen.site_id 
_struct_site_gen.pdbx_num_res 
_struct_site_gen.label_comp_id 
_struct_site_gen.label_asym_id 
_struct_site_gen.label_seq_id 
_struct_site_gen.pdbx_auth_ins_code 
_struct_site_gen.auth_comp_id 
_struct_site_gen.auth_asym_id 
_struct_site_gen.auth_seq_id 
_struct_site_gen.label_atom_id 
_struct_site_gen.label_alt_id 
_struct_site_gen.symmetry 
_struct_site_gen.details 
1  AC1 5 SER A 11 ? SER A 31  . ? 1_555 ? 
2  AC1 5 ALA B 10 ? ALA B 30  . ? 1_555 ? 
3  AC1 5 SER B 11 ? SER B 31  . ? 1_555 ? 
4  AC1 5 SER C 11 ? SER C 31  . ? 1_555 ? 
5  AC1 5 SER D 11 ? SER D 31  . ? 1_555 ? 
6  AC2 4 SER A 3  ? SER A 23  . ? 1_555 ? 
7  AC2 4 SER B 3  ? SER B 23  . ? 1_555 ? 
8  AC2 4 SER C 3  ? SER C 23  . ? 1_555 ? 
9  AC2 4 SER D 3  ? SER D 23  . ? 1_555 ? 
10 AC3 4 SER E 3  ? SER E 23  . ? 1_555 ? 
11 AC3 4 SER F 3  ? SER F 23  . ? 1_555 ? 
12 AC3 4 SER G 3  ? SER G 23  . ? 1_555 ? 
13 AC3 4 SER H 3  ? SER H 23  . ? 1_555 ? 
14 AC4 7 SER E 11 ? SER E 31  . ? 1_555 ? 
15 AC4 7 HOH Q .  ? HOH E 204 . ? 1_555 ? 
16 AC4 7 ALA F 10 ? ALA F 30  . ? 1_555 ? 
17 AC4 7 SER F 11 ? SER F 31  . ? 1_555 ? 
18 AC4 7 SER G 11 ? SER G 31  . ? 1_555 ? 
19 AC4 7 HOH S .  ? HOH G 104 . ? 1_555 ? 
20 AC4 7 SER H 11 ? SER H 31  . ? 1_555 ? 
21 AC5 7 SER A 2  ? SER A 22  . ? 1_555 ? 
22 AC5 7 ASP A 4  ? ASP A 24  . ? 1_555 ? 
23 AC5 7 SER B 3  ? SER B 23  . ? 1_555 ? 
24 AC5 7 HOH N .  ? HOH B 202 . ? 1_555 ? 
25 AC5 7 ACE C 1  ? ACE C 21  . ? 1_555 ? 
26 AC5 7 SER C 2  ? SER C 22  . ? 1_555 ? 
27 AC5 7 HOH O .  ? HOH C 201 . ? 1_555 ? 
28 AC6 6 SER B 2  ? SER B 22  . ? 1_555 ? 
29 AC6 6 SER B 3  ? SER B 23  . ? 1_555 ? 
30 AC6 6 HOH N .  ? HOH B 202 . ? 1_555 ? 
31 AC6 6 SER C 3  ? SER C 23  . ? 1_555 ? 
32 AC6 6 HOH O .  ? HOH C 201 . ? 1_555 ? 
33 AC6 6 SER D 2  ? SER D 22  . ? 1_555 ? 
34 AC7 8 PRO C 5  ? PRO C 25  . ? 1_656 ? 
35 AC7 8 HOH O .  ? HOH C 204 . ? 1_656 ? 
36 AC7 8 SER E 2  ? SER E 22  . ? 1_555 ? 
37 AC7 8 SER F 3  ? SER F 23  . ? 1_555 ? 
38 AC7 8 HOH R .  ? HOH F 205 . ? 1_555 ? 
39 AC7 8 ACE G 1  ? ACE G 21  . ? 1_555 ? 
40 AC7 8 SER G 2  ? SER G 22  . ? 1_555 ? 
41 AC7 8 HOH S .  ? HOH G 101 . ? 1_555 ? 
42 AC8 8 ASP C 4  ? ASP C 24  . ? 1_656 ? 
43 AC8 8 SER D 2  ? SER D 22  . ? 1_656 ? 
44 AC8 8 SER F 2  ? SER F 22  . ? 1_555 ? 
45 AC8 8 SER F 3  ? SER F 23  . ? 1_555 ? 
46 AC8 8 SER G 3  ? SER G 23  . ? 1_555 ? 
47 AC8 8 HOH S .  ? HOH G 101 . ? 1_555 ? 
48 AC8 8 HOH S .  ? HOH G 106 . ? 1_555 ? 
49 AC8 8 SER H 2  ? SER H 22  . ? 1_555 ? 
50 AC9 5 SER E 2  ? SER E 22  . ? 1_555 ? 
51 AC9 5 SER G 2  ? SER G 22  . ? 1_555 ? 
52 AC9 5 SER G 3  ? SER G 23  . ? 1_555 ? 
53 AC9 5 HOH S .  ? HOH G 101 . ? 1_555 ? 
54 AC9 5 SER H 3  ? SER H 23  . ? 1_555 ? 
# 
_pdbx_entry_details.entry_id                   6BKK 
_pdbx_entry_details.compound_details           ? 
_pdbx_entry_details.source_details             ? 
_pdbx_entry_details.nonpolymer_details         ? 
_pdbx_entry_details.sequence_details           ? 
_pdbx_entry_details.has_ligand_of_interest     ? 
_pdbx_entry_details.has_protein_modification   Y 
# 
loop_
_pdbx_validate_close_contact.id 
_pdbx_validate_close_contact.PDB_model_num 
_pdbx_validate_close_contact.auth_atom_id_1 
_pdbx_validate_close_contact.auth_asym_id_1 
_pdbx_validate_close_contact.auth_comp_id_1 
_pdbx_validate_close_contact.auth_seq_id_1 
_pdbx_validate_close_contact.PDB_ins_code_1 
_pdbx_validate_close_contact.label_alt_id_1 
_pdbx_validate_close_contact.auth_atom_id_2 
_pdbx_validate_close_contact.auth_asym_id_2 
_pdbx_validate_close_contact.auth_comp_id_2 
_pdbx_validate_close_contact.auth_seq_id_2 
_pdbx_validate_close_contact.PDB_ins_code_2 
_pdbx_validate_close_contact.label_alt_id_2 
_pdbx_validate_close_contact.dist 
1 1 O E HOH 212 ? ? O F HOH 214 ? ? 2.10 
2 1 O A HOH 106 ? ? O A HOH 112 ? ? 2.14 
3 1 O B HOH 202 ? ? O C HOH 201 ? ? 2.18 
# 
loop_
_pdbx_validate_symm_contact.id 
_pdbx_validate_symm_contact.PDB_model_num 
_pdbx_validate_symm_contact.auth_atom_id_1 
_pdbx_validate_symm_contact.auth_asym_id_1 
_pdbx_validate_symm_contact.auth_comp_id_1 
_pdbx_validate_symm_contact.auth_seq_id_1 
_pdbx_validate_symm_contact.PDB_ins_code_1 
_pdbx_validate_symm_contact.label_alt_id_1 
_pdbx_validate_symm_contact.site_symmetry_1 
_pdbx_validate_symm_contact.auth_atom_id_2 
_pdbx_validate_symm_contact.auth_asym_id_2 
_pdbx_validate_symm_contact.auth_comp_id_2 
_pdbx_validate_symm_contact.auth_seq_id_2 
_pdbx_validate_symm_contact.PDB_ins_code_2 
_pdbx_validate_symm_contact.label_alt_id_2 
_pdbx_validate_symm_contact.site_symmetry_2 
_pdbx_validate_symm_contact.dist 
1 1 O   C HOH 213 ? ? 1_555 O   D HOH 110 ? ? 2_947 2.09 
2 1 NH2 A ARG 45  ? ? 1_555 OD2 E ASP 24  ? ? 1_554 2.17 
# 
loop_
_pdbx_distant_solvent_atoms.id 
_pdbx_distant_solvent_atoms.PDB_model_num 
_pdbx_distant_solvent_atoms.auth_atom_id 
_pdbx_distant_solvent_atoms.label_alt_id 
_pdbx_distant_solvent_atoms.auth_asym_id 
_pdbx_distant_solvent_atoms.auth_comp_id 
_pdbx_distant_solvent_atoms.auth_seq_id 
_pdbx_distant_solvent_atoms.PDB_ins_code 
_pdbx_distant_solvent_atoms.neighbor_macromolecule_distance 
_pdbx_distant_solvent_atoms.neighbor_ligand_distance 
1  1 O ? C HOH 213 ? 6.56 . 
2  1 O ? E HOH 212 ? 6.07 . 
3  1 O ? E HOH 213 ? 6.27 . 
4  1 O ? E HOH 214 ? 6.31 . 
5  1 O ? E HOH 215 ? 7.17 . 
6  1 O ? F HOH 212 ? 6.03 . 
7  1 O ? F HOH 213 ? 7.13 . 
8  1 O ? F HOH 214 ? 7.78 . 
9  1 O ? G HOH 115 ? 6.04 . 
10 1 O ? G HOH 116 ? 6.23 . 
11 1 O ? G HOH 117 ? 6.23 . 
12 1 O ? G HOH 118 ? 6.37 . 
13 1 O ? G HOH 119 ? 7.33 . 
# 
loop_
_pdbx_unobs_or_zero_occ_residues.id 
_pdbx_unobs_or_zero_occ_residues.PDB_model_num 
_pdbx_unobs_or_zero_occ_residues.polymer_flag 
_pdbx_unobs_or_zero_occ_residues.occupancy_flag 
_pdbx_unobs_or_zero_occ_residues.auth_asym_id 
_pdbx_unobs_or_zero_occ_residues.auth_comp_id 
_pdbx_unobs_or_zero_occ_residues.auth_seq_id 
_pdbx_unobs_or_zero_occ_residues.PDB_ins_code 
_pdbx_unobs_or_zero_occ_residues.label_asym_id 
_pdbx_unobs_or_zero_occ_residues.label_comp_id 
_pdbx_unobs_or_zero_occ_residues.label_seq_id 
1  1 Y 1 A ACE 21 ? A ACE 1  
2  1 Y 1 A NH2 47 ? A NH2 27 
3  1 Y 1 B NH2 47 ? B NH2 27 
4  1 Y 1 C NH2 47 ? C NH2 27 
5  1 Y 1 D ACE 21 ? D ACE 1  
6  1 Y 1 D NH2 47 ? D NH2 27 
7  1 Y 1 E ACE 21 ? E ACE 1  
8  1 Y 1 E NH2 47 ? E NH2 27 
9  1 Y 1 F NH2 47 ? F NH2 27 
10 1 Y 1 G NH2 47 ? G NH2 27 
11 1 Y 1 H NH2 47 ? H NH2 27 
# 
loop_
_chem_comp_atom.comp_id 
_chem_comp_atom.atom_id 
_chem_comp_atom.type_symbol 
_chem_comp_atom.pdbx_aromatic_flag 
_chem_comp_atom.pdbx_stereo_config 
_chem_comp_atom.pdbx_ordinal 
308 N1   N  N N 1   
308 C10  C  N N 2   
308 C7   C  N N 3   
308 C1   C  N N 4   
308 C8   C  N N 5   
308 C5   C  N N 6   
308 C6   C  N N 7   
308 C4   C  N N 8   
308 C9   C  N N 9   
308 C3   C  N N 10  
308 C2   C  N N 11  
308 HN1  H  N N 12  
308 HN1A H  N N 13  
308 H7   H  N N 14  
308 H7A  H  N N 15  
308 H1   H  N N 16  
308 H8   H  N N 17  
308 H8A  H  N N 18  
308 H5   H  N N 19  
308 H6   H  N N 20  
308 H6A  H  N N 21  
308 H4   H  N N 22  
308 H4A  H  N N 23  
308 H9   H  N N 24  
308 H9A  H  N N 25  
308 H3   H  N N 26  
308 H2   H  N N 27  
308 H2A  H  N N 28  
ACE C    C  N N 29  
ACE O    O  N N 30  
ACE CH3  C  N N 31  
ACE H    H  N N 32  
ACE H1   H  N N 33  
ACE H2   H  N N 34  
ACE H3   H  N N 35  
ALA N    N  N N 36  
ALA CA   C  N S 37  
ALA C    C  N N 38  
ALA O    O  N N 39  
ALA CB   C  N N 40  
ALA OXT  O  N N 41  
ALA H    H  N N 42  
ALA H2   H  N N 43  
ALA HA   H  N N 44  
ALA HB1  H  N N 45  
ALA HB2  H  N N 46  
ALA HB3  H  N N 47  
ALA HXT  H  N N 48  
ARG N    N  N N 49  
ARG CA   C  N S 50  
ARG C    C  N N 51  
ARG O    O  N N 52  
ARG CB   C  N N 53  
ARG CG   C  N N 54  
ARG CD   C  N N 55  
ARG NE   N  N N 56  
ARG CZ   C  N N 57  
ARG NH1  N  N N 58  
ARG NH2  N  N N 59  
ARG OXT  O  N N 60  
ARG H    H  N N 61  
ARG H2   H  N N 62  
ARG HA   H  N N 63  
ARG HB2  H  N N 64  
ARG HB3  H  N N 65  
ARG HG2  H  N N 66  
ARG HG3  H  N N 67  
ARG HD2  H  N N 68  
ARG HD3  H  N N 69  
ARG HE   H  N N 70  
ARG HH11 H  N N 71  
ARG HH12 H  N N 72  
ARG HH21 H  N N 73  
ARG HH22 H  N N 74  
ARG HXT  H  N N 75  
ASP N    N  N N 76  
ASP CA   C  N S 77  
ASP C    C  N N 78  
ASP O    O  N N 79  
ASP CB   C  N N 80  
ASP CG   C  N N 81  
ASP OD1  O  N N 82  
ASP OD2  O  N N 83  
ASP OXT  O  N N 84  
ASP H    H  N N 85  
ASP H2   H  N N 86  
ASP HA   H  N N 87  
ASP HB2  H  N N 88  
ASP HB3  H  N N 89  
ASP HD2  H  N N 90  
ASP HXT  H  N N 91  
CL  CL   CL N N 92  
GLY N    N  N N 93  
GLY CA   C  N N 94  
GLY C    C  N N 95  
GLY O    O  N N 96  
GLY OXT  O  N N 97  
GLY H    H  N N 98  
GLY H2   H  N N 99  
GLY HA2  H  N N 100 
GLY HA3  H  N N 101 
GLY HXT  H  N N 102 
HIS N    N  N N 103 
HIS CA   C  N S 104 
HIS C    C  N N 105 
HIS O    O  N N 106 
HIS CB   C  N N 107 
HIS CG   C  Y N 108 
HIS ND1  N  Y N 109 
HIS CD2  C  Y N 110 
HIS CE1  C  Y N 111 
HIS NE2  N  Y N 112 
HIS OXT  O  N N 113 
HIS H    H  N N 114 
HIS H2   H  N N 115 
HIS HA   H  N N 116 
HIS HB2  H  N N 117 
HIS HB3  H  N N 118 
HIS HD1  H  N N 119 
HIS HD2  H  N N 120 
HIS HE1  H  N N 121 
HIS HE2  H  N N 122 
HIS HXT  H  N N 123 
HOH O    O  N N 124 
HOH H1   H  N N 125 
HOH H2   H  N N 126 
ILE N    N  N N 127 
ILE CA   C  N S 128 
ILE C    C  N N 129 
ILE O    O  N N 130 
ILE CB   C  N S 131 
ILE CG1  C  N N 132 
ILE CG2  C  N N 133 
ILE CD1  C  N N 134 
ILE OXT  O  N N 135 
ILE H    H  N N 136 
ILE H2   H  N N 137 
ILE HA   H  N N 138 
ILE HB   H  N N 139 
ILE HG12 H  N N 140 
ILE HG13 H  N N 141 
ILE HG21 H  N N 142 
ILE HG22 H  N N 143 
ILE HG23 H  N N 144 
ILE HD11 H  N N 145 
ILE HD12 H  N N 146 
ILE HD13 H  N N 147 
ILE HXT  H  N N 148 
LEU N    N  N N 149 
LEU CA   C  N S 150 
LEU C    C  N N 151 
LEU O    O  N N 152 
LEU CB   C  N N 153 
LEU CG   C  N N 154 
LEU CD1  C  N N 155 
LEU CD2  C  N N 156 
LEU OXT  O  N N 157 
LEU H    H  N N 158 
LEU H2   H  N N 159 
LEU HA   H  N N 160 
LEU HB2  H  N N 161 
LEU HB3  H  N N 162 
LEU HG   H  N N 163 
LEU HD11 H  N N 164 
LEU HD12 H  N N 165 
LEU HD13 H  N N 166 
LEU HD21 H  N N 167 
LEU HD22 H  N N 168 
LEU HD23 H  N N 169 
LEU HXT  H  N N 170 
NH2 N    N  N N 171 
NH2 HN1  H  N N 172 
NH2 HN2  H  N N 173 
PRO N    N  N N 174 
PRO CA   C  N S 175 
PRO C    C  N N 176 
PRO O    O  N N 177 
PRO CB   C  N N 178 
PRO CG   C  N N 179 
PRO CD   C  N N 180 
PRO OXT  O  N N 181 
PRO H    H  N N 182 
PRO HA   H  N N 183 
PRO HB2  H  N N 184 
PRO HB3  H  N N 185 
PRO HG2  H  N N 186 
PRO HG3  H  N N 187 
PRO HD2  H  N N 188 
PRO HD3  H  N N 189 
PRO HXT  H  N N 190 
SER N    N  N N 191 
SER CA   C  N S 192 
SER C    C  N N 193 
SER O    O  N N 194 
SER CB   C  N N 195 
SER OG   O  N N 196 
SER OXT  O  N N 197 
SER H    H  N N 198 
SER H2   H  N N 199 
SER HA   H  N N 200 
SER HB2  H  N N 201 
SER HB3  H  N N 202 
SER HG   H  N N 203 
SER HXT  H  N N 204 
TRP N    N  N N 205 
TRP CA   C  N S 206 
TRP C    C  N N 207 
TRP O    O  N N 208 
TRP CB   C  N N 209 
TRP CG   C  Y N 210 
TRP CD1  C  Y N 211 
TRP CD2  C  Y N 212 
TRP NE1  N  Y N 213 
TRP CE2  C  Y N 214 
TRP CE3  C  Y N 215 
TRP CZ2  C  Y N 216 
TRP CZ3  C  Y N 217 
TRP CH2  C  Y N 218 
TRP OXT  O  N N 219 
TRP H    H  N N 220 
TRP H2   H  N N 221 
TRP HA   H  N N 222 
TRP HB2  H  N N 223 
TRP HB3  H  N N 224 
TRP HD1  H  N N 225 
TRP HE1  H  N N 226 
TRP HE3  H  N N 227 
TRP HZ2  H  N N 228 
TRP HZ3  H  N N 229 
TRP HH2  H  N N 230 
TRP HXT  H  N N 231 
VAL N    N  N N 232 
VAL CA   C  N S 233 
VAL C    C  N N 234 
VAL O    O  N N 235 
VAL CB   C  N N 236 
VAL CG1  C  N N 237 
VAL CG2  C  N N 238 
VAL OXT  O  N N 239 
VAL H    H  N N 240 
VAL H2   H  N N 241 
VAL HA   H  N N 242 
VAL HB   H  N N 243 
VAL HG11 H  N N 244 
VAL HG12 H  N N 245 
VAL HG13 H  N N 246 
VAL HG21 H  N N 247 
VAL HG22 H  N N 248 
VAL HG23 H  N N 249 
VAL HXT  H  N N 250 
# 
loop_
_chem_comp_bond.comp_id 
_chem_comp_bond.atom_id_1 
_chem_comp_bond.atom_id_2 
_chem_comp_bond.value_order 
_chem_comp_bond.pdbx_aromatic_flag 
_chem_comp_bond.pdbx_stereo_config 
_chem_comp_bond.pdbx_ordinal 
308 N1  C10  sing N N 1   
308 C10 C7   sing N N 2   
308 C10 C8   sing N N 3   
308 C10 C9   sing N N 4   
308 C7  C1   sing N N 5   
308 C1  C6   sing N N 6   
308 C1  C2   sing N N 7   
308 C8  C5   sing N N 8   
308 C5  C6   sing N N 9   
308 C5  C4   sing N N 10  
308 C4  C3   sing N N 11  
308 C9  C3   sing N N 12  
308 C3  C2   sing N N 13  
308 N1  HN1  sing N N 14  
308 N1  HN1A sing N N 15  
308 C7  H7   sing N N 16  
308 C7  H7A  sing N N 17  
308 C1  H1   sing N N 18  
308 C8  H8   sing N N 19  
308 C8  H8A  sing N N 20  
308 C5  H5   sing N N 21  
308 C6  H6   sing N N 22  
308 C6  H6A  sing N N 23  
308 C4  H4   sing N N 24  
308 C4  H4A  sing N N 25  
308 C9  H9   sing N N 26  
308 C9  H9A  sing N N 27  
308 C3  H3   sing N N 28  
308 C2  H2   sing N N 29  
308 C2  H2A  sing N N 30  
ACE C   O    doub N N 31  
ACE C   CH3  sing N N 32  
ACE C   H    sing N N 33  
ACE CH3 H1   sing N N 34  
ACE CH3 H2   sing N N 35  
ACE CH3 H3   sing N N 36  
ALA N   CA   sing N N 37  
ALA N   H    sing N N 38  
ALA N   H2   sing N N 39  
ALA CA  C    sing N N 40  
ALA CA  CB   sing N N 41  
ALA CA  HA   sing N N 42  
ALA C   O    doub N N 43  
ALA C   OXT  sing N N 44  
ALA CB  HB1  sing N N 45  
ALA CB  HB2  sing N N 46  
ALA CB  HB3  sing N N 47  
ALA OXT HXT  sing N N 48  
ARG N   CA   sing N N 49  
ARG N   H    sing N N 50  
ARG N   H2   sing N N 51  
ARG CA  C    sing N N 52  
ARG CA  CB   sing N N 53  
ARG CA  HA   sing N N 54  
ARG C   O    doub N N 55  
ARG C   OXT  sing N N 56  
ARG CB  CG   sing N N 57  
ARG CB  HB2  sing N N 58  
ARG CB  HB3  sing N N 59  
ARG CG  CD   sing N N 60  
ARG CG  HG2  sing N N 61  
ARG CG  HG3  sing N N 62  
ARG CD  NE   sing N N 63  
ARG CD  HD2  sing N N 64  
ARG CD  HD3  sing N N 65  
ARG NE  CZ   sing N N 66  
ARG NE  HE   sing N N 67  
ARG CZ  NH1  sing N N 68  
ARG CZ  NH2  doub N N 69  
ARG NH1 HH11 sing N N 70  
ARG NH1 HH12 sing N N 71  
ARG NH2 HH21 sing N N 72  
ARG NH2 HH22 sing N N 73  
ARG OXT HXT  sing N N 74  
ASP N   CA   sing N N 75  
ASP N   H    sing N N 76  
ASP N   H2   sing N N 77  
ASP CA  C    sing N N 78  
ASP CA  CB   sing N N 79  
ASP CA  HA   sing N N 80  
ASP C   O    doub N N 81  
ASP C   OXT  sing N N 82  
ASP CB  CG   sing N N 83  
ASP CB  HB2  sing N N 84  
ASP CB  HB3  sing N N 85  
ASP CG  OD1  doub N N 86  
ASP CG  OD2  sing N N 87  
ASP OD2 HD2  sing N N 88  
ASP OXT HXT  sing N N 89  
GLY N   CA   sing N N 90  
GLY N   H    sing N N 91  
GLY N   H2   sing N N 92  
GLY CA  C    sing N N 93  
GLY CA  HA2  sing N N 94  
GLY CA  HA3  sing N N 95  
GLY C   O    doub N N 96  
GLY C   OXT  sing N N 97  
GLY OXT HXT  sing N N 98  
HIS N   CA   sing N N 99  
HIS N   H    sing N N 100 
HIS N   H2   sing N N 101 
HIS CA  C    sing N N 102 
HIS CA  CB   sing N N 103 
HIS CA  HA   sing N N 104 
HIS C   O    doub N N 105 
HIS C   OXT  sing N N 106 
HIS CB  CG   sing N N 107 
HIS CB  HB2  sing N N 108 
HIS CB  HB3  sing N N 109 
HIS CG  ND1  sing Y N 110 
HIS CG  CD2  doub Y N 111 
HIS ND1 CE1  doub Y N 112 
HIS ND1 HD1  sing N N 113 
HIS CD2 NE2  sing Y N 114 
HIS CD2 HD2  sing N N 115 
HIS CE1 NE2  sing Y N 116 
HIS CE1 HE1  sing N N 117 
HIS NE2 HE2  sing N N 118 
HIS OXT HXT  sing N N 119 
HOH O   H1   sing N N 120 
HOH O   H2   sing N N 121 
ILE N   CA   sing N N 122 
ILE N   H    sing N N 123 
ILE N   H2   sing N N 124 
ILE CA  C    sing N N 125 
ILE CA  CB   sing N N 126 
ILE CA  HA   sing N N 127 
ILE C   O    doub N N 128 
ILE C   OXT  sing N N 129 
ILE CB  CG1  sing N N 130 
ILE CB  CG2  sing N N 131 
ILE CB  HB   sing N N 132 
ILE CG1 CD1  sing N N 133 
ILE CG1 HG12 sing N N 134 
ILE CG1 HG13 sing N N 135 
ILE CG2 HG21 sing N N 136 
ILE CG2 HG22 sing N N 137 
ILE CG2 HG23 sing N N 138 
ILE CD1 HD11 sing N N 139 
ILE CD1 HD12 sing N N 140 
ILE CD1 HD13 sing N N 141 
ILE OXT HXT  sing N N 142 
LEU N   CA   sing N N 143 
LEU N   H    sing N N 144 
LEU N   H2   sing N N 145 
LEU CA  C    sing N N 146 
LEU CA  CB   sing N N 147 
LEU CA  HA   sing N N 148 
LEU C   O    doub N N 149 
LEU C   OXT  sing N N 150 
LEU CB  CG   sing N N 151 
LEU CB  HB2  sing N N 152 
LEU CB  HB3  sing N N 153 
LEU CG  CD1  sing N N 154 
LEU CG  CD2  sing N N 155 
LEU CG  HG   sing N N 156 
LEU CD1 HD11 sing N N 157 
LEU CD1 HD12 sing N N 158 
LEU CD1 HD13 sing N N 159 
LEU CD2 HD21 sing N N 160 
LEU CD2 HD22 sing N N 161 
LEU CD2 HD23 sing N N 162 
LEU OXT HXT  sing N N 163 
NH2 N   HN1  sing N N 164 
NH2 N   HN2  sing N N 165 
PRO N   CA   sing N N 166 
PRO N   CD   sing N N 167 
PRO N   H    sing N N 168 
PRO CA  C    sing N N 169 
PRO CA  CB   sing N N 170 
PRO CA  HA   sing N N 171 
PRO C   O    doub N N 172 
PRO C   OXT  sing N N 173 
PRO CB  CG   sing N N 174 
PRO CB  HB2  sing N N 175 
PRO CB  HB3  sing N N 176 
PRO CG  CD   sing N N 177 
PRO CG  HG2  sing N N 178 
PRO CG  HG3  sing N N 179 
PRO CD  HD2  sing N N 180 
PRO CD  HD3  sing N N 181 
PRO OXT HXT  sing N N 182 
SER N   CA   sing N N 183 
SER N   H    sing N N 184 
SER N   H2   sing N N 185 
SER CA  C    sing N N 186 
SER CA  CB   sing N N 187 
SER CA  HA   sing N N 188 
SER C   O    doub N N 189 
SER C   OXT  sing N N 190 
SER CB  OG   sing N N 191 
SER CB  HB2  sing N N 192 
SER CB  HB3  sing N N 193 
SER OG  HG   sing N N 194 
SER OXT HXT  sing N N 195 
TRP N   CA   sing N N 196 
TRP N   H    sing N N 197 
TRP N   H2   sing N N 198 
TRP CA  C    sing N N 199 
TRP CA  CB   sing N N 200 
TRP CA  HA   sing N N 201 
TRP C   O    doub N N 202 
TRP C   OXT  sing N N 203 
TRP CB  CG   sing N N 204 
TRP CB  HB2  sing N N 205 
TRP CB  HB3  sing N N 206 
TRP CG  CD1  doub Y N 207 
TRP CG  CD2  sing Y N 208 
TRP CD1 NE1  sing Y N 209 
TRP CD1 HD1  sing N N 210 
TRP CD2 CE2  doub Y N 211 
TRP CD2 CE3  sing Y N 212 
TRP NE1 CE2  sing Y N 213 
TRP NE1 HE1  sing N N 214 
TRP CE2 CZ2  sing Y N 215 
TRP CE3 CZ3  doub Y N 216 
TRP CE3 HE3  sing N N 217 
TRP CZ2 CH2  doub Y N 218 
TRP CZ2 HZ2  sing N N 219 
TRP CZ3 CH2  sing Y N 220 
TRP CZ3 HZ3  sing N N 221 
TRP CH2 HH2  sing N N 222 
TRP OXT HXT  sing N N 223 
VAL N   CA   sing N N 224 
VAL N   H    sing N N 225 
VAL N   H2   sing N N 226 
VAL CA  C    sing N N 227 
VAL CA  CB   sing N N 228 
VAL CA  HA   sing N N 229 
VAL C   O    doub N N 230 
VAL C   OXT  sing N N 231 
VAL CB  CG1  sing N N 232 
VAL CB  CG2  sing N N 233 
VAL CB  HB   sing N N 234 
VAL CG1 HG11 sing N N 235 
VAL CG1 HG12 sing N N 236 
VAL CG1 HG13 sing N N 237 
VAL CG2 HG21 sing N N 238 
VAL CG2 HG22 sing N N 239 
VAL CG2 HG23 sing N N 240 
VAL OXT HXT  sing N N 241 
# 
_pdbx_audit_support.funding_organization   
'National Institutes of Health/National Institute of General Medical Sciences (NIH/NIGMS)' 
_pdbx_audit_support.country                'United States' 
_pdbx_audit_support.grant_number           R01-GM056423 
_pdbx_audit_support.ordinal                1 
# 
_pdbx_initial_refinement_model.id               1 
_pdbx_initial_refinement_model.entity_id_list   ? 
_pdbx_initial_refinement_model.type             'experimental model' 
_pdbx_initial_refinement_model.source_name      PDB 
_pdbx_initial_refinement_model.accession_code   3LBW 
_pdbx_initial_refinement_model.details          ? 
# 
_atom_sites.entry_id                    6BKK 
_atom_sites.fract_transf_matrix[1][1]   0.01947048 
_atom_sites.fract_transf_matrix[1][2]   0.01360821 
_atom_sites.fract_transf_matrix[1][3]   -0.00148188 
_atom_sites.fract_transf_matrix[2][1]   -0.00755001 
_atom_sites.fract_transf_matrix[2][2]   0.00915730 
_atom_sites.fract_transf_matrix[2][3]   -0.01510768 
_atom_sites.fract_transf_matrix[3][1]   -0.00310846 
_atom_sites.fract_transf_matrix[3][2]   0.01755804 
_atom_sites.fract_transf_matrix[3][3]   0.01219599 
_atom_sites.fract_transf_vector[1]      2.000168 
_atom_sites.fract_transf_vector[2]      0.199026 
_atom_sites.fract_transf_vector[3]      1.283443 
# 
loop_
_atom_type.symbol 
C  
CL 
H  
N  
O  
# 
loop_
_atom_site.group_PDB 
_atom_site.id 
_atom_site.type_symbol 
_atom_site.label_atom_id 
_atom_site.label_alt_id 
_atom_site.label_comp_id 
_atom_site.label_asym_id 
_atom_site.label_entity_id 
_atom_site.label_seq_id 
_atom_site.pdbx_PDB_ins_code 
_atom_site.Cartn_x 
_atom_site.Cartn_y 
_atom_site.Cartn_z 
_atom_site.occupancy 
_atom_site.B_iso_or_equiv 
_atom_site.pdbx_formal_charge 
_atom_site.auth_seq_id 
_atom_site.auth_comp_id 
_atom_site.auth_asym_id 
_atom_site.auth_atom_id 
_atom_site.pdbx_PDB_model_num 
ATOM   1    N  N   . SER A 1 2  ? -14.560 -14.744 -11.382 1.00 32.08 ?  22  SER A N   1 
ATOM   2    C  CA  . SER A 1 2  ? -14.049 -13.377 -11.428 1.00 25.83 ?  22  SER A CA  1 
ATOM   3    C  C   . SER A 1 2  ? -13.094 -13.111 -10.270 1.00 18.01 ?  22  SER A C   1 
ATOM   4    O  O   . SER A 1 2  ? -12.870 -13.981 -9.428  1.00 23.33 ?  22  SER A O   1 
ATOM   5    C  CB  . SER A 1 2  ? -15.200 -12.369 -11.404 1.00 31.73 ?  22  SER A CB  1 
ATOM   6    O  OG  . SER A 1 2  ? -16.012 -12.491 -12.559 1.00 39.29 ?  22  SER A OG  1 
ATOM   7    N  N   . SER A 1 3  ? -12.534 -11.905 -10.232 1.00 19.14 ?  23  SER A N   1 
ATOM   8    C  CA  . SER A 1 3  ? -11.582 -11.526 -9.201  1.00 17.23 ?  23  SER A CA  1 
ATOM   9    C  C   . SER A 1 3  ? -11.924 -10.137 -8.682  1.00 19.64 ?  23  SER A C   1 
ATOM   10   O  O   . SER A 1 3  ? -12.530 -9.325  -9.385  1.00 18.75 ?  23  SER A O   1 
ATOM   11   C  CB  . SER A 1 3  ? -10.142 -11.555 -9.731  1.00 13.37 ?  23  SER A CB  1 
ATOM   12   O  OG  . SER A 1 3  ? -9.800  -12.848 -10.200 1.00 13.14 ?  23  SER A OG  1 
ATOM   13   N  N   . ASP A 1 4  ? -11.525 -9.874  -7.442  1.00 16.53 ?  24  ASP A N   1 
ATOM   14   C  CA  . ASP A 1 4  ? -11.788 -8.578  -6.838  1.00 16.48 ?  24  ASP A CA  1 
ATOM   15   C  C   . ASP A 1 4  ? -10.998 -7.488  -7.558  1.00 14.64 ?  24  ASP A C   1 
ATOM   16   O  O   . ASP A 1 4  ? -9.866  -7.723  -7.992  1.00 12.65 ?  24  ASP A O   1 
ATOM   17   C  CB  . ASP A 1 4  ? -11.420 -8.590  -5.354  1.00 20.13 ?  24  ASP A CB  1 
ATOM   18   C  CG  . ASP A 1 4  ? -12.361 -9.443  -4.530  1.00 31.26 ?  24  ASP A CG  1 
ATOM   19   O  OD1 . ASP A 1 4  ? -13.556 -9.517  -4.881  1.00 38.81 ?  24  ASP A OD1 1 
ATOM   20   O  OD2 . ASP A 1 4  ? -11.906 -10.040 -3.531  1.00 34.92 -1 24  ASP A OD2 1 
ATOM   21   N  N   . PRO A 1 5  ? -11.566 -6.286  -7.697  1.00 17.51 ?  25  PRO A N   1 
ATOM   22   C  CA  . PRO A 1 5  ? -10.818 -5.205  -8.360  1.00 13.89 ?  25  PRO A CA  1 
ATOM   23   C  C   . PRO A 1 5  ? -9.464  -4.937  -7.729  1.00 13.03 ?  25  PRO A C   1 
ATOM   24   O  O   . PRO A 1 5  ? -8.511  -4.595  -8.439  1.00 13.23 ?  25  PRO A O   1 
ATOM   25   C  CB  . PRO A 1 5  ? -11.761 -4.002  -8.227  1.00 14.71 ?  25  PRO A CB  1 
ATOM   26   C  CG  . PRO A 1 5  ? -13.121 -4.602  -8.087  1.00 18.74 ?  25  PRO A CG  1 
ATOM   27   C  CD  . PRO A 1 5  ? -12.922 -5.869  -7.307  1.00 18.25 ?  25  PRO A CD  1 
ATOM   28   N  N   . LEU A 1 6  ? -9.347  -5.085  -6.407  1.00 13.32 ?  26  LEU A N   1 
ATOM   29   C  CA  . LEU A 1 6  ? -8.055  -4.894  -5.756  1.00 15.27 ?  26  LEU A CA  1 
ATOM   30   C  C   . LEU A 1 6  ? -7.058  -5.952  -6.214  1.00 9.49  ?  26  LEU A C   1 
ATOM   31   O  O   . LEU A 1 6  ? -5.858  -5.677  -6.338  1.00 7.68  ?  26  LEU A O   1 
ATOM   32   C  CB  . LEU A 1 6  ? -8.224  -4.927  -4.237  1.00 18.91 ?  26  LEU A CB  1 
ATOM   33   C  CG  . LEU A 1 6  ? -7.105  -4.307  -3.399  1.00 25.39 ?  26  LEU A CG  1 
ATOM   34   C  CD1 . LEU A 1 6  ? -6.943  -2.833  -3.733  1.00 19.58 ?  26  LEU A CD1 1 
ATOM   35   C  CD2 . LEU A 1 6  ? -7.380  -4.498  -1.914  1.00 14.89 ?  26  LEU A CD2 1 
ATOM   36   N  N   . VAL A 1 7  ? -7.539  -7.169  -6.471  1.00 7.65  ?  27  VAL A N   1 
ATOM   37   C  CA  . VAL A 1 7  ? -6.670  -8.222  -6.987  1.00 7.14  ?  27  VAL A CA  1 
ATOM   38   C  C   . VAL A 1 7  ? -6.298  -7.941  -8.438  1.00 10.01 ?  27  VAL A C   1 
ATOM   39   O  O   . VAL A 1 7  ? -5.148  -8.138  -8.848  1.00 10.66 ?  27  VAL A O   1 
ATOM   40   C  CB  . VAL A 1 7  ? -7.347  -9.595  -6.829  1.00 7.40  ?  27  VAL A CB  1 
ATOM   41   C  CG1 . VAL A 1 7  ? -6.513  -10.691 -7.483  1.00 8.88  ?  27  VAL A CG1 1 
ATOM   42   C  CG2 . VAL A 1 7  ? -7.585  -9.899  -5.357  1.00 7.44  ?  27  VAL A CG2 1 
ATOM   43   N  N   . VAL A 1 8  ? -7.261  -7.473  -9.235  1.00 8.48  ?  28  VAL A N   1 
ATOM   44   C  CA  . VAL A 1 8  ? -6.973  -7.127  -10.624 1.00 8.56  ?  28  VAL A CA  1 
ATOM   45   C  C   . VAL A 1 8  ? -5.958  -5.993  -10.689 1.00 14.53 ?  28  VAL A C   1 
ATOM   46   O  O   . VAL A 1 8  ? -5.019  -6.025  -11.496 1.00 8.96  ?  28  VAL A O   1 
ATOM   47   C  CB  . VAL A 1 8  ? -8.272  -6.769  -11.367 1.00 11.29 ?  28  VAL A CB  1 
ATOM   48   C  CG1 . VAL A 1 8  ? -7.975  -6.445  -12.826 1.00 13.40 ?  28  VAL A CG1 1 
ATOM   49   C  CG2 . VAL A 1 8  ? -9.276  -7.907  -11.260 1.00 12.65 ?  28  VAL A CG2 1 
ATOM   50   N  N   . ALA A 1 9  ? -6.131  -4.973  -9.847  1.00 9.90  ?  29  ALA A N   1 
ATOM   51   C  CA  . ALA A 1 9  ? -5.176  -3.869  -9.814  1.00 9.80  ?  29  ALA A CA  1 
ATOM   52   C  C   . ALA A 1 9  ? -3.787  -4.365  -9.434  1.00 9.23  ?  29  ALA A C   1 
ATOM   53   O  O   . ALA A 1 9  ? -2.787  -3.995  -10.061 1.00 8.54  ?  29  ALA A O   1 
ATOM   54   C  CB  . ALA A 1 9  ? -5.654  -2.791  -8.839  1.00 11.13 ?  29  ALA A CB  1 
ATOM   55   N  N   . ALA A 1 10 ? -3.705  -5.206  -8.400  1.00 9.76  ?  30  ALA A N   1 
ATOM   56   C  CA  . ALA A 1 10 ? -2.413  -5.745  -7.987  1.00 10.05 ?  30  ALA A CA  1 
ATOM   57   C  C   . ALA A 1 10 ? -1.799  -6.622  -9.071  1.00 8.59  ?  30  ALA A C   1 
ATOM   58   O  O   . ALA A 1 10 ? -0.571  -6.736  -9.156  1.00 12.20 ?  30  ALA A O   1 
ATOM   59   C  CB  . ALA A 1 10 ? -2.565  -6.535  -6.687  1.00 9.81  ?  30  ALA A CB  1 
ATOM   60   N  N   . SER A 1 11 ? -2.632  -7.251  -9.903  1.00 10.06 ?  31  SER A N   1 
ATOM   61   C  CA  . SER A 1 11 ? -2.109  -8.032  -11.018 1.00 6.98  ?  31  SER A CA  1 
ATOM   62   C  C   . SER A 1 11 ? -1.443  -7.129  -12.050 1.00 13.65 ?  31  SER A C   1 
ATOM   63   O  O   . SER A 1 11 ? -0.319  -7.395  -12.491 1.00 9.52  ?  31  SER A O   1 
ATOM   64   C  CB  . SER A 1 11 ? -3.230  -8.851  -11.658 1.00 8.97  ?  31  SER A CB  1 
ATOM   65   O  OG  . SER A 1 11 ? -3.816  -9.732  -10.716 1.00 11.53 ?  31  SER A OG  1 
ATOM   66   N  N   . ILE A 1 12 ? -2.129  -6.056  -12.448 1.00 8.59  ?  32  ILE A N   1 
ATOM   67   C  CA  . ILE A 1 12 ? -1.529  -5.079  -13.352 1.00 10.15 ?  32  ILE A CA  1 
ATOM   68   C  C   . ILE A 1 12 ? -0.239  -4.533  -12.753 1.00 12.20 ?  32  ILE A C   1 
ATOM   69   O  O   . ILE A 1 12 ? 0.789   -4.429  -13.431 1.00 8.84  ?  32  ILE A O   1 
ATOM   70   C  CB  . ILE A 1 12 ? -2.532  -3.950  -13.656 1.00 8.75  ?  32  ILE A CB  1 
ATOM   71   C  CG1 . ILE A 1 12 ? -3.831  -4.529  -14.219 1.00 15.10 ?  32  ILE A CG1 1 
ATOM   72   C  CG2 . ILE A 1 12 ? -1.924  -2.937  -14.615 1.00 12.31 ?  32  ILE A CG2 1 
ATOM   73   C  CD1 . ILE A 1 12 ? -4.953  -3.518  -14.337 1.00 10.39 ?  32  ILE A CD1 1 
ATOM   74   N  N   . ILE A 1 13 ? -0.276  -4.183  -11.465 1.00 7.75  ?  33  ILE A N   1 
ATOM   75   C  CA  . ILE A 1 13 ? 0.899   -3.617  -10.811 1.00 6.83  ?  33  ILE A CA  1 
ATOM   76   C  C   . ILE A 1 13 ? 2.010   -4.655  -10.705 1.00 10.84 ?  33  ILE A C   1 
ATOM   77   O  O   . ILE A 1 13 ? 3.196   -4.331  -10.845 1.00 8.40  ?  33  ILE A O   1 
ATOM   78   C  CB  . ILE A 1 13 ? 0.513   -3.050  -9.432  1.00 7.82  ?  33  ILE A CB  1 
ATOM   79   C  CG1 . ILE A 1 13 ? -0.394  -1.827  -9.599  1.00 13.10 ?  33  ILE A CG1 1 
ATOM   80   C  CG2 . ILE A 1 13 ? 1.757   -2.708  -8.623  1.00 10.21 ?  33  ILE A CG2 1 
ATOM   81   C  CD1 . ILE A 1 13 ? -0.875  -1.233  -8.294  1.00 16.91 ?  33  ILE A CD1 1 
ATOM   82   N  N   . GLY A 1 14 ? 1.651   -5.915  -10.454 1.00 8.33  ?  34  GLY A N   1 
ATOM   83   C  CA  . GLY A 1 14 ? 2.660   -6.960  -10.398 1.00 10.23 ?  34  GLY A CA  1 
ATOM   84   C  C   . GLY A 1 14 ? 3.369   -7.152  -11.723 1.00 8.32  ?  34  GLY A C   1 
ATOM   85   O  O   . GLY A 1 14 ? 4.596   -7.285  -11.771 1.00 8.59  ?  34  GLY A O   1 
ATOM   86   N  N   . ILE A 1 15 ? 2.609   -7.174  -12.819 1.00 7.06  ?  35  ILE A N   1 
ATOM   87   C  CA  . ILE A 1 15 ? 3.214   -7.284  -14.144 1.00 8.85  ?  35  ILE A CA  1 
ATOM   88   C  C   . ILE A 1 15 ? 4.149   -6.108  -14.394 1.00 11.97 ?  35  ILE A C   1 
ATOM   89   O  O   . ILE A 1 15 ? 5.295   -6.282  -14.827 1.00 12.54 ?  35  ILE A O   1 
ATOM   90   C  CB  . ILE A 1 15 ? 2.120   -7.383  -15.223 1.00 8.52  ?  35  ILE A CB  1 
ATOM   91   C  CG1 . ILE A 1 15 ? 1.294   -8.655  -15.020 1.00 7.00  ?  35  ILE A CG1 1 
ATOM   92   C  CG2 . ILE A 1 15 ? 2.734   -7.353  -16.615 1.00 9.55  ?  35  ILE A CG2 1 
ATOM   93   C  CD1 . ILE A 1 15 ? 0.067   -8.743  -15.905 1.00 9.59  ?  35  ILE A CD1 1 
ATOM   94   N  N   . LEU A 1 16 ? 3.675   -4.890  -14.119 1.00 10.97 ?  36  LEU A N   1 
ATOM   95   C  CA  . LEU A 1 16 ? 4.528   -3.714  -14.261 1.00 10.45 ?  36  LEU A CA  1 
ATOM   96   C  C   . LEU A 1 16 ? 5.771   -3.824  -13.387 1.00 9.91  ?  36  LEU A C   1 
ATOM   97   O  O   . LEU A 1 16 ? 6.854   -3.369  -13.773 1.00 5.34  ?  36  LEU A O   1 
ATOM   98   C  CB  . LEU A 1 16 ? 3.740   -2.452  -13.911 1.00 13.99 ?  36  LEU A CB  1 
ATOM   99   C  CG  . LEU A 1 16 ? 4.546   -1.158  -13.777 1.00 19.77 ?  36  LEU A CG  1 
ATOM   100  C  CD1 . LEU A 1 16 ? 5.113   -0.729  -15.124 1.00 21.50 ?  36  LEU A CD1 1 
ATOM   101  C  CD2 . LEU A 1 16 ? 3.698   -0.051  -13.166 1.00 31.48 ?  36  LEU A CD2 1 
ATOM   102  N  N   . HIS A 1 17 ? 5.634   -4.424  -12.203 1.00 7.51  ?  37  HIS A N   1 
ATOM   103  C  CA  . HIS A 1 17 ? 6.766   -4.534  -11.290 1.00 10.13 ?  37  HIS A CA  1 
ATOM   104  C  C   . HIS A 1 17 ? 7.879   -5.382  -11.897 1.00 11.16 ?  37  HIS A C   1 
ATOM   105  O  O   . HIS A 1 17 ? 9.053   -4.996  -11.873 1.00 11.87 ?  37  HIS A O   1 
ATOM   106  C  CB  . HIS A 1 17 ? 6.299   -5.120  -9.956  1.00 9.91  ?  37  HIS A CB  1 
ATOM   107  C  CG  . HIS A 1 17 ? 7.307   -5.009  -8.855  1.00 15.28 ?  37  HIS A CG  1 
ATOM   108  N  ND1 . HIS A 1 17 ? 7.043   -5.411  -7.564  1.00 18.45 ?  37  HIS A ND1 1 
ATOM   109  C  CD2 . HIS A 1 17 ? 8.578   -4.540  -8.851  1.00 11.68 ?  37  HIS A CD2 1 
ATOM   110  C  CE1 . HIS A 1 17 ? 8.109   -5.196  -6.812  1.00 10.64 ?  37  HIS A CE1 1 
ATOM   111  N  NE2 . HIS A 1 17 ? 9.054   -4.670  -7.570  1.00 15.03 ?  37  HIS A NE2 1 
ATOM   112  N  N   . LEU A 1 18 ? 7.525   -6.547  -12.445 1.00 10.25 ?  38  LEU A N   1 
ATOM   113  C  CA  . LEU A 1 18 ? 8.533   -7.401  -13.064 1.00 10.49 ?  38  LEU A CA  1 
ATOM   114  C  C   . LEU A 1 18 ? 9.162   -6.720  -14.275 1.00 12.56 ?  38  LEU A C   1 
ATOM   115  O  O   . LEU A 1 18 ? 10.370  -6.844  -14.507 1.00 8.60  ?  38  LEU A O   1 
ATOM   116  C  CB  . LEU A 1 18 ? 7.916   -8.741  -13.460 1.00 12.31 ?  38  LEU A CB  1 
ATOM   117  C  CG  . LEU A 1 18 ? 8.878   -9.749  -14.091 1.00 11.68 ?  38  LEU A CG  1 
ATOM   118  C  CD1 . LEU A 1 18 ? 10.009  -10.078 -13.129 1.00 16.34 ?  38  LEU A CD1 1 
ATOM   119  C  CD2 . LEU A 1 18 ? 8.143   -11.013 -14.506 1.00 14.14 ?  38  LEU A CD2 1 
ATOM   120  N  N   . ILE A 1 19 ? 8.358   -5.998  -15.057 1.00 6.20  ?  39  ILE A N   1 
ATOM   121  C  CA  . ILE A 1 19 ? 8.890   -5.287  -16.217 1.00 10.50 ?  39  ILE A CA  1 
ATOM   122  C  C   . ILE A 1 19 ? 9.962   -4.294  -15.783 1.00 13.12 ?  39  ILE A C   1 
ATOM   123  O  O   . ILE A 1 19 ? 11.054  -4.237  -16.361 1.00 14.06 ?  39  ILE A O   1 
ATOM   124  C  CB  . ILE A 1 19 ? 7.754   -4.592  -16.988 1.00 14.44 ?  39  ILE A CB  1 
ATOM   125  C  CG1 . ILE A 1 19 ? 6.829   -5.633  -17.622 1.00 15.29 ?  39  ILE A CG1 1 
ATOM   126  C  CG2 . ILE A 1 19 ? 8.321   -3.649  -18.039 1.00 13.07 ?  39  ILE A CG2 1 
ATOM   127  C  CD1 . ILE A 1 19 ? 5.640   -5.039  -18.345 1.00 16.52 ?  39  ILE A CD1 1 
ATOM   128  N  N   . LEU A 1 20 ? 9.664   -3.495  -14.756 1.00 10.77 ?  40  LEU A N   1 
ATOM   129  C  CA  . LEU A 1 20 ? 10.652  -2.548  -14.249 1.00 12.46 ?  40  LEU A CA  1 
ATOM   130  C  C   . LEU A 1 20 ? 11.870  -3.269  -13.686 1.00 10.64 ?  40  LEU A C   1 
ATOM   131  O  O   . LEU A 1 20 ? 13.005  -2.804  -13.845 1.00 12.20 ?  40  LEU A O   1 
ATOM   132  C  CB  . LEU A 1 20 ? 10.021  -1.651  -13.184 1.00 19.39 ?  40  LEU A CB  1 
ATOM   133  C  CG  . LEU A 1 20 ? 8.922   -0.699  -13.661 1.00 16.63 ?  40  LEU A CG  1 
ATOM   134  C  CD1 . LEU A 1 20 ? 8.258   -0.012  -12.481 1.00 17.15 ?  40  LEU A CD1 1 
ATOM   135  C  CD2 . LEU A 1 20 ? 9.493   0.325   -14.624 1.00 14.98 ?  40  LEU A CD2 1 
ATOM   136  N  N   . TRP A 1 21 ? 11.655  -4.408  -13.024 1.00 11.64 ?  41  TRP A N   1 
ATOM   137  C  CA  . TRP A 1 21 ? 12.773  -5.156  -12.459 1.00 12.59 ?  41  TRP A CA  1 
ATOM   138  C  C   . TRP A 1 21 ? 13.690  -5.689  -13.554 1.00 13.42 ?  41  TRP A C   1 
ATOM   139  O  O   . TRP A 1 21 ? 14.918  -5.682  -13.402 1.00 12.82 ?  41  TRP A O   1 
ATOM   140  C  CB  . TRP A 1 21 ? 12.252  -6.298  -11.588 1.00 9.07  ?  41  TRP A CB  1 
ATOM   141  C  CG  . TRP A 1 21 ? 13.321  -6.997  -10.803 1.00 13.43 ?  41  TRP A CG  1 
ATOM   142  C  CD1 . TRP A 1 21 ? 13.708  -6.725  -9.525  1.00 8.55  ?  41  TRP A CD1 1 
ATOM   143  C  CD2 . TRP A 1 21 ? 14.143  -8.085  -11.249 1.00 16.42 ?  41  TRP A CD2 1 
ATOM   144  N  NE1 . TRP A 1 21 ? 14.720  -7.574  -9.145  1.00 19.57 ?  41  TRP A NE1 1 
ATOM   145  C  CE2 . TRP A 1 21 ? 15.005  -8.419  -10.186 1.00 16.41 ?  41  TRP A CE2 1 
ATOM   146  C  CE3 . TRP A 1 21 ? 14.232  -8.806  -12.443 1.00 12.77 ?  41  TRP A CE3 1 
ATOM   147  C  CZ2 . TRP A 1 21 ? 15.944  -9.444  -10.281 1.00 23.12 ?  41  TRP A CZ2 1 
ATOM   148  C  CZ3 . TRP A 1 21 ? 15.165  -9.823  -12.535 1.00 19.44 ?  41  TRP A CZ3 1 
ATOM   149  C  CH2 . TRP A 1 21 ? 16.009  -10.133 -11.461 1.00 18.98 ?  41  TRP A CH2 1 
ATOM   150  N  N   . ILE A 1 22 ? 13.115  -6.153  -14.665 1.00 11.59 ?  42  ILE A N   1 
ATOM   151  C  CA  . ILE A 1 22 ? 13.929  -6.650  -15.770 1.00 14.89 ?  42  ILE A CA  1 
ATOM   152  C  C   . ILE A 1 22 ? 14.702  -5.508  -16.418 1.00 12.73 ?  42  ILE A C   1 
ATOM   153  O  O   . ILE A 1 22 ? 15.922  -5.589  -16.604 1.00 19.13 ?  42  ILE A O   1 
ATOM   154  C  CB  . ILE A 1 22 ? 13.051  -7.392  -16.795 1.00 14.14 ?  42  ILE A CB  1 
ATOM   155  C  CG1 . ILE A 1 22 ? 12.541  -8.707  -16.202 1.00 10.93 ?  42  ILE A CG1 1 
ATOM   156  C  CG2 . ILE A 1 22 ? 13.823  -7.638  -18.084 1.00 12.20 ?  42  ILE A CG2 1 
ATOM   157  C  CD1 . ILE A 1 22 ? 11.671  -9.507  -17.147 1.00 14.82 ?  42  ILE A CD1 1 
ATOM   158  N  N   . LEU A 1 23 ? 14.003  -4.427  -16.772 1.00 12.78 ?  43  LEU A N   1 
ATOM   159  C  CA  . LEU A 1 23 ? 14.665  -3.279  -17.382 1.00 14.28 ?  43  LEU A CA  1 
ATOM   160  C  C   . LEU A 1 23 ? 15.841  -2.807  -16.534 1.00 16.93 ?  43  LEU A C   1 
ATOM   161  O  O   . LEU A 1 23 ? 16.948  -2.599  -17.043 1.00 17.48 ?  43  LEU A O   1 
ATOM   162  C  CB  . LEU A 1 23 ? 13.658  -2.146  -17.589 1.00 15.69 ?  43  LEU A CB  1 
ATOM   163  C  CG  . LEU A 1 23 ? 12.495  -2.438  -18.542 1.00 14.41 ?  43  LEU A CG  1 
ATOM   164  C  CD1 . LEU A 1 23 ? 11.473  -1.309  -18.517 1.00 10.45 ?  43  LEU A CD1 1 
ATOM   165  C  CD2 . LEU A 1 23 ? 13.006  -2.666  -19.957 1.00 16.64 ?  43  LEU A CD2 1 
ATOM   166  N  N   . ASP A 1 24 ? 15.618  -2.637  -15.229 1.00 13.05 ?  44  ASP A N   1 
ATOM   167  C  CA  . ASP A 1 24 ? 16.695  -2.219  -14.341 1.00 13.49 ?  44  ASP A CA  1 
ATOM   168  C  C   . ASP A 1 24 ? 17.776  -3.285  -14.213 1.00 21.00 ?  44  ASP A C   1 
ATOM   169  O  O   . ASP A 1 24 ? 18.917  -2.960  -13.865 1.00 25.58 ?  44  ASP A O   1 
ATOM   170  C  CB  . ASP A 1 24 ? 16.121  -1.861  -12.968 1.00 27.56 ?  44  ASP A CB  1 
ATOM   171  C  CG  . ASP A 1 24 ? 17.194  -1.514  -11.953 1.00 24.53 ?  44  ASP A CG  1 
ATOM   172  O  OD1 . ASP A 1 24 ? 17.669  -2.431  -11.252 1.00 37.37 ?  44  ASP A OD1 1 
ATOM   173  O  OD2 . ASP A 1 24 ? 17.569  -0.325  -11.865 1.00 32.24 -1 44  ASP A OD2 1 
ATOM   174  N  N   . ARG A 1 25 ? 17.444  -4.545  -14.498 1.00 18.48 ?  45  ARG A N   1 
ATOM   175  C  CA  . ARG A 1 25 ? 18.429  -5.616  -14.444 1.00 15.84 ?  45  ARG A CA  1 
ATOM   176  C  C   . ARG A 1 25 ? 19.236  -5.713  -15.733 1.00 21.18 ?  45  ARG A C   1 
ATOM   177  O  O   . ARG A 1 25 ? 20.404  -6.116  -15.699 1.00 21.68 ?  45  ARG A O   1 
ATOM   178  C  CB  . ARG A 1 25 ? 17.730  -6.944  -14.154 1.00 20.96 ?  45  ARG A CB  1 
ATOM   179  C  CG  . ARG A 1 25 ? 18.662  -8.135  -14.026 1.00 27.55 ?  45  ARG A CG  1 
ATOM   180  C  CD  . ARG A 1 25 ? 19.717  -7.896  -12.963 1.00 22.43 ?  45  ARG A CD  1 
ATOM   181  N  NE  . ARG A 1 25 ? 20.530  -9.085  -12.725 1.00 24.08 ?  45  ARG A NE  1 
ATOM   182  C  CZ  . ARG A 1 25 ? 21.624  -9.393  -13.413 1.00 28.82 ?  45  ARG A CZ  1 
ATOM   183  N  NH1 . ARG A 1 25 ? 22.045  -8.602  -14.390 1.00 31.40 1  45  ARG A NH1 1 
ATOM   184  N  NH2 . ARG A 1 25 ? 22.298  -10.495 -13.122 1.00 36.59 ?  45  ARG A NH2 1 
ATOM   185  N  N   . LEU A 1 26 ? 18.643  -5.350  -16.866 1.00 21.78 ?  46  LEU A N   1 
ATOM   186  C  CA  . LEU A 1 26 ? 19.327  -5.414  -18.152 1.00 24.28 ?  46  LEU A CA  1 
ATOM   187  C  C   . LEU A 1 26 ? 20.066  -4.113  -18.447 1.00 26.39 ?  46  LEU A C   1 
ATOM   188  O  O   . LEU A 1 26 ? 21.243  -4.123  -18.810 1.00 34.86 ?  46  LEU A O   1 
ATOM   189  C  CB  . LEU A 1 26 ? 18.334  -5.721  -19.277 1.00 14.37 ?  46  LEU A CB  1 
ATOM   190  C  CG  . LEU A 1 26 ? 17.601  -7.064  -19.234 1.00 18.12 ?  46  LEU A CG  1 
ATOM   191  C  CD1 . LEU A 1 26 ? 16.660  -7.197  -20.419 1.00 20.58 ?  46  LEU A CD1 1 
ATOM   192  C  CD2 . LEU A 1 26 ? 18.593  -8.213  -19.206 1.00 15.00 ?  46  LEU A CD2 1 
HETATM 193  C  C   . ACE B 1 1  ? -15.618 -10.879 -7.222  1.00 27.62 ?  21  ACE B C   1 
HETATM 194  O  O   . ACE B 1 1  ? -15.519 -9.833  -6.586  1.00 32.98 ?  21  ACE B O   1 
HETATM 195  C  CH3 . ACE B 1 1  ? -16.152 -10.913 -8.624  1.00 29.64 ?  21  ACE B CH3 1 
ATOM   196  N  N   . SER B 1 2  ? -15.253 -12.056 -6.722  1.00 27.18 ?  22  SER B N   1 
ATOM   197  C  CA  . SER B 1 2  ? -14.712 -12.191 -5.374  1.00 24.07 ?  22  SER B CA  1 
ATOM   198  C  C   . SER B 1 2  ? -13.416 -12.998 -5.388  1.00 21.93 ?  22  SER B C   1 
ATOM   199  O  O   . SER B 1 2  ? -13.215 -13.851 -6.252  1.00 16.96 ?  22  SER B O   1 
ATOM   200  C  CB  . SER B 1 2  ? -15.735 -12.851 -4.447  1.00 27.52 ?  22  SER B CB  1 
ATOM   201  O  OG  . SER B 1 2  ? -16.877 -12.030 -4.275  1.00 42.48 ?  22  SER B OG  1 
ATOM   202  N  N   . SER B 1 3  ? -12.537 -12.719 -4.428  1.00 17.23 ?  23  SER B N   1 
ATOM   203  C  CA  . SER B 1 3  ? -11.240 -13.371 -4.342  1.00 14.50 ?  23  SER B CA  1 
ATOM   204  C  C   . SER B 1 3  ? -11.013 -13.882 -2.927  1.00 18.38 ?  23  SER B C   1 
ATOM   205  O  O   . SER B 1 3  ? -11.618 -13.403 -1.964  1.00 10.87 ?  23  SER B O   1 
ATOM   206  C  CB  . SER B 1 3  ? -10.105 -12.418 -4.744  1.00 12.43 ?  23  SER B CB  1 
ATOM   207  O  OG  . SER B 1 3  ? -10.305 -11.907 -6.051  1.00 16.70 ?  23  SER B OG  1 
ATOM   208  N  N   . ASP B 1 4  ? -10.126 -14.864 -2.813  1.00 16.49 ?  24  ASP B N   1 
ATOM   209  C  CA  . ASP B 1 4  ? -9.794  -15.411 -1.507  1.00 13.55 ?  24  ASP B CA  1 
ATOM   210  C  C   . ASP B 1 4  ? -9.173  -14.323 -0.633  1.00 12.93 ?  24  ASP B C   1 
ATOM   211  O  O   . ASP B 1 4  ? -8.374  -13.514 -1.121  1.00 11.80 ?  24  ASP B O   1 
ATOM   212  C  CB  . ASP B 1 4  ? -8.827  -16.587 -1.651  1.00 12.74 ?  24  ASP B CB  1 
ATOM   213  C  CG  . ASP B 1 4  ? -8.579  -17.302 -0.336  1.00 23.72 ?  24  ASP B CG  1 
ATOM   214  O  OD1 . ASP B 1 4  ? -9.329  -18.252 -0.024  1.00 31.43 ?  24  ASP B OD1 1 
ATOM   215  O  OD2 . ASP B 1 4  ? -7.639  -16.910 0.388   1.00 23.31 -1 24  ASP B OD2 1 
ATOM   216  N  N   . PRO B 1 5  ? -9.516  -14.269 0.657   1.00 14.82 ?  25  PRO B N   1 
ATOM   217  C  CA  . PRO B 1 5  ? -8.927  -13.231 1.523   1.00 14.45 ?  25  PRO B CA  1 
ATOM   218  C  C   . PRO B 1 5  ? -7.409  -13.231 1.520   1.00 10.47 ?  25  PRO B C   1 
ATOM   219  O  O   . PRO B 1 5  ? -6.795  -12.159 1.587   1.00 11.25 ?  25  PRO B O   1 
ATOM   220  C  CB  . PRO B 1 5  ? -9.500  -13.572 2.906   1.00 14.35 ?  25  PRO B CB  1 
ATOM   221  C  CG  . PRO B 1 5  ? -10.774 -14.294 2.616   1.00 22.66 ?  25  PRO B CG  1 
ATOM   222  C  CD  . PRO B 1 5  ? -10.513 -15.089 1.367   1.00 17.28 ?  25  PRO B CD  1 
ATOM   223  N  N   . LEU B 1 6  ? -6.781  -14.408 1.452   1.00 10.50 ?  26  LEU B N   1 
ATOM   224  C  CA  . LEU B 1 6  ? -5.324  -14.458 1.386   1.00 12.37 ?  26  LEU B CA  1 
ATOM   225  C  C   . LEU B 1 6  ? -4.803  -13.854 0.089   1.00 12.53 ?  26  LEU B C   1 
ATOM   226  O  O   . LEU B 1 6  ? -3.681  -13.337 0.054   1.00 9.71  ?  26  LEU B O   1 
ATOM   227  C  CB  . LEU B 1 6  ? -4.839  -15.899 1.531   1.00 13.73 ?  26  LEU B CB  1 
ATOM   228  C  CG  . LEU B 1 6  ? -3.331  -16.107 1.393   1.00 16.62 ?  26  LEU B CG  1 
ATOM   229  C  CD1 . LEU B 1 6  ? -2.579  -15.234 2.386   1.00 15.26 ?  26  LEU B CD1 1 
ATOM   230  C  CD2 . LEU B 1 6  ? -2.975  -17.571 1.583   1.00 21.04 ?  26  LEU B CD2 1 
ATOM   231  N  N   . VAL B 1 7  ? -5.597  -13.912 -0.980  1.00 9.37  ?  27  VAL B N   1 
ATOM   232  C  CA  . VAL B 1 7  ? -5.207  -13.271 -2.233  1.00 11.40 ?  27  VAL B CA  1 
ATOM   233  C  C   . VAL B 1 7  ? -5.362  -11.760 -2.124  1.00 11.35 ?  27  VAL B C   1 
ATOM   234  O  O   . VAL B 1 7  ? -4.537  -10.997 -2.643  1.00 8.97  ?  27  VAL B O   1 
ATOM   235  C  CB  . VAL B 1 7  ? -6.029  -13.848 -3.399  1.00 10.62 ?  27  VAL B CB  1 
ATOM   236  C  CG1 . VAL B 1 7  ? -5.657  -13.165 -4.707  1.00 8.19  ?  27  VAL B CG1 1 
ATOM   237  C  CG2 . VAL B 1 7  ? -5.821  -15.352 -3.497  1.00 9.04  ?  27  VAL B CG2 1 
ATOM   238  N  N   . VAL B 1 8  ? -6.417  -11.301 -1.446  1.00 9.80  ?  28  VAL B N   1 
ATOM   239  C  CA  . VAL B 1 8  ? -6.599  -9.868  -1.228  1.00 13.23 ?  28  VAL B CA  1 
ATOM   240  C  C   . VAL B 1 8  ? -5.476  -9.317  -0.362  1.00 10.68 ?  28  VAL B C   1 
ATOM   241  O  O   . VAL B 1 8  ? -4.970  -8.213  -0.601  1.00 10.39 ?  28  VAL B O   1 
ATOM   242  C  CB  . VAL B 1 8  ? -7.982  -9.594  -0.607  1.00 15.65 ?  28  VAL B CB  1 
ATOM   243  C  CG1 . VAL B 1 8  ? -8.135  -8.115  -0.272  1.00 10.60 ?  28  VAL B CG1 1 
ATOM   244  C  CG2 . VAL B 1 8  ? -9.088  -10.051 -1.550  1.00 13.50 ?  28  VAL B CG2 1 
ATOM   245  N  N   . ALA B 1 9  ? -5.067  -10.073 0.659   1.00 8.76  ?  29  ALA B N   1 
ATOM   246  C  CA  . ALA B 1 9  ? -3.943  -9.648  1.489   1.00 6.83  ?  29  ALA B CA  1 
ATOM   247  C  C   . ALA B 1 9  ? -2.664  -9.555  0.665   1.00 7.15  ?  29  ALA B C   1 
ATOM   248  O  O   . ALA B 1 9  ? -1.914  -8.577  0.767   1.00 7.34  ?  29  ALA B O   1 
ATOM   249  C  CB  . ALA B 1 9  ? -3.765  -10.610 2.663   1.00 8.20  ?  29  ALA B CB  1 
ATOM   250  N  N   . ALA B 1 10 ? -2.399  -10.570 -0.161  1.00 6.12  ?  30  ALA B N   1 
ATOM   251  C  CA  . ALA B 1 10 ? -1.213  -10.540 -1.010  1.00 9.20  ?  30  ALA B CA  1 
ATOM   252  C  C   . ALA B 1 10 ? -1.285  -9.421  -2.041  1.00 8.93  ?  30  ALA B C   1 
ATOM   253  O  O   . ALA B 1 10 ? -0.245  -8.910  -2.471  1.00 8.79  ?  30  ALA B O   1 
ATOM   254  C  CB  . ALA B 1 10 ? -1.027  -11.890 -1.703  1.00 7.32  ?  30  ALA B CB  1 
ATOM   255  N  N   . SER B 1 11 ? -2.495  -9.034  -2.455  1.00 9.01  ?  31  SER B N   1 
ATOM   256  C  CA  . SER B 1 11 ? -2.637  -7.922  -3.388  1.00 13.50 ?  31  SER B CA  1 
ATOM   257  C  C   . SER B 1 11 ? -2.246  -6.606  -2.727  1.00 10.10 ?  31  SER B C   1 
ATOM   258  O  O   . SER B 1 11 ? -1.535  -5.787  -3.323  1.00 9.40  ?  31  SER B O   1 
ATOM   259  C  CB  . SER B 1 11 ? -4.071  -7.858  -3.913  1.00 6.57  ?  31  SER B CB  1 
ATOM   260  O  OG  . SER B 1 11 ? -4.404  -9.039  -4.623  1.00 14.22 ?  31  SER B OG  1 
ATOM   261  N  N   . ILE B 1 12 ? -2.709  -6.381  -1.496  1.00 8.94  ?  32  ILE B N   1 
ATOM   262  C  CA  . ILE B 1 12 ? -2.308  -5.186  -0.761  1.00 10.94 ?  32  ILE B CA  1 
ATOM   263  C  C   . ILE B 1 12 ? -0.799  -5.173  -0.556  1.00 9.16  ?  32  ILE B C   1 
ATOM   264  O  O   . ILE B 1 12 ? -0.147  -4.129  -0.672  1.00 11.97 ?  32  ILE B O   1 
ATOM   265  C  CB  . ILE B 1 12 ? -3.061  -5.106  0.580   1.00 6.61  ?  32  ILE B CB  1 
ATOM   266  C  CG1 . ILE B 1 12 ? -4.570  -5.012  0.336   1.00 10.47 ?  32  ILE B CG1 1 
ATOM   267  C  CG2 . ILE B 1 12 ? -2.564  -3.928  1.403   1.00 13.52 ?  32  ILE B CG2 1 
ATOM   268  C  CD1 . ILE B 1 12 ? -5.400  -5.084  1.600   1.00 12.04 ?  32  ILE B CD1 1 
ATOM   269  N  N   . ILE B 1 13 ? -0.221  -6.338  -0.257  1.00 9.53  ?  33  ILE B N   1 
ATOM   270  C  CA  . ILE B 1 13 ? 1.214   -6.419  -0.012  1.00 9.98  ?  33  ILE B CA  1 
ATOM   271  C  C   . ILE B 1 13 ? 1.996   -6.198  -1.301  1.00 9.48  ?  33  ILE B C   1 
ATOM   272  O  O   . ILE B 1 13 ? 3.064   -5.574  -1.297  1.00 8.36  ?  33  ILE B O   1 
ATOM   273  C  CB  . ILE B 1 13 ? 1.557   -7.768  0.646   1.00 9.78  ?  33  ILE B CB  1 
ATOM   274  C  CG1 . ILE B 1 13 ? 1.009   -7.807  2.075   1.00 12.30 ?  33  ILE B CG1 1 
ATOM   275  C  CG2 . ILE B 1 13 ? 3.059   -8.014  0.625   1.00 11.15 ?  33  ILE B CG2 1 
ATOM   276  C  CD1 . ILE B 1 13 ? 1.091   -9.167  2.728   1.00 16.65 ?  33  ILE B CD1 1 
ATOM   277  N  N   . GLY B 1 14 ? 1.479   -6.701  -2.425  1.00 10.76 ?  34  GLY B N   1 
ATOM   278  C  CA  . GLY B 1 14 ? 2.157   -6.489  -3.694  1.00 5.89  ?  34  GLY B CA  1 
ATOM   279  C  C   . GLY B 1 14 ? 2.157   -5.033  -4.116  1.00 7.41  ?  34  GLY B C   1 
ATOM   280  O  O   . GLY B 1 14 ? 3.141   -4.537  -4.673  1.00 5.86  ?  34  GLY B O   1 
ATOM   281  N  N   . ILE B 1 15 ? 1.053   -4.328  -3.864  1.00 8.15  ?  35  ILE B N   1 
ATOM   282  C  CA  . ILE B 1 15 ? 1.001   -2.901  -4.167  1.00 6.45  ?  35  ILE B CA  1 
ATOM   283  C  C   . ILE B 1 15 ? 2.002   -2.141  -3.306  1.00 6.72  ?  35  ILE B C   1 
ATOM   284  O  O   . ILE B 1 15 ? 2.709   -1.249  -3.790  1.00 5.06  ?  35  ILE B O   1 
ATOM   285  C  CB  . ILE B 1 15 ? -0.432  -2.369  -3.983  1.00 9.22  ?  35  ILE B CB  1 
ATOM   286  C  CG1 . ILE B 1 15 ? -1.386  -3.072  -4.953  1.00 5.11  ?  35  ILE B CG1 1 
ATOM   287  C  CG2 . ILE B 1 15 ? -0.469  -0.857  -4.172  1.00 9.61  ?  35  ILE B CG2 1 
ATOM   288  C  CD1 . ILE B 1 15 ? -2.835  -2.654  -4.802  1.00 7.68  ?  35  ILE B CD1 1 
ATOM   289  N  N   . LEU B 1 16 ? 2.077   -2.478  -2.015  1.00 7.01  ?  36  LEU B N   1 
ATOM   290  C  CA  . LEU B 1 16 ? 3.084   -1.870  -1.153  1.00 6.68  ?  36  LEU B CA  1 
ATOM   291  C  C   . LEU B 1 16 ? 4.492   -2.190  -1.639  1.00 9.14  ?  36  LEU B C   1 
ATOM   292  O  O   . LEU B 1 16 ? 5.402   -1.361  -1.520  1.00 10.32 ?  36  LEU B O   1 
ATOM   293  C  CB  . LEU B 1 16 ? 2.898   -2.344  0.289   1.00 11.55 ?  36  LEU B CB  1 
ATOM   294  C  CG  . LEU B 1 16 ? 4.018   -1.999  1.275   1.00 10.92 ?  36  LEU B CG  1 
ATOM   295  C  CD1 . LEU B 1 16 ? 4.082   -0.500  1.516   1.00 9.79  ?  36  LEU B CD1 1 
ATOM   296  C  CD2 . LEU B 1 16 ? 3.840   -2.752  2.588   1.00 14.12 ?  36  LEU B CD2 1 
ATOM   297  N  N   . HIS B 1 17 ? 4.688   -3.389  -2.190  1.00 8.43  ?  37  HIS B N   1 
ATOM   298  C  CA  . HIS B 1 17 ? 6.016   -3.805  -2.628  1.00 9.53  ?  37  HIS B CA  1 
ATOM   299  C  C   . HIS B 1 17 ? 6.549   -2.882  -3.718  1.00 9.98  ?  37  HIS B C   1 
ATOM   300  O  O   . HIS B 1 17 ? 7.702   -2.438  -3.663  1.00 10.62 ?  37  HIS B O   1 
ATOM   301  C  CB  . HIS B 1 17 ? 5.968   -5.255  -3.111  1.00 7.62  ?  37  HIS B CB  1 
ATOM   302  C  CG  . HIS B 1 17 ? 7.316   -5.877  -3.311  1.00 10.05 ?  37  HIS B CG  1 
ATOM   303  N  ND1 . HIS B 1 17 ? 7.485   -7.226  -3.528  1.00 13.75 ?  37  HIS B ND1 1 
ATOM   304  C  CD2 . HIS B 1 17 ? 8.557   -5.335  -3.328  1.00 14.25 ?  37  HIS B CD2 1 
ATOM   305  C  CE1 . HIS B 1 17 ? 8.772   -7.491  -3.668  1.00 10.82 ?  37  HIS B CE1 1 
ATOM   306  N  NE2 . HIS B 1 17 ? 9.444   -6.360  -3.551  1.00 17.88 ?  37  HIS B NE2 1 
ATOM   307  N  N   . LEU B 1 18 ? 5.722   -2.580  -4.721  1.00 7.98  ?  38  LEU B N   1 
ATOM   308  C  CA  . LEU B 1 18 ? 6.168   -1.692  -5.791  1.00 12.66 ?  38  LEU B CA  1 
ATOM   309  C  C   . LEU B 1 18 ? 6.442   -0.288  -5.267  1.00 11.51 ?  38  LEU B C   1 
ATOM   310  O  O   . LEU B 1 18 ? 7.433   0.343   -5.657  1.00 14.59 ?  38  LEU B O   1 
ATOM   311  C  CB  . LEU B 1 18 ? 5.134   -1.655  -6.917  1.00 8.06  ?  38  LEU B CB  1 
ATOM   312  C  CG  . LEU B 1 18 ? 5.511   -0.782  -8.117  1.00 17.20 ?  38  LEU B CG  1 
ATOM   313  C  CD1 . LEU B 1 18 ? 6.884   -1.166  -8.647  1.00 9.51  ?  38  LEU B CD1 1 
ATOM   314  C  CD2 . LEU B 1 18 ? 4.465   -0.883  -9.220  1.00 9.61  ?  38  LEU B CD2 1 
ATOM   315  N  N   . ILE B 1 19 ? 5.577   0.222   -4.388  1.00 11.49 ?  39  ILE B N   1 
ATOM   316  C  CA  . ILE B 1 19 ? 5.804   1.540   -3.798  1.00 11.45 ?  39  ILE B CA  1 
ATOM   317  C  C   . ILE B 1 19 ? 7.173   1.589   -3.132  1.00 10.66 ?  39  ILE B C   1 
ATOM   318  O  O   . ILE B 1 19 ? 7.979   2.491   -3.389  1.00 17.53 ?  39  ILE B O   1 
ATOM   319  C  CB  . ILE B 1 19 ? 4.681   1.884   -2.803  1.00 18.04 ?  39  ILE B CB  1 
ATOM   320  C  CG1 . ILE B 1 19 ? 3.342   2.023   -3.531  1.00 11.02 ?  39  ILE B CG1 1 
ATOM   321  C  CG2 . ILE B 1 19 ? 5.018   3.156   -2.035  1.00 10.19 ?  39  ILE B CG2 1 
ATOM   322  C  CD1 . ILE B 1 19 ? 2.179   2.321   -2.613  1.00 6.45  ?  39  ILE B CD1 1 
ATOM   323  N  N   . LEU B 1 20 ? 7.455   0.616   -2.262  1.00 12.05 ?  40  LEU B N   1 
ATOM   324  C  CA  . LEU B 1 20 ? 8.753   0.576   -1.596  1.00 12.11 ?  40  LEU B CA  1 
ATOM   325  C  C   . LEU B 1 20 ? 9.883   0.375   -2.596  1.00 13.50 ?  40  LEU B C   1 
ATOM   326  O  O   . LEU B 1 20 ? 10.956  0.974   -2.462  1.00 17.67 ?  40  LEU B O   1 
ATOM   327  C  CB  . LEU B 1 20 ? 8.770   -0.533  -0.544  1.00 10.35 ?  40  LEU B CB  1 
ATOM   328  C  CG  . LEU B 1 20 ? 7.804   -0.384  0.634   1.00 10.45 ?  40  LEU B CG  1 
ATOM   329  C  CD1 . LEU B 1 20 ? 7.836   -1.630  1.505   1.00 10.27 ?  40  LEU B CD1 1 
ATOM   330  C  CD2 . LEU B 1 20 ? 8.143   0.854   1.449   1.00 11.90 ?  40  LEU B CD2 1 
ATOM   331  N  N   . TRP B 1 21 ? 9.664   -0.468  -3.607  1.00 11.97 ?  41  TRP B N   1 
ATOM   332  C  CA  . TRP B 1 21 ? 10.709  -0.720  -4.591  1.00 15.16 ?  41  TRP B CA  1 
ATOM   333  C  C   . TRP B 1 21 ? 11.057  0.547   -5.362  1.00 16.19 ?  41  TRP B C   1 
ATOM   334  O  O   . TRP B 1 21 ? 12.237  0.855   -5.567  1.00 18.05 ?  41  TRP B O   1 
ATOM   335  C  CB  . TRP B 1 21 ? 10.271  -1.831  -5.545  1.00 16.57 ?  41  TRP B CB  1 
ATOM   336  C  CG  . TRP B 1 21 ? 11.364  -2.318  -6.435  1.00 16.50 ?  41  TRP B CG  1 
ATOM   337  C  CD1 . TRP B 1 21 ? 12.256  -3.313  -6.165  1.00 17.31 ?  41  TRP B CD1 1 
ATOM   338  C  CD2 . TRP B 1 21 ? 11.686  -1.833  -7.743  1.00 22.58 ?  41  TRP B CD2 1 
ATOM   339  N  NE1 . TRP B 1 21 ? 13.114  -3.478  -7.224  1.00 21.22 ?  41  TRP B NE1 1 
ATOM   340  C  CE2 . TRP B 1 21 ? 12.785  -2.582  -8.207  1.00 20.07 ?  41  TRP B CE2 1 
ATOM   341  C  CE3 . TRP B 1 21 ? 11.151  -0.839  -8.567  1.00 16.12 ?  41  TRP B CE3 1 
ATOM   342  C  CZ2 . TRP B 1 21 ? 13.360  -2.368  -9.458  1.00 24.93 ?  41  TRP B CZ2 1 
ATOM   343  C  CZ3 . TRP B 1 21 ? 11.723  -0.629  -9.809  1.00 28.45 ?  41  TRP B CZ3 1 
ATOM   344  C  CH2 . TRP B 1 21 ? 12.815  -1.389  -10.242 1.00 29.75 ?  41  TRP B CH2 1 
ATOM   345  N  N   . ILE B 1 22 ? 10.042  1.297   -5.796  1.00 13.85 ?  42  ILE B N   1 
ATOM   346  C  CA  . ILE B 1 22 ? 10.293  2.561   -6.484  1.00 15.64 ?  42  ILE B CA  1 
ATOM   347  C  C   . ILE B 1 22 ? 11.039  3.524   -5.569  1.00 17.03 ?  42  ILE B C   1 
ATOM   348  O  O   . ILE B 1 22 ? 12.007  4.176   -5.979  1.00 17.87 ?  42  ILE B O   1 
ATOM   349  C  CB  . ILE B 1 22 ? 8.971   3.170   -6.986  1.00 11.28 ?  42  ILE B CB  1 
ATOM   350  C  CG1 . ILE B 1 22 ? 8.368   2.305   -8.095  1.00 15.99 ?  42  ILE B CG1 1 
ATOM   351  C  CG2 . ILE B 1 22 ? 9.190   4.601   -7.463  1.00 16.71 ?  42  ILE B CG2 1 
ATOM   352  C  CD1 . ILE B 1 22 ? 7.040   2.814   -8.608  1.00 22.47 ?  42  ILE B CD1 1 
ATOM   353  N  N   . LEU B 1 23 ? 10.602  3.625   -4.312  1.00 17.09 ?  43  LEU B N   1 
ATOM   354  C  CA  . LEU B 1 23 ? 11.236  4.553   -3.382  1.00 17.21 ?  43  LEU B CA  1 
ATOM   355  C  C   . LEU B 1 23 ? 12.684  4.175   -3.106  1.00 25.24 ?  43  LEU B C   1 
ATOM   356  O  O   . LEU B 1 23 ? 13.531  5.057   -2.925  1.00 29.48 ?  43  LEU B O   1 
ATOM   357  C  CB  . LEU B 1 23 ? 10.445  4.609   -2.075  1.00 13.92 ?  43  LEU B CB  1 
ATOM   358  C  CG  . LEU B 1 23 ? 9.050   5.232   -2.135  1.00 17.97 ?  43  LEU B CG  1 
ATOM   359  C  CD1 . LEU B 1 23 ? 8.330   5.062   -0.806  1.00 21.58 ?  43  LEU B CD1 1 
ATOM   360  C  CD2 . LEU B 1 23 ? 9.140   6.700   -2.513  1.00 15.56 ?  43  LEU B CD2 1 
ATOM   361  N  N   . ASP B 1 24 ? 12.991  2.877   -3.070  1.00 24.24 ?  44  ASP B N   1 
ATOM   362  C  CA  . ASP B 1 24 ? 14.342  2.443   -2.729  1.00 22.57 ?  44  ASP B CA  1 
ATOM   363  C  C   . ASP B 1 24 ? 15.314  2.606   -3.891  1.00 31.23 ?  44  ASP B C   1 
ATOM   364  O  O   . ASP B 1 24 ? 16.520  2.761   -3.664  1.00 31.64 ?  44  ASP B O   1 
ATOM   365  C  CB  . ASP B 1 24 ? 14.317  0.990   -2.248  1.00 25.91 ?  44  ASP B CB  1 
ATOM   366  C  CG  . ASP B 1 24 ? 15.706  0.430   -2.002  1.00 30.79 ?  44  ASP B CG  1 
ATOM   367  O  OD1 . ASP B 1 24 ? 16.381  0.058   -2.984  1.00 34.40 ?  44  ASP B OD1 1 
ATOM   368  O  OD2 . ASP B 1 24 ? 16.127  0.377   -0.827  1.00 38.57 -1 44  ASP B OD2 1 
ATOM   369  N  N   . ARG B 1 25 ? 14.822  2.577   -5.131  1.00 24.75 ?  45  ARG B N   1 
ATOM   370  C  CA  . ARG B 1 25 ? 15.707  2.747   -6.280  1.00 38.98 ?  45  ARG B CA  1 
ATOM   371  C  C   . ARG B 1 25 ? 16.048  4.215   -6.512  1.00 34.62 ?  45  ARG B C   1 
ATOM   372  O  O   . ARG B 1 25 ? 17.199  4.545   -6.821  1.00 31.75 ?  45  ARG B O   1 
ATOM   373  C  CB  . ARG B 1 25 ? 15.065  2.147   -7.531  1.00 30.51 ?  45  ARG B CB  1 
ATOM   374  C  CG  . ARG B 1 25 ? 14.836  0.649   -7.446  1.00 24.64 ?  45  ARG B CG  1 
ATOM   375  C  CD  . ARG B 1 25 ? 16.147  -0.118  -7.387  1.00 32.73 ?  45  ARG B CD  1 
ATOM   376  N  NE  . ARG B 1 25 ? 15.926  -1.560  -7.329  1.00 38.34 ?  45  ARG B NE  1 
ATOM   377  C  CZ  . ARG B 1 25 ? 16.866  -2.454  -7.044  1.00 50.72 ?  45  ARG B CZ  1 
ATOM   378  N  NH1 . ARG B 1 25 ? 18.108  -2.059  -6.799  1.00 58.18 1  45  ARG B NH1 1 
ATOM   379  N  NH2 . ARG B 1 25 ? 16.565  -3.746  -7.009  1.00 45.14 ?  45  ARG B NH2 1 
ATOM   380  N  N   . LEU B 1 26 ? 15.070  5.103   -6.371  1.00 40.05 ?  46  LEU B N   1 
ATOM   381  C  CA  . LEU B 1 26 ? 15.302  6.529   -6.565  1.00 42.80 ?  46  LEU B CA  1 
ATOM   382  C  C   . LEU B 1 26 ? 16.213  7.083   -5.474  1.00 49.12 ?  46  LEU B C   1 
ATOM   383  O  O   . LEU B 1 26 ? 15.781  7.867   -4.630  1.00 44.99 ?  46  LEU B O   1 
ATOM   384  C  CB  . LEU B 1 26 ? 13.977  7.294   -6.585  1.00 35.01 ?  46  LEU B CB  1 
ATOM   385  C  CG  . LEU B 1 26 ? 12.939  6.813   -7.601  1.00 45.86 ?  46  LEU B CG  1 
ATOM   386  C  CD1 . LEU B 1 26 ? 11.718  7.723   -7.600  1.00 47.64 ?  46  LEU B CD1 1 
ATOM   387  C  CD2 . LEU B 1 26 ? 13.546  6.720   -8.994  1.00 32.89 ?  46  LEU B CD2 1 
HETATM 388  C  C   . ACE C 1 1  ? -13.805 -16.527 -2.387  1.00 27.71 ?  21  ACE C C   1 
HETATM 389  O  O   . ACE C 1 1  ? -13.500 -17.208 -1.410  1.00 25.49 ?  21  ACE C O   1 
HETATM 390  C  CH3 . ACE C 1 1  ? -14.721 -15.345 -2.282  1.00 27.00 ?  21  ACE C CH3 1 
ATOM   391  N  N   . SER C 1 2  ? -13.335 -16.782 -3.603  1.00 20.08 ?  22  SER C N   1 
ATOM   392  C  CA  . SER C 1 2  ? -12.432 -17.899 -3.859  1.00 23.19 ?  22  SER C CA  1 
ATOM   393  C  C   . SER C 1 2  ? -11.530 -17.598 -5.051  1.00 19.71 ?  22  SER C C   1 
ATOM   394  O  O   . SER C 1 2  ? -11.847 -16.744 -5.878  1.00 14.54 ?  22  SER C O   1 
ATOM   395  C  CB  . SER C 1 2  ? -13.225 -19.185 -4.101  1.00 28.24 ?  22  SER C CB  1 
ATOM   396  O  OG  . SER C 1 2  ? -14.140 -19.024 -5.171  1.00 35.65 ?  22  SER C OG  1 
ATOM   397  N  N   . SER C 1 3  ? -10.402 -18.302 -5.133  1.00 18.86 ?  23  SER C N   1 
ATOM   398  C  CA  . SER C 1 3  ? -9.422  -18.070 -6.180  1.00 16.84 ?  23  SER C CA  1 
ATOM   399  C  C   . SER C 1 3  ? -8.843  -19.402 -6.637  1.00 18.26 ?  23  SER C C   1 
ATOM   400  O  O   . SER C 1 3  ? -9.001  -20.435 -5.981  1.00 16.29 ?  23  SER C O   1 
ATOM   401  C  CB  . SER C 1 3  ? -8.298  -17.140 -5.704  1.00 13.60 ?  23  SER C CB  1 
ATOM   402  O  OG  . SER C 1 3  ? -8.815  -15.926 -5.189  1.00 15.71 ?  23  SER C OG  1 
ATOM   403  N  N   . ASP C 1 4  ? -8.161  -19.361 -7.778  1.00 16.03 ?  24  ASP C N   1 
ATOM   404  C  CA  . ASP C 1 4  ? -7.487  -20.544 -8.285  1.00 15.75 ?  24  ASP C CA  1 
ATOM   405  C  C   . ASP C 1 4  ? -6.341  -20.941 -7.356  1.00 13.11 ?  24  ASP C C   1 
ATOM   406  O  O   . ASP C 1 4  ? -5.667  -20.073 -6.792  1.00 17.10 ?  24  ASP C O   1 
ATOM   407  C  CB  . ASP C 1 4  ? -6.946  -20.300 -9.690  1.00 18.78 ?  24  ASP C CB  1 
ATOM   408  C  CG  . ASP C 1 4  ? -8.014  -20.420 -10.755 1.00 28.56 ?  24  ASP C CG  1 
ATOM   409  O  OD1 . ASP C 1 4  ? -9.184  -20.675 -10.400 1.00 33.77 ?  24  ASP C OD1 1 
ATOM   410  O  OD2 . ASP C 1 4  ? -7.680  -20.269 -11.949 1.00 35.77 -1 24  ASP C OD2 1 
ATOM   411  N  N   . PRO C 1 5  ? -6.099  -22.240 -7.179  1.00 11.49 ?  25  PRO C N   1 
ATOM   412  C  CA  . PRO C 1 5  ? -4.963  -22.663 -6.346  1.00 12.44 ?  25  PRO C CA  1 
ATOM   413  C  C   . PRO C 1 5  ? -3.641  -22.067 -6.788  1.00 13.40 ?  25  PRO C C   1 
ATOM   414  O  O   . PRO C 1 5  ? -2.789  -21.776 -5.939  1.00 14.61 ?  25  PRO C O   1 
ATOM   415  C  CB  . PRO C 1 5  ? -4.974  -24.191 -6.493  1.00 16.16 ?  25  PRO C CB  1 
ATOM   416  C  CG  . PRO C 1 5  ? -6.384  -24.526 -6.862  1.00 22.65 ?  25  PRO C CG  1 
ATOM   417  C  CD  . PRO C 1 5  ? -6.872  -23.381 -7.699  1.00 14.57 ?  25  PRO C CD  1 
ATOM   418  N  N   . LEU C 1 6  ? -3.440  -21.875 -8.094  1.00 15.18 ?  26  LEU C N   1 
ATOM   419  C  CA  . LEU C 1 6  ? -2.211  -21.247 -8.566  1.00 12.03 ?  26  LEU C CA  1 
ATOM   420  C  C   . LEU C 1 6  ? -2.129  -19.798 -8.103  1.00 12.02 ?  26  LEU C C   1 
ATOM   421  O  O   . LEU C 1 6  ? -1.043  -19.301 -7.781  1.00 15.33 ?  26  LEU C O   1 
ATOM   422  C  CB  . LEU C 1 6  ? -2.131  -21.336 -10.090 1.00 15.03 ?  26  LEU C CB  1 
ATOM   423  C  CG  . LEU C 1 6  ? -0.873  -20.743 -10.727 1.00 24.05 ?  26  LEU C CG  1 
ATOM   424  C  CD1 . LEU C 1 6  ? 0.373   -21.414 -10.173 1.00 25.10 ?  26  LEU C CD1 1 
ATOM   425  C  CD2 . LEU C 1 6  ? -0.925  -20.870 -12.240 1.00 22.44 ?  26  LEU C CD2 1 
ATOM   426  N  N   . VAL C 1 7  ? -3.269  -19.107 -8.060  1.00 9.82  ?  27  VAL C N   1 
ATOM   427  C  CA  . VAL C 1 7  ? -3.290  -17.738 -7.559  1.00 10.82 ?  27  VAL C CA  1 
ATOM   428  C  C   . VAL C 1 7  ? -3.028  -17.716 -6.058  1.00 9.53  ?  27  VAL C C   1 
ATOM   429  O  O   . VAL C 1 7  ? -2.321  -16.838 -5.550  1.00 10.62 ?  27  VAL C O   1 
ATOM   430  C  CB  . VAL C 1 7  ? -4.627  -17.061 -7.914  1.00 10.18 ?  27  VAL C CB  1 
ATOM   431  C  CG1 . VAL C 1 7  ? -4.625  -15.606 -7.464  1.00 10.42 ?  27  VAL C CG1 1 
ATOM   432  C  CG2 . VAL C 1 7  ? -4.889  -17.163 -9.409  1.00 9.50  ?  27  VAL C CG2 1 
ATOM   433  N  N   . VAL C 1 8  ? -3.593  -18.678 -5.326  1.00 6.39  ?  28  VAL C N   1 
ATOM   434  C  CA  . VAL C 1 8  ? -3.312  -18.779 -3.897  1.00 7.97  ?  28  VAL C CA  1 
ATOM   435  C  C   . VAL C 1 8  ? -1.840  -19.097 -3.669  1.00 8.57  ?  28  VAL C C   1 
ATOM   436  O  O   . VAL C 1 8  ? -1.203  -18.547 -2.762  1.00 11.81 ?  28  VAL C O   1 
ATOM   437  C  CB  . VAL C 1 8  ? -4.228  -19.830 -3.244  1.00 14.45 ?  28  VAL C CB  1 
ATOM   438  C  CG1 . VAL C 1 8  ? -3.915  -19.962 -1.760  1.00 10.33 ?  28  VAL C CG1 1 
ATOM   439  C  CG2 . VAL C 1 8  ? -5.687  -19.464 -3.459  1.00 12.46 ?  28  VAL C CG2 1 
ATOM   440  N  N   . ALA C 1 9  ? -1.274  -19.986 -4.488  1.00 7.87  ?  29  ALA C N   1 
ATOM   441  C  CA  . ALA C 1 9  ? 0.150   -20.284 -4.375  1.00 8.84  ?  29  ALA C CA  1 
ATOM   442  C  C   . ALA C 1 9  ? 0.997   -19.052 -4.668  1.00 8.36  ?  29  ALA C C   1 
ATOM   443  O  O   . ALA C 1 9  ? 1.981   -18.784 -3.969  1.00 12.12 ?  29  ALA C O   1 
ATOM   444  C  CB  . ALA C 1 9  ? 0.525   -21.431 -5.313  1.00 16.93 ?  29  ALA C CB  1 
ATOM   445  N  N   . ALA C 1 10 ? 0.629   -18.287 -5.700  1.00 8.81  ?  30  ALA C N   1 
ATOM   446  C  CA  . ALA C 1 10 ? 1.371   -17.072 -6.018  1.00 7.98  ?  30  ALA C CA  1 
ATOM   447  C  C   . ALA C 1 10 ? 1.199   -16.008 -4.942  1.00 8.82  ?  30  ALA C C   1 
ATOM   448  O  O   . ALA C 1 10 ? 2.089   -15.172 -4.752  1.00 8.70  ?  30  ALA C O   1 
ATOM   449  C  CB  . ALA C 1 10 ? 0.934   -16.527 -7.377  1.00 8.38  ?  30  ALA C CB  1 
ATOM   450  N  N   . SER C 1 11 ? 0.068   -16.019 -4.233  1.00 7.24  ?  31  SER C N   1 
ATOM   451  C  CA  . SER C 1 11 ? -0.135  -15.062 -3.149  1.00 9.39  ?  31  SER C CA  1 
ATOM   452  C  C   . SER C 1 11 ? 0.797   -15.358 -1.980  1.00 8.52  ?  31  SER C C   1 
ATOM   453  O  O   . SER C 1 11 ? 1.429   -14.448 -1.431  1.00 7.23  ?  31  SER C O   1 
ATOM   454  C  CB  . SER C 1 11 ? -1.595  -15.083 -2.697  1.00 9.22  ?  31  SER C CB  1 
ATOM   455  O  OG  . SER C 1 11 ? -2.453  -14.652 -3.738  1.00 12.57 ?  31  SER C OG  1 
ATOM   456  N  N   . ILE C 1 12 ? 0.888   -16.629 -1.582  1.00 7.66  ?  32  ILE C N   1 
ATOM   457  C  CA  . ILE C 1 12 ? 1.865   -17.024 -0.571  1.00 9.51  ?  32  ILE C CA  1 
ATOM   458  C  C   . ILE C 1 12 ? 3.268   -16.627 -1.008  1.00 10.15 ?  32  ILE C C   1 
ATOM   459  O  O   . ILE C 1 12 ? 4.050   -16.077 -0.224  1.00 9.15  ?  32  ILE C O   1 
ATOM   460  C  CB  . ILE C 1 12 ? 1.762   -18.537 -0.301  1.00 10.43 ?  32  ILE C CB  1 
ATOM   461  C  CG1 . ILE C 1 12 ? 0.374   -18.888 0.240   1.00 12.22 ?  32  ILE C CG1 1 
ATOM   462  C  CG2 . ILE C 1 12 ? 2.856   -18.990 0.659   1.00 12.14 ?  32  ILE C CG2 1 
ATOM   463  C  CD1 . ILE C 1 12 ? 0.082   -20.373 0.254   1.00 8.12  ?  32  ILE C CD1 1 
ATOM   464  N  N   . ILE C 1 13 ? 3.603   -16.889 -2.273  1.00 12.76 ?  33  ILE C N   1 
ATOM   465  C  CA  . ILE C 1 13 ? 4.932   -16.563 -2.780  1.00 10.54 ?  33  ILE C CA  1 
ATOM   466  C  C   . ILE C 1 13 ? 5.164   -15.056 -2.755  1.00 8.97  ?  33  ILE C C   1 
ATOM   467  O  O   . ILE C 1 13 ? 6.247   -14.586 -2.388  1.00 10.47 ?  33  ILE C O   1 
ATOM   468  C  CB  . ILE C 1 13 ? 5.109   -17.150 -4.192  1.00 13.45 ?  33  ILE C CB  1 
ATOM   469  C  CG1 . ILE C 1 13 ? 5.288   -18.670 -4.109  1.00 12.93 ?  33  ILE C CG1 1 
ATOM   470  C  CG2 . ILE C 1 13 ? 6.273   -16.484 -4.912  1.00 7.20  ?  33  ILE C CG2 1 
ATOM   471  C  CD1 . ILE C 1 13 ? 5.318   -19.357 -5.453  1.00 21.92 ?  33  ILE C CD1 1 
ATOM   472  N  N   . GLY C 1 14 ? 4.151   -14.275 -3.134  1.00 6.41  ?  34  GLY C N   1 
ATOM   473  C  CA  . GLY C 1 14 ? 4.309   -12.828 -3.130  1.00 6.61  ?  34  GLY C CA  1 
ATOM   474  C  C   . GLY C 1 14 ? 4.585   -12.275 -1.745  1.00 9.78  ?  34  GLY C C   1 
ATOM   475  O  O   . GLY C 1 14 ? 5.464   -11.430 -1.564  1.00 12.18 ?  34  GLY C O   1 
ATOM   476  N  N   . ILE C 1 15 ? 3.834   -12.746 -0.746  1.00 7.02  ?  35  ILE C N   1 
ATOM   477  C  CA  . ILE C 1 15 ? 4.048   -12.288 0.626   1.00 6.96  ?  35  ILE C CA  1 
ATOM   478  C  C   . ILE C 1 15 ? 5.470   -12.603 1.074   1.00 11.16 ?  35  ILE C C   1 
ATOM   479  O  O   . ILE C 1 15 ? 6.175   -11.744 1.618   1.00 12.35 ?  35  ILE C O   1 
ATOM   480  C  CB  . ILE C 1 15 ? 3.006   -12.914 1.570   1.00 8.06  ?  35  ILE C CB  1 
ATOM   481  C  CG1 . ILE C 1 15 ? 1.593   -12.501 1.150   1.00 8.16  ?  35  ILE C CG1 1 
ATOM   482  C  CG2 . ILE C 1 15 ? 3.277   -12.506 3.010   1.00 10.64 ?  35  ILE C CG2 1 
ATOM   483  C  CD1 . ILE C 1 15 ? 0.495   -13.129 1.981   1.00 14.79 ?  35  ILE C CD1 1 
ATOM   484  N  N   . LEU C 1 16 ? 5.912   -13.844 0.858   1.00 8.73  ?  36  LEU C N   1 
ATOM   485  C  CA  . LEU C 1 16 ? 7.288   -14.200 1.188   1.00 10.76 ?  36  LEU C CA  1 
ATOM   486  C  C   . LEU C 1 16 ? 8.282   -13.329 0.433   1.00 12.38 ?  36  LEU C C   1 
ATOM   487  O  O   . LEU C 1 16 ? 9.356   -13.014 0.957   1.00 10.01 ?  36  LEU C O   1 
ATOM   488  C  CB  . LEU C 1 16 ? 7.536   -15.679 0.882   1.00 14.47 ?  36  LEU C CB  1 
ATOM   489  C  CG  . LEU C 1 16 ? 8.955   -16.201 1.124   1.00 20.81 ?  36  LEU C CG  1 
ATOM   490  C  CD1 . LEU C 1 16 ? 9.308   -16.136 2.602   1.00 26.61 ?  36  LEU C CD1 1 
ATOM   491  C  CD2 . LEU C 1 16 ? 9.109   -17.617 0.589   1.00 17.87 ?  36  LEU C CD2 1 
ATOM   492  N  N   . HIS C 1 17 ? 7.938   -12.925 -0.792  1.00 9.59  ?  37  HIS C N   1 
ATOM   493  C  CA  . HIS C 1 17 ? 8.836   -12.094 -1.588  1.00 11.77 ?  37  HIS C CA  1 
ATOM   494  C  C   . HIS C 1 17 ? 9.089   -10.752 -0.908  1.00 10.59 ?  37  HIS C C   1 
ATOM   495  O  O   . HIS C 1 17 ? 10.237  -10.310 -0.792  1.00 12.00 ?  37  HIS C O   1 
ATOM   496  C  CB  . HIS C 1 17 ? 8.253   -11.894 -2.991  1.00 9.78  ?  37  HIS C CB  1 
ATOM   497  C  CG  . HIS C 1 17 ? 9.170   -11.184 -3.938  1.00 9.38  ?  37  HIS C CG  1 
ATOM   498  N  ND1 . HIS C 1 17 ? 8.827   -10.915 -5.245  1.00 9.75  ?  37  HIS C ND1 1 
ATOM   499  C  CD2 . HIS C 1 17 ? 10.418  -10.686 -3.768  1.00 10.88 ?  37  HIS C CD2 1 
ATOM   500  C  CE1 . HIS C 1 17 ? 9.822   -10.282 -5.840  1.00 8.32  ?  37  HIS C CE1 1 
ATOM   501  N  NE2 . HIS C 1 17 ? 10.800  -10.130 -4.965  1.00 12.54 ?  37  HIS C NE2 1 
ATOM   502  N  N   . LEU C 1 18 ? 8.023   -10.084 -0.458  1.00 10.47 ?  38  LEU C N   1 
ATOM   503  C  CA  . LEU C 1 18 ? 8.199   -8.797  0.210   1.00 11.06 ?  38  LEU C CA  1 
ATOM   504  C  C   . LEU C 1 18 ? 8.947   -8.953  1.530   1.00 5.81  ?  38  LEU C C   1 
ATOM   505  O  O   . LEU C 1 18 ? 9.784   -8.112  1.877   1.00 8.23  ?  38  LEU C O   1 
ATOM   506  C  CB  . LEU C 1 18 ? 6.845   -8.127  0.441   1.00 9.20  ?  38  LEU C CB  1 
ATOM   507  C  CG  . LEU C 1 18 ? 6.910   -6.814  1.226   1.00 8.71  ?  38  LEU C CG  1 
ATOM   508  C  CD1 . LEU C 1 18 ? 7.821   -5.819  0.524   1.00 16.99 ?  38  LEU C CD1 1 
ATOM   509  C  CD2 . LEU C 1 18 ? 5.522   -6.226  1.424   1.00 14.88 ?  38  LEU C CD2 1 
ATOM   510  N  N   . ILE C 1 19 ? 8.656   -10.017 2.281   1.00 10.68 ?  39  ILE C N   1 
ATOM   511  C  CA  . ILE C 1 19 ? 9.351   -10.248 3.545   1.00 8.36  ?  39  ILE C CA  1 
ATOM   512  C  C   . ILE C 1 19 ? 10.850  -10.380 3.310   1.00 10.77 ?  39  ILE C C   1 
ATOM   513  O  O   . ILE C 1 19 ? 11.661  -9.693  3.942   1.00 11.21 ?  39  ILE C O   1 
ATOM   514  C  CB  . ILE C 1 19 ? 8.780   -11.489 4.255   1.00 12.34 ?  39  ILE C CB  1 
ATOM   515  C  CG1 . ILE C 1 19 ? 7.357   -11.213 4.747   1.00 8.41  ?  39  ILE C CG1 1 
ATOM   516  C  CG2 . ILE C 1 19 ? 9.685   -11.909 5.406   1.00 15.63 ?  39  ILE C CG2 1 
ATOM   517  C  CD1 . ILE C 1 19 ? 6.684   -12.416 5.368   1.00 9.63  ?  39  ILE C CD1 1 
ATOM   518  N  N   . LEU C 1 20 ? 11.241  -11.270 2.395   1.00 7.14  ?  40  LEU C N   1 
ATOM   519  C  CA  . LEU C 1 20 ? 12.658  -11.431 2.085   1.00 12.63 ?  40  LEU C CA  1 
ATOM   520  C  C   . LEU C 1 20 ? 13.251  -10.140 1.537   1.00 16.30 ?  40  LEU C C   1 
ATOM   521  O  O   . LEU C 1 20 ? 14.382  -9.775  1.877   1.00 11.74 ?  40  LEU C O   1 
ATOM   522  C  CB  . LEU C 1 20 ? 12.849  -12.576 1.091   1.00 17.22 ?  40  LEU C CB  1 
ATOM   523  C  CG  . LEU C 1 20 ? 12.440  -13.966 1.578   1.00 11.95 ?  40  LEU C CG  1 
ATOM   524  C  CD1 . LEU C 1 20 ? 12.520  -14.974 0.442   1.00 14.76 ?  40  LEU C CD1 1 
ATOM   525  C  CD2 . LEU C 1 20 ? 13.312  -14.399 2.745   1.00 12.96 ?  40  LEU C CD2 1 
ATOM   526  N  N   . TRP C 1 21 ? 12.501  -9.436  0.685   1.00 11.05 ?  41  TRP C N   1 
ATOM   527  C  CA  . TRP C 1 21 ? 12.986  -8.170  0.147   1.00 12.23 ?  41  TRP C CA  1 
ATOM   528  C  C   . TRP C 1 21 ? 13.232  -7.158  1.261   1.00 16.18 ?  41  TRP C C   1 
ATOM   529  O  O   . TRP C 1 21 ? 14.241  -6.443  1.250   1.00 16.92 ?  41  TRP C O   1 
ATOM   530  C  CB  . TRP C 1 21 ? 11.988  -7.623  -0.874  1.00 14.01 ?  41  TRP C CB  1 
ATOM   531  C  CG  . TRP C 1 21 ? 12.470  -6.412  -1.611  1.00 18.82 ?  41  TRP C CG  1 
ATOM   532  C  CD1 . TRP C 1 21 ? 13.271  -6.390  -2.716  1.00 19.55 ?  41  TRP C CD1 1 
ATOM   533  C  CD2 . TRP C 1 21 ? 12.172  -5.045  -1.304  1.00 20.10 ?  41  TRP C CD2 1 
ATOM   534  N  NE1 . TRP C 1 21 ? 13.494  -5.094  -3.113  1.00 15.87 ?  41  TRP C NE1 1 
ATOM   535  C  CE2 . TRP C 1 21 ? 12.829  -4.250  -2.263  1.00 19.93 ?  41  TRP C CE2 1 
ATOM   536  C  CE3 . TRP C 1 21 ? 11.414  -4.417  -0.312  1.00 14.01 ?  41  TRP C CE3 1 
ATOM   537  C  CZ2 . TRP C 1 21 ? 12.754  -2.858  -2.257  1.00 15.79 ?  41  TRP C CZ2 1 
ATOM   538  C  CZ3 . TRP C 1 21 ? 11.338  -3.037  -0.308  1.00 17.89 ?  41  TRP C CZ3 1 
ATOM   539  C  CH2 . TRP C 1 21 ? 12.004  -2.273  -1.273  1.00 19.08 ?  41  TRP C CH2 1 
ATOM   540  N  N   . ILE C 1 22 ? 12.325  -7.092  2.238   1.00 12.12 ?  42  ILE C N   1 
ATOM   541  C  CA  . ILE C 1 22 ? 12.496  -6.164  3.352   1.00 16.15 ?  42  ILE C CA  1 
ATOM   542  C  C   . ILE C 1 22 ? 13.670  -6.589  4.227   1.00 13.60 ?  42  ILE C C   1 
ATOM   543  O  O   . ILE C 1 22 ? 14.534  -5.774  4.571   1.00 13.05 ?  42  ILE C O   1 
ATOM   544  C  CB  . ILE C 1 22 ? 11.196  -6.059  4.170   1.00 14.55 ?  42  ILE C CB  1 
ATOM   545  C  CG1 . ILE C 1 22 ? 10.119  -5.316  3.378   1.00 14.97 ?  42  ILE C CG1 1 
ATOM   546  C  CG2 . ILE C 1 22 ? 11.459  -5.373  5.503   1.00 17.06 ?  42  ILE C CG2 1 
ATOM   547  C  CD1 . ILE C 1 22 ? 8.808   -5.181  4.120   1.00 10.04 ?  42  ILE C CD1 1 
ATOM   548  N  N   . LEU C 1 23 ? 13.715  -7.867  4.609   1.00 9.74  ?  43  LEU C N   1 
ATOM   549  C  CA  . LEU C 1 23 ? 14.801  -8.343  5.459   1.00 15.21 ?  43  LEU C CA  1 
ATOM   550  C  C   . LEU C 1 23 ? 16.150  -8.200  4.767   1.00 16.20 ?  43  LEU C C   1 
ATOM   551  O  O   . LEU C 1 23 ? 17.162  -7.905  5.415   1.00 17.98 ?  43  LEU C O   1 
ATOM   552  C  CB  . LEU C 1 23 ? 14.557  -9.797  5.864   1.00 12.60 ?  43  LEU C CB  1 
ATOM   553  C  CG  . LEU C 1 23 ? 13.381  -10.043 6.810   1.00 16.20 ?  43  LEU C CG  1 
ATOM   554  C  CD1 . LEU C 1 23 ? 13.165  -11.535 7.025   1.00 14.46 ?  43  LEU C CD1 1 
ATOM   555  C  CD2 . LEU C 1 23 ? 13.608  -9.337  8.136   1.00 19.91 ?  43  LEU C CD2 1 
ATOM   556  N  N   . ASP C 1 24 ? 16.188  -8.405  3.449   1.00 12.86 ?  44  ASP C N   1 
ATOM   557  C  CA  . ASP C 1 24 ? 17.439  -8.250  2.715   1.00 19.31 ?  44  ASP C CA  1 
ATOM   558  C  C   . ASP C 1 24 ? 17.969  -6.825  2.790   1.00 23.09 ?  44  ASP C C   1 
ATOM   559  O  O   . ASP C 1 24 ? 19.142  -6.591  2.478   1.00 17.25 ?  44  ASP C O   1 
ATOM   560  C  CB  . ASP C 1 24 ? 17.247  -8.680  1.259   1.00 18.89 ?  44  ASP C CB  1 
ATOM   561  C  CG  . ASP C 1 24 ? 18.497  -8.486  0.424   1.00 27.25 ?  44  ASP C CG  1 
ATOM   562  O  OD1 . ASP C 1 24 ? 18.522  -7.550  -0.402  1.00 32.48 ?  44  ASP C OD1 1 
ATOM   563  O  OD2 . ASP C 1 24 ? 19.460  -9.260  0.608   1.00 25.57 -1 44  ASP C OD2 1 
ATOM   564  N  N   . ARG C 1 25 ? 17.138  -5.870  3.201   1.00 22.58 ?  45  ARG C N   1 
ATOM   565  C  CA  . ARG C 1 25 ? 17.578  -4.502  3.417   1.00 26.13 ?  45  ARG C CA  1 
ATOM   566  C  C   . ARG C 1 25 ? 17.612  -4.111  4.888   1.00 21.97 ?  45  ARG C C   1 
ATOM   567  O  O   . ARG C 1 25 ? 18.172  -3.061  5.218   1.00 29.43 ?  45  ARG C O   1 
ATOM   568  C  CB  . ARG C 1 25 ? 16.681  -3.530  2.633   1.00 27.34 ?  45  ARG C CB  1 
ATOM   569  C  CG  . ARG C 1 25 ? 16.920  -3.573  1.126   1.00 30.13 ?  45  ARG C CG  1 
ATOM   570  C  CD  . ARG C 1 25 ? 15.814  -2.884  0.338   1.00 29.74 ?  45  ARG C CD  1 
ATOM   571  N  NE  . ARG C 1 25 ? 16.082  -2.913  -1.098  1.00 29.50 ?  45  ARG C NE  1 
ATOM   572  C  CZ  . ARG C 1 25 ? 16.035  -4.014  -1.839  1.00 31.81 ?  45  ARG C CZ  1 
ATOM   573  N  NH1 . ARG C 1 25 ? 15.735  -5.177  -1.278  1.00 25.49 1  45  ARG C NH1 1 
ATOM   574  N  NH2 . ARG C 1 25 ? 16.290  -3.957  -3.139  1.00 33.01 ?  45  ARG C NH2 1 
ATOM   575  N  N   . LEU C 1 26 ? 17.051  -4.929  5.775   1.00 21.88 ?  46  LEU C N   1 
ATOM   576  C  CA  . LEU C 1 26 ? 17.124  -4.677  7.211   1.00 23.27 ?  46  LEU C CA  1 
ATOM   577  C  C   . LEU C 1 26 ? 18.079  -5.657  7.889   1.00 31.64 ?  46  LEU C C   1 
ATOM   578  O  O   . LEU C 1 26 ? 18.773  -5.303  8.842   1.00 33.02 ?  46  LEU C O   1 
ATOM   579  C  CB  . LEU C 1 26 ? 15.737  -4.773  7.850   1.00 23.63 ?  46  LEU C CB  1 
ATOM   580  C  CG  . LEU C 1 26 ? 14.721  -3.703  7.449   1.00 27.37 ?  46  LEU C CG  1 
ATOM   581  C  CD1 . LEU C 1 26 ? 13.459  -3.819  8.290   1.00 24.38 ?  46  LEU C CD1 1 
ATOM   582  C  CD2 . LEU C 1 26 ? 15.328  -2.313  7.572   1.00 19.06 ?  46  LEU C CD2 1 
ATOM   583  N  N   . SER D 1 2  ? -12.549 -19.893 -9.214  1.00 23.41 ?  22  SER D N   1 
ATOM   584  C  CA  . SER D 1 2  ? -11.877 -19.419 -10.419 1.00 18.07 ?  22  SER D CA  1 
ATOM   585  C  C   . SER D 1 2  ? -11.298 -18.020 -10.229 1.00 23.29 ?  22  SER D C   1 
ATOM   586  O  O   . SER D 1 2  ? -11.657 -17.302 -9.295  1.00 17.52 ?  22  SER D O   1 
ATOM   587  C  CB  . SER D 1 2  ? -12.838 -19.421 -11.612 1.00 24.74 ?  22  SER D CB  1 
ATOM   588  O  OG  . SER D 1 2  ? -13.134 -20.741 -12.033 1.00 36.16 ?  22  SER D OG  1 
ATOM   589  N  N   . SER D 1 3  ? -10.394 -17.648 -11.132 1.00 16.38 ?  23  SER D N   1 
ATOM   590  C  CA  . SER D 1 3  ? -9.789  -16.327 -11.156 1.00 15.02 ?  23  SER D CA  1 
ATOM   591  C  C   . SER D 1 3  ? -9.775  -15.816 -12.590 1.00 15.77 ?  23  SER D C   1 
ATOM   592  O  O   . SER D 1 3  ? -9.820  -16.591 -13.548 1.00 12.63 ?  23  SER D O   1 
ATOM   593  C  CB  . SER D 1 3  ? -8.359  -16.343 -10.594 1.00 14.93 ?  23  SER D CB  1 
ATOM   594  O  OG  . SER D 1 3  ? -8.335  -16.798 -9.253  1.00 17.72 ?  23  SER D OG  1 
ATOM   595  N  N   . ASP D 1 4  ? -9.716  -14.494 -12.729 1.00 12.43 ?  24  ASP D N   1 
ATOM   596  C  CA  . ASP D 1 4  ? -9.655  -13.899 -14.052 1.00 10.23 ?  24  ASP D CA  1 
ATOM   597  C  C   . ASP D 1 4  ? -8.351  -14.279 -14.751 1.00 15.70 ?  24  ASP D C   1 
ATOM   598  O  O   . ASP D 1 4  ? -7.315  -14.449 -14.103 1.00 13.17 ?  24  ASP D O   1 
ATOM   599  C  CB  . ASP D 1 4  ? -9.769  -12.382 -13.966 1.00 15.44 ?  24  ASP D CB  1 
ATOM   600  C  CG  . ASP D 1 4  ? -11.162 -11.925 -13.583 1.00 21.18 ?  24  ASP D CG  1 
ATOM   601  O  OD1 . ASP D 1 4  ? -12.119 -12.700 -13.792 1.00 18.30 ?  24  ASP D OD1 1 
ATOM   602  O  OD2 . ASP D 1 4  ? -11.304 -10.790 -13.078 1.00 18.32 -1 24  ASP D OD2 1 
ATOM   603  N  N   . PRO D 1 5  ? -8.379  -14.422 -16.078 1.00 13.49 ?  25  PRO D N   1 
ATOM   604  C  CA  . PRO D 1 5  ? -7.141  -14.753 -16.804 1.00 14.03 ?  25  PRO D CA  1 
ATOM   605  C  C   . PRO D 1 5  ? -5.997  -13.796 -16.513 1.00 14.05 ?  25  PRO D C   1 
ATOM   606  O  O   . PRO D 1 5  ? -4.840  -14.227 -16.440 1.00 14.29 ?  25  PRO D O   1 
ATOM   607  C  CB  . PRO D 1 5  ? -7.579  -14.691 -18.274 1.00 14.75 ?  25  PRO D CB  1 
ATOM   608  C  CG  . PRO D 1 5  ? -9.041  -14.989 -18.238 1.00 12.87 ?  25  PRO D CG  1 
ATOM   609  C  CD  . PRO D 1 5  ? -9.549  -14.360 -16.970 1.00 17.00 ?  25  PRO D CD  1 
ATOM   610  N  N   . LEU D 1 6  ? -6.288  -12.505 -16.343 1.00 9.72  ?  26  LEU D N   1 
ATOM   611  C  CA  . LEU D 1 6  ? -5.234  -11.553 -16.008 1.00 11.28 ?  26  LEU D CA  1 
ATOM   612  C  C   . LEU D 1 6  ? -4.621  -11.870 -14.651 1.00 11.41 ?  26  LEU D C   1 
ATOM   613  O  O   . LEU D 1 6  ? -3.409  -11.722 -14.458 1.00 8.69  ?  26  LEU D O   1 
ATOM   614  C  CB  . LEU D 1 6  ? -5.787  -10.130 -16.029 1.00 11.47 ?  26  LEU D CB  1 
ATOM   615  C  CG  . LEU D 1 6  ? -4.768  -9.015  -15.796 1.00 13.74 ?  26  LEU D CG  1 
ATOM   616  C  CD1 . LEU D 1 6  ? -3.742  -9.001  -16.916 1.00 15.23 ?  26  LEU D CD1 1 
ATOM   617  C  CD2 . LEU D 1 6  ? -5.463  -7.665  -15.679 1.00 19.57 ?  26  LEU D CD2 1 
ATOM   618  N  N   . VAL D 1 7  ? -5.444  -12.305 -13.696 1.00 11.13 ?  27  VAL D N   1 
ATOM   619  C  CA  . VAL D 1 7  ? -4.929  -12.660 -12.378 1.00 9.75  ?  27  VAL D CA  1 
ATOM   620  C  C   . VAL D 1 7  ? -4.070  -13.914 -12.461 1.00 12.16 ?  27  VAL D C   1 
ATOM   621  O  O   . VAL D 1 7  ? -3.014  -14.004 -11.824 1.00 11.09 ?  27  VAL D O   1 
ATOM   622  C  CB  . VAL D 1 7  ? -6.091  -12.830 -11.383 1.00 8.28  ?  27  VAL D CB  1 
ATOM   623  C  CG1 . VAL D 1 7  ? -5.565  -13.236 -10.015 1.00 7.35  ?  27  VAL D CG1 1 
ATOM   624  C  CG2 . VAL D 1 7  ? -6.902  -11.545 -11.296 1.00 7.82  ?  27  VAL D CG2 1 
ATOM   625  N  N   . VAL D 1 8  ? -4.507  -14.904 -13.244 1.00 7.82  ?  28  VAL D N   1 
ATOM   626  C  CA  . VAL D 1 8  ? -3.710  -16.114 -13.424 1.00 12.69 ?  28  VAL D CA  1 
ATOM   627  C  C   . VAL D 1 8  ? -2.381  -15.779 -14.088 1.00 10.71 ?  28  VAL D C   1 
ATOM   628  O  O   . VAL D 1 8  ? -1.329  -16.309 -13.709 1.00 10.34 ?  28  VAL D O   1 
ATOM   629  C  CB  . VAL D 1 8  ? -4.500  -17.160 -14.232 1.00 12.65 ?  28  VAL D CB  1 
ATOM   630  C  CG1 . VAL D 1 8  ? -3.669  -18.419 -14.429 1.00 18.02 ?  28  VAL D CG1 1 
ATOM   631  C  CG2 . VAL D 1 8  ? -5.813  -17.485 -13.538 1.00 13.96 ?  28  VAL D CG2 1 
ATOM   632  N  N   . ALA D 1 9  ? -2.404  -14.894 -15.085 1.00 11.27 ?  29  ALA D N   1 
ATOM   633  C  CA  . ALA D 1 9  ? -1.168  -14.507 -15.757 1.00 10.31 ?  29  ALA D CA  1 
ATOM   634  C  C   . ALA D 1 9  ? -0.214  -13.809 -14.797 1.00 13.72 ?  29  ALA D C   1 
ATOM   635  O  O   . ALA D 1 9  ? 0.989   -14.098 -14.785 1.00 12.90 ?  29  ALA D O   1 
ATOM   636  C  CB  . ALA D 1 9  ? -1.480  -13.609 -16.955 1.00 6.52  ?  29  ALA D CB  1 
ATOM   637  N  N   . ALA D 1 10 ? -0.731  -12.888 -13.981 1.00 13.53 ?  30  ALA D N   1 
ATOM   638  C  CA  . ALA D 1 10 ? 0.123   -12.193 -13.023 1.00 10.41 ?  30  ALA D CA  1 
ATOM   639  C  C   . ALA D 1 10 ? 0.634   -13.132 -11.938 1.00 9.17  ?  30  ALA D C   1 
ATOM   640  O  O   . ALA D 1 10 ? 1.706   -12.894 -11.369 1.00 8.32  ?  30  ALA D O   1 
ATOM   641  C  CB  . ALA D 1 10 ? -0.629  -11.018 -12.400 1.00 10.44 ?  30  ALA D CB  1 
ATOM   642  N  N   . SER D 1 11 ? -0.111  -14.197 -11.635 1.00 8.33  ?  31  SER D N   1 
ATOM   643  C  CA  . SER D 1 11 ? 0.354   -15.167 -10.649 1.00 11.24 ?  31  SER D CA  1 
ATOM   644  C  C   . SER D 1 11 ? 1.584   -15.909 -11.154 1.00 11.81 ?  31  SER D C   1 
ATOM   645  O  O   . SER D 1 11 ? 2.570   -16.067 -10.425 1.00 12.09 ?  31  SER D O   1 
ATOM   646  C  CB  . SER D 1 11 ? -0.767  -16.145 -10.303 1.00 9.77  ?  31  SER D CB  1 
ATOM   647  O  OG  . SER D 1 11 ? -1.817  -15.491 -9.614  1.00 12.99 ?  31  SER D OG  1 
ATOM   648  N  N   . ILE D 1 12 ? 1.541   -16.379 -12.403 1.00 11.87 ?  32  ILE D N   1 
ATOM   649  C  CA  . ILE D 1 12 ? 2.726   -16.983 -13.006 1.00 9.86  ?  32  ILE D CA  1 
ATOM   650  C  C   . ILE D 1 12 ? 3.876   -15.985 -13.020 1.00 11.28 ?  32  ILE D C   1 
ATOM   651  O  O   . ILE D 1 12 ? 5.031   -16.340 -12.755 1.00 8.15  ?  32  ILE D O   1 
ATOM   652  C  CB  . ILE D 1 12 ? 2.401   -17.493 -14.422 1.00 13.26 ?  32  ILE D CB  1 
ATOM   653  C  CG1 . ILE D 1 12 ? 1.345   -18.600 -14.362 1.00 9.73  ?  32  ILE D CG1 1 
ATOM   654  C  CG2 . ILE D 1 12 ? 3.664   -17.978 -15.118 1.00 13.69 ?  32  ILE D CG2 1 
ATOM   655  C  CD1 . ILE D 1 12 ? 0.880   -19.074 -15.721 1.00 17.46 ?  32  ILE D CD1 1 
ATOM   656  N  N   . ILE D 1 13 ? 3.577   -14.720 -13.322 1.00 8.99  ?  33  ILE D N   1 
ATOM   657  C  CA  . ILE D 1 13 ? 4.616   -13.697 -13.378 1.00 6.74  ?  33  ILE D CA  1 
ATOM   658  C  C   . ILE D 1 13 ? 5.184   -13.428 -11.989 1.00 10.03 ?  33  ILE D C   1 
ATOM   659  O  O   . ILE D 1 13 ? 6.393   -13.220 -11.828 1.00 9.13  ?  33  ILE D O   1 
ATOM   660  C  CB  . ILE D 1 13 ? 4.063   -12.415 -14.026 1.00 8.64  ?  33  ILE D CB  1 
ATOM   661  C  CG1 . ILE D 1 13 ? 3.809   -12.641 -15.519 1.00 10.50 ?  33  ILE D CG1 1 
ATOM   662  C  CG2 . ILE D 1 13 ? 5.010   -11.248 -13.797 1.00 7.98  ?  33  ILE D CG2 1 
ATOM   663  C  CD1 . ILE D 1 13 ? 3.140   -11.472 -16.218 1.00 6.61  ?  33  ILE D CD1 1 
ATOM   664  N  N   . GLY D 1 14 ? 4.326   -13.417 -10.968 1.00 10.79 ?  34  GLY D N   1 
ATOM   665  C  CA  . GLY D 1 14 ? 4.812   -13.204 -9.615  1.00 13.27 ?  34  GLY D CA  1 
ATOM   666  C  C   . GLY D 1 14 ? 5.718   -14.324 -9.141  1.00 11.39 ?  34  GLY D C   1 
ATOM   667  O  O   . GLY D 1 14 ? 6.732   -14.078 -8.480  1.00 9.52  ?  34  GLY D O   1 
ATOM   668  N  N   . ILE D 1 15 ? 5.366   -15.568 -9.468  1.00 12.23 ?  35  ILE D N   1 
ATOM   669  C  CA  . ILE D 1 15 ? 6.232   -16.697 -9.143  1.00 11.83 ?  35  ILE D CA  1 
ATOM   670  C  C   . ILE D 1 15 ? 7.584   -16.536 -9.828  1.00 11.88 ?  35  ILE D C   1 
ATOM   671  O  O   . ILE D 1 15 ? 8.640   -16.700 -9.206  1.00 9.78  ?  35  ILE D O   1 
ATOM   672  C  CB  . ILE D 1 15 ? 5.550   -18.022 -9.531  1.00 7.60  ?  35  ILE D CB  1 
ATOM   673  C  CG1 . ILE D 1 15 ? 4.285   -18.229 -8.692  1.00 16.98 ?  35  ILE D CG1 1 
ATOM   674  C  CG2 . ILE D 1 15 ? 6.511   -19.189 -9.368  1.00 7.21  ?  35  ILE D CG2 1 
ATOM   675  C  CD1 . ILE D 1 15 ? 3.490   -19.462 -9.068  1.00 12.63 ?  35  ILE D CD1 1 
ATOM   676  N  N   . LEU D 1 16 ? 7.570   -16.204 -11.122 1.00 9.09  ?  36  LEU D N   1 
ATOM   677  C  CA  . LEU D 1 16 ? 8.818   -15.941 -11.831 1.00 6.91  ?  36  LEU D CA  1 
ATOM   678  C  C   . LEU D 1 16 ? 9.606   -14.823 -11.160 1.00 9.58  ?  36  LEU D C   1 
ATOM   679  O  O   . LEU D 1 16 ? 10.838  -14.888 -11.070 1.00 10.52 ?  36  LEU D O   1 
ATOM   680  C  CB  . LEU D 1 16 ? 8.522   -15.591 -13.291 1.00 9.30  ?  36  LEU D CB  1 
ATOM   681  C  CG  . LEU D 1 16 ? 9.679   -15.091 -14.162 1.00 10.93 ?  36  LEU D CG  1 
ATOM   682  C  CD1 . LEU D 1 16 ? 10.724  -16.181 -14.362 1.00 7.07  ?  36  LEU D CD1 1 
ATOM   683  C  CD2 . LEU D 1 16 ? 9.157   -14.588 -15.503 1.00 6.92  ?  36  LEU D CD2 1 
ATOM   684  N  N   . HIS D 1 17 ? 8.909   -13.793 -10.673 1.00 6.55  ?  37  HIS D N   1 
ATOM   685  C  CA  . HIS D 1 17 ? 9.589   -12.653 -10.069 1.00 8.24  ?  37  HIS D CA  1 
ATOM   686  C  C   . HIS D 1 17 ? 10.360  -13.065 -8.821  1.00 8.31  ?  37  HIS D C   1 
ATOM   687  O  O   . HIS D 1 17 ? 11.508  -12.650 -8.625  1.00 12.22 ?  37  HIS D O   1 
ATOM   688  C  CB  . HIS D 1 17 ? 8.571   -11.558 -9.745  1.00 12.32 ?  37  HIS D CB  1 
ATOM   689  C  CG  . HIS D 1 17 ? 9.186   -10.247 -9.363  1.00 8.76  ?  37  HIS D CG  1 
ATOM   690  N  ND1 . HIS D 1 17 ? 8.439   -9.107  -9.157  1.00 13.13 ?  37  HIS D ND1 1 
ATOM   691  C  CD2 . HIS D 1 17 ? 10.476  -9.893  -9.147  1.00 10.89 ?  37  HIS D CD2 1 
ATOM   692  C  CE1 . HIS D 1 17 ? 9.241   -8.108  -8.834  1.00 11.82 ?  37  HIS D CE1 1 
ATOM   693  N  NE2 . HIS D 1 17 ? 10.482  -8.559  -8.819  1.00 10.78 ?  37  HIS D NE2 1 
ATOM   694  N  N   . LEU D 1 18 ? 9.749   -13.883 -7.960  1.00 11.05 ?  38  LEU D N   1 
ATOM   695  C  CA  . LEU D 1 18 ? 10.457  -14.343 -6.770  1.00 5.51  ?  38  LEU D CA  1 
ATOM   696  C  C   . LEU D 1 18 ? 11.627  -15.249 -7.137  1.00 12.22 ?  38  LEU D C   1 
ATOM   697  O  O   . LEU D 1 18 ? 12.722  -15.113 -6.576  1.00 12.30 ?  38  LEU D O   1 
ATOM   698  C  CB  . LEU D 1 18 ? 9.502   -15.067 -5.822  1.00 8.95  ?  38  LEU D CB  1 
ATOM   699  C  CG  . LEU D 1 18 ? 10.160  -15.637 -4.562  1.00 14.28 ?  38  LEU D CG  1 
ATOM   700  C  CD1 . LEU D 1 18 ? 10.846  -14.532 -3.770  1.00 13.50 ?  38  LEU D CD1 1 
ATOM   701  C  CD2 . LEU D 1 18 ? 9.151   -16.372 -3.696  1.00 17.57 ?  38  LEU D CD2 1 
ATOM   702  N  N   . ILE D 1 19 ? 11.416  -16.178 -8.071  1.00 7.46  ?  39  ILE D N   1 
ATOM   703  C  CA  . ILE D 1 19 ? 12.494  -17.066 -8.497  1.00 12.17 ?  39  ILE D CA  1 
ATOM   704  C  C   . ILE D 1 19 ? 13.687  -16.254 -8.992  1.00 13.93 ?  39  ILE D C   1 
ATOM   705  O  O   . ILE D 1 19 ? 14.839  -16.534 -8.641  1.00 12.62 ?  39  ILE D O   1 
ATOM   706  C  CB  . ILE D 1 19 ? 11.989  -18.046 -9.571  1.00 14.11 ?  39  ILE D CB  1 
ATOM   707  C  CG1 . ILE D 1 19 ? 10.988  -19.032 -8.962  1.00 12.24 ?  39  ILE D CG1 1 
ATOM   708  C  CG2 . ILE D 1 19 ? 13.153  -18.781 -10.217 1.00 16.51 ?  39  ILE D CG2 1 
ATOM   709  C  CD1 . ILE D 1 19 ? 10.401  -20.010 -9.958  1.00 11.66 ?  39  ILE D CD1 1 
ATOM   710  N  N   . LEU D 1 20 ? 13.426  -15.234 -9.812  1.00 12.85 ?  40  LEU D N   1 
ATOM   711  C  CA  . LEU D 1 20 ? 14.513  -14.409 -10.334 1.00 16.03 ?  40  LEU D CA  1 
ATOM   712  C  C   . LEU D 1 20 ? 15.223  -13.653 -9.217  1.00 16.34 ?  40  LEU D C   1 
ATOM   713  O  O   . LEU D 1 20 ? 16.447  -13.484 -9.250  1.00 11.07 ?  40  LEU D O   1 
ATOM   714  C  CB  . LEU D 1 20 ? 13.975  -13.434 -11.380 1.00 10.87 ?  40  LEU D CB  1 
ATOM   715  C  CG  . LEU D 1 20 ? 13.342  -14.049 -12.628 1.00 14.31 ?  40  LEU D CG  1 
ATOM   716  C  CD1 . LEU D 1 20 ? 12.716  -12.963 -13.490 1.00 12.32 ?  40  LEU D CD1 1 
ATOM   717  C  CD2 . LEU D 1 20 ? 14.372  -14.840 -13.417 1.00 11.68 ?  40  LEU D CD2 1 
ATOM   718  N  N   . TRP D 1 21 ? 14.468  -13.182 -8.222  1.00 9.93  ?  41  TRP D N   1 
ATOM   719  C  CA  . TRP D 1 21 ? 15.077  -12.419 -7.137  1.00 14.49 ?  41  TRP D CA  1 
ATOM   720  C  C   . TRP D 1 21 ? 15.984  -13.298 -6.284  1.00 12.54 ?  41  TRP D C   1 
ATOM   721  O  O   . TRP D 1 21 ? 17.073  -12.871 -5.882  1.00 13.16 ?  41  TRP D O   1 
ATOM   722  C  CB  . TRP D 1 21 ? 13.993  -11.769 -6.280  1.00 11.49 ?  41  TRP D CB  1 
ATOM   723  C  CG  . TRP D 1 21 ? 14.539  -10.919 -5.180  1.00 15.06 ?  41  TRP D CG  1 
ATOM   724  C  CD1 . TRP D 1 21 ? 14.800  -9.579  -5.231  1.00 14.37 ?  41  TRP D CD1 1 
ATOM   725  C  CD2 . TRP D 1 21 ? 14.900  -11.348 -3.862  1.00 11.78 ?  41  TRP D CD2 1 
ATOM   726  N  NE1 . TRP D 1 21 ? 15.299  -9.149  -4.026  1.00 12.94 ?  41  TRP D NE1 1 
ATOM   727  C  CE2 . TRP D 1 21 ? 15.370  -10.215 -3.168  1.00 15.35 ?  41  TRP D CE2 1 
ATOM   728  C  CE3 . TRP D 1 21 ? 14.870  -12.581 -3.200  1.00 14.29 ?  41  TRP D CE3 1 
ATOM   729  C  CZ2 . TRP D 1 21 ? 15.806  -10.277 -1.846  1.00 16.70 ?  41  TRP D CZ2 1 
ATOM   730  C  CZ3 . TRP D 1 21 ? 15.303  -12.640 -1.887  1.00 13.41 ?  41  TRP D CZ3 1 
ATOM   731  C  CH2 . TRP D 1 21 ? 15.765  -11.496 -1.225  1.00 16.15 ?  41  TRP D CH2 1 
ATOM   732  N  N   . ILE D 1 22 ? 15.554  -14.528 -5.994  1.00 13.02 ?  42  ILE D N   1 
ATOM   733  C  CA  . ILE D 1 22 ? 16.384  -15.444 -5.216  1.00 15.34 ?  42  ILE D CA  1 
ATOM   734  C  C   . ILE D 1 22 ? 17.657  -15.786 -5.980  1.00 15.60 ?  42  ILE D C   1 
ATOM   735  O  O   . ILE D 1 22 ? 18.769  -15.682 -5.450  1.00 15.00 ?  42  ILE D O   1 
ATOM   736  C  CB  . ILE D 1 22 ? 15.590  -16.710 -4.849  1.00 11.33 ?  42  ILE D CB  1 
ATOM   737  C  CG1 . ILE D 1 22 ? 14.517  -16.383 -3.808  1.00 9.82  ?  42  ILE D CG1 1 
ATOM   738  C  CG2 . ILE D 1 22 ? 16.526  -17.800 -4.344  1.00 19.27 ?  42  ILE D CG2 1 
ATOM   739  C  CD1 . ILE D 1 22 ? 13.646  -17.561 -3.439  1.00 14.25 ?  42  ILE D CD1 1 
ATOM   740  N  N   . LEU D 1 23 ? 17.510  -16.202 -7.240  1.00 14.56 ?  43  LEU D N   1 
ATOM   741  C  CA  . LEU D 1 23 ? 18.678  -16.531 -8.051  1.00 14.03 ?  43  LEU D CA  1 
ATOM   742  C  C   . LEU D 1 23 ? 19.629  -15.346 -8.156  1.00 15.60 ?  43  LEU D C   1 
ATOM   743  O  O   . LEU D 1 23 ? 20.851  -15.512 -8.078  1.00 14.08 ?  43  LEU D O   1 
ATOM   744  C  CB  . LEU D 1 23 ? 18.237  -16.988 -9.442  1.00 13.90 ?  43  LEU D CB  1 
ATOM   745  C  CG  . LEU D 1 23 ? 17.441  -18.291 -9.513  1.00 15.40 ?  43  LEU D CG  1 
ATOM   746  C  CD1 . LEU D 1 23 ? 16.914  -18.516 -10.922 1.00 13.40 ?  43  LEU D CD1 1 
ATOM   747  C  CD2 . LEU D 1 23 ? 18.296  -19.464 -9.068  1.00 17.41 ?  43  LEU D CD2 1 
ATOM   748  N  N   . ASP D 1 24 ? 19.088  -14.140 -8.334  1.00 9.60  ?  44  ASP D N   1 
ATOM   749  C  CA  . ASP D 1 24 ? 19.935  -12.964 -8.476  1.00 13.28 ?  44  ASP D CA  1 
ATOM   750  C  C   . ASP D 1 24 ? 20.574  -12.557 -7.153  1.00 16.57 ?  44  ASP D C   1 
ATOM   751  O  O   . ASP D 1 24 ? 21.580  -11.841 -7.160  1.00 20.00 ?  44  ASP D O   1 
ATOM   752  C  CB  . ASP D 1 24 ? 19.118  -11.812 -9.065  1.00 20.09 ?  44  ASP D CB  1 
ATOM   753  C  CG  . ASP D 1 24 ? 19.985  -10.719 -9.659  1.00 29.39 ?  44  ASP D CG  1 
ATOM   754  O  OD1 . ASP D 1 24 ? 20.232  -9.712  -8.964  1.00 44.99 ?  44  ASP D OD1 1 
ATOM   755  O  OD2 . ASP D 1 24 ? 20.430  -10.875 -10.817 1.00 35.05 -1 44  ASP D OD2 1 
ATOM   756  N  N   . ARG D 1 25 ? 20.020  -13.002 -6.026  1.00 13.34 ?  45  ARG D N   1 
ATOM   757  C  CA  . ARG D 1 25 ? 20.584  -12.677 -4.722  1.00 15.72 ?  45  ARG D CA  1 
ATOM   758  C  C   . ARG D 1 25 ? 21.660  -13.661 -4.283  1.00 14.53 ?  45  ARG D C   1 
ATOM   759  O  O   . ARG D 1 25 ? 22.615  -13.262 -3.605  1.00 14.34 ?  45  ARG D O   1 
ATOM   760  C  CB  . ARG D 1 25 ? 19.478  -12.636 -3.665  1.00 13.26 ?  45  ARG D CB  1 
ATOM   761  C  CG  . ARG D 1 25 ? 19.985  -12.382 -2.253  1.00 15.40 ?  45  ARG D CG  1 
ATOM   762  C  CD  . ARG D 1 25 ? 20.606  -11.001 -2.134  1.00 16.63 ?  45  ARG D CD  1 
ATOM   763  N  NE  . ARG D 1 25 ? 21.130  -10.736 -0.796  1.00 15.27 ?  45  ARG D NE  1 
ATOM   764  C  CZ  . ARG D 1 25 ? 22.368  -11.022 -0.409  1.00 15.27 ?  45  ARG D CZ  1 
ATOM   765  N  NH1 . ARG D 1 25 ? 23.216  -11.589 -1.256  1.00 15.35 1  45  ARG D NH1 1 
ATOM   766  N  NH2 . ARG D 1 25 ? 22.761  -10.741 0.826   1.00 16.77 ?  45  ARG D NH2 1 
ATOM   767  N  N   . LEU D 1 26 ? 21.524  -14.932 -4.643  1.00 15.66 ?  46  LEU D N   1 
ATOM   768  C  CA  . LEU D 1 26 ? 22.490  -15.947 -4.239  1.00 16.94 ?  46  LEU D CA  1 
ATOM   769  C  C   . LEU D 1 26 ? 23.863  -15.665 -4.831  1.00 24.76 ?  46  LEU D C   1 
ATOM   770  O  O   . LEU D 1 26 ? 24.612  -16.591 -5.140  1.00 24.12 ?  46  LEU D O   1 
ATOM   771  C  CB  . LEU D 1 26 ? 22.011  -17.338 -4.660  1.00 13.46 ?  46  LEU D CB  1 
ATOM   772  C  CG  . LEU D 1 26 ? 20.718  -17.811 -3.997  1.00 12.02 ?  46  LEU D CG  1 
ATOM   773  C  CD1 . LEU D 1 26 ? 20.272  -19.153 -4.557  1.00 16.72 ?  46  LEU D CD1 1 
ATOM   774  C  CD2 . LEU D 1 26 ? 20.904  -17.884 -2.489  1.00 21.60 ?  46  LEU D CD2 1 
ATOM   775  N  N   . SER E 1 2  ? 13.237  16.276  13.282  1.00 29.54 ?  22  SER E N   1 
ATOM   776  C  CA  . SER E 1 2  ? 12.162  15.996  14.230  1.00 27.59 ?  22  SER E CA  1 
ATOM   777  C  C   . SER E 1 2  ? 10.815  16.416  13.650  1.00 20.29 ?  22  SER E C   1 
ATOM   778  O  O   . SER E 1 2  ? 10.749  16.946  12.540  1.00 23.09 ?  22  SER E O   1 
ATOM   779  C  CB  . SER E 1 2  ? 12.415  16.708  15.562  1.00 23.05 ?  22  SER E CB  1 
ATOM   780  O  OG  . SER E 1 2  ? 13.591  16.223  16.185  1.00 39.25 ?  22  SER E OG  1 
ATOM   781  N  N   . SER E 1 3  ? 9.741   16.179  14.399  1.00 15.79 ?  23  SER E N   1 
ATOM   782  C  CA  . SER E 1 3  ? 8.398   16.452  13.912  1.00 14.20 ?  23  SER E CA  1 
ATOM   783  C  C   . SER E 1 3  ? 7.524   16.965  15.047  1.00 20.53 ?  23  SER E C   1 
ATOM   784  O  O   . SER E 1 3  ? 7.788   16.723  16.228  1.00 13.47 ?  23  SER E O   1 
ATOM   785  C  CB  . SER E 1 3  ? 7.761   15.204  13.285  1.00 15.48 ?  23  SER E CB  1 
ATOM   786  O  OG  . SER E 1 3  ? 8.539   14.721  12.204  1.00 11.80 ?  23  SER E OG  1 
ATOM   787  N  N   . ASP E 1 4  ? 6.470   17.677  14.663  1.00 15.39 ?  24  ASP E N   1 
ATOM   788  C  CA  . ASP E 1 4  ? 5.517   18.202  15.629  1.00 14.10 ?  24  ASP E CA  1 
ATOM   789  C  C   . ASP E 1 4  ? 4.803   17.053  16.335  1.00 12.00 ?  24  ASP E C   1 
ATOM   790  O  O   . ASP E 1 4  ? 4.481   16.038  15.703  1.00 11.24 ?  24  ASP E O   1 
ATOM   791  C  CB  . ASP E 1 4  ? 4.505   19.105  14.917  1.00 13.31 ?  24  ASP E CB  1 
ATOM   792  C  CG  . ASP E 1 4  ? 3.580   19.829  15.875  1.00 20.83 ?  24  ASP E CG  1 
ATOM   793  O  OD1 . ASP E 1 4  ? 2.978   19.176  16.750  1.00 26.75 ?  24  ASP E OD1 1 
ATOM   794  O  OD2 . ASP E 1 4  ? 3.447   21.065  15.744  1.00 30.36 -1 24  ASP E OD2 1 
ATOM   795  N  N   . PRO E 1 5  ? 4.546   17.168  17.642  1.00 17.88 ?  25  PRO E N   1 
ATOM   796  C  CA  . PRO E 1 5  ? 3.798   16.100  18.329  1.00 11.39 ?  25  PRO E CA  1 
ATOM   797  C  C   . PRO E 1 5  ? 2.465   15.782  17.675  1.00 13.23 ?  25  PRO E C   1 
ATOM   798  O  O   . PRO E 1 5  ? 2.076   14.608  17.616  1.00 11.42 ?  25  PRO E O   1 
ATOM   799  C  CB  . PRO E 1 5  ? 3.623   16.661  19.746  1.00 16.99 ?  25  PRO E CB  1 
ATOM   800  C  CG  . PRO E 1 5  ? 4.779   17.589  19.923  1.00 20.14 ?  25  PRO E CG  1 
ATOM   801  C  CD  . PRO E 1 5  ? 5.007   18.213  18.573  1.00 15.26 ?  25  PRO E CD  1 
ATOM   802  N  N   . LEU E 1 6  ? 1.743   16.796  17.189  1.00 12.63 ?  26  LEU E N   1 
ATOM   803  C  CA  . LEU E 1 6  ? 0.502   16.533  16.467  1.00 13.35 ?  26  LEU E CA  1 
ATOM   804  C  C   . LEU E 1 6  ? 0.753   15.657  15.246  1.00 8.16  ?  26  LEU E C   1 
ATOM   805  O  O   . LEU E 1 6  ? -0.052  14.776  14.927  1.00 12.04 ?  26  LEU E O   1 
ATOM   806  C  CB  . LEU E 1 6  ? -0.162  17.846  16.048  1.00 15.60 ?  26  LEU E CB  1 
ATOM   807  C  CG  . LEU E 1 6  ? -1.157  18.485  17.016  1.00 21.34 ?  26  LEU E CG  1 
ATOM   808  C  CD1 . LEU E 1 6  ? -1.854  19.660  16.349  1.00 13.66 ?  26  LEU E CD1 1 
ATOM   809  C  CD2 . LEU E 1 6  ? -2.173  17.460  17.494  1.00 17.25 ?  26  LEU E CD2 1 
ATOM   810  N  N   . VAL E 1 7  ? 1.866   15.891  14.549  1.00 9.88  ?  27  VAL E N   1 
ATOM   811  C  CA  . VAL E 1 7  ? 2.195   15.076  13.384  1.00 9.77  ?  27  VAL E CA  1 
ATOM   812  C  C   . VAL E 1 7  ? 2.579   13.667  13.813  1.00 10.37 ?  27  VAL E C   1 
ATOM   813  O  O   . VAL E 1 7  ? 2.170   12.680  13.189  1.00 9.66  ?  27  VAL E O   1 
ATOM   814  C  CB  . VAL E 1 7  ? 3.312   15.750  12.566  1.00 10.82 ?  27  VAL E CB  1 
ATOM   815  C  CG1 . VAL E 1 7  ? 3.701   14.886  11.377  1.00 9.98  ?  27  VAL E CG1 1 
ATOM   816  C  CG2 . VAL E 1 7  ? 2.864   17.131  12.104  1.00 9.05  ?  27  VAL E CG2 1 
ATOM   817  N  N   . VAL E 1 8  ? 3.370   13.545  14.882  1.00 11.09 ?  28  VAL E N   1 
ATOM   818  C  CA  . VAL E 1 8  ? 3.712   12.224  15.402  1.00 10.50 ?  28  VAL E CA  1 
ATOM   819  C  C   . VAL E 1 8  ? 2.452   11.476  15.813  1.00 9.99  ?  28  VAL E C   1 
ATOM   820  O  O   . VAL E 1 8  ? 2.303   10.280  15.536  1.00 5.74  ?  28  VAL E O   1 
ATOM   821  C  CB  . VAL E 1 8  ? 4.706   12.350  16.572  1.00 10.51 ?  28  VAL E CB  1 
ATOM   822  C  CG1 . VAL E 1 8  ? 4.987   10.983  17.180  1.00 9.97  ?  28  VAL E CG1 1 
ATOM   823  C  CG2 . VAL E 1 8  ? 5.995   13.005  16.103  1.00 10.87 ?  28  VAL E CG2 1 
ATOM   824  N  N   . ALA E 1 9  ? 1.523   12.167  16.478  1.00 11.54 ?  29  ALA E N   1 
ATOM   825  C  CA  . ALA E 1 9  ? 0.273   11.525  16.871  1.00 8.75  ?  29  ALA E CA  1 
ATOM   826  C  C   . ALA E 1 9  ? -0.533  11.104  15.650  1.00 8.21  ?  29  ALA E C   1 
ATOM   827  O  O   . ALA E 1 9  ? -1.073  9.993   15.606  1.00 6.74  ?  29  ALA E O   1 
ATOM   828  C  CB  . ALA E 1 9  ? -0.542  12.463  17.760  1.00 13.60 ?  29  ALA E CB  1 
ATOM   829  N  N   . ALA E 1 10 ? -0.623  11.978  14.644  1.00 12.89 ?  30  ALA E N   1 
ATOM   830  C  CA  . ALA E 1 10 ? -1.359  11.637  13.432  1.00 9.96  ?  30  ALA E CA  1 
ATOM   831  C  C   . ALA E 1 10 ? -0.690  10.502  12.666  1.00 8.39  ?  30  ALA E C   1 
ATOM   832  O  O   . ALA E 1 10 ? -1.370  9.743   11.966  1.00 8.58  ?  30  ALA E O   1 
ATOM   833  C  CB  . ALA E 1 10 ? -1.504  12.870  12.540  1.00 10.51 ?  30  ALA E CB  1 
ATOM   834  N  N   . SER E 1 11 ? 0.633   10.372  12.781  1.00 8.45  ?  31  SER E N   1 
ATOM   835  C  CA  . SER E 1 11 ? 1.321   9.252   12.147  1.00 6.86  ?  31  SER E CA  1 
ATOM   836  C  C   . SER E 1 11 ? 0.934   7.934   12.807  1.00 9.92  ?  31  SER E C   1 
ATOM   837  O  O   . SER E 1 11 ? 0.602   6.959   12.124  1.00 7.28  ?  31  SER E O   1 
ATOM   838  C  CB  . SER E 1 11 ? 2.834   9.467   12.203  1.00 8.37  ?  31  SER E CB  1 
ATOM   839  O  OG  . SER E 1 11 ? 3.214   10.596  11.436  1.00 11.18 ?  31  SER E OG  1 
ATOM   840  N  N   . ILE E 1 12 ? 0.969   7.888   14.140  1.00 8.56  ?  32  ILE E N   1 
ATOM   841  C  CA  . ILE E 1 12 ? 0.487   6.708   14.854  1.00 7.09  ?  32  ILE E CA  1 
ATOM   842  C  C   . ILE E 1 12 ? -0.960  6.420   14.474  1.00 13.04 ?  32  ILE E C   1 
ATOM   843  O  O   . ILE E 1 12 ? -1.325  5.283   14.154  1.00 9.80  ?  32  ILE E O   1 
ATOM   844  C  CB  . ILE E 1 12 ? 0.643   6.898   16.373  1.00 11.58 ?  32  ILE E CB  1 
ATOM   845  C  CG1 . ILE E 1 12 ? 2.110   7.147   16.736  1.00 10.75 ?  32  ILE E CG1 1 
ATOM   846  C  CG2 . ILE E 1 12 ? 0.098   5.692   17.126  1.00 9.05  ?  32  ILE E CG2 1 
ATOM   847  C  CD1 . ILE E 1 12 ? 2.331   7.473   18.200  1.00 12.91 ?  32  ILE E CD1 1 
ATOM   848  N  N   . ILE E 1 13 ? -1.805  7.453   14.495  1.00 8.61  ?  33  ILE E N   1 
ATOM   849  C  CA  . ILE E 1 13 ? -3.217  7.268   14.177  1.00 6.76  ?  33  ILE E CA  1 
ATOM   850  C  C   . ILE E 1 13 ? -3.390  6.854   12.720  1.00 10.71 ?  33  ILE E C   1 
ATOM   851  O  O   . ILE E 1 13 ? -4.263  6.041   12.391  1.00 11.16 ?  33  ILE E O   1 
ATOM   852  C  CB  . ILE E 1 13 ? -4.007  8.549   14.503  1.00 6.76  ?  33  ILE E CB  1 
ATOM   853  C  CG1 . ILE E 1 13 ? -4.023  8.790   16.015  1.00 16.17 ?  33  ILE E CG1 1 
ATOM   854  C  CG2 . ILE E 1 13 ? -5.420  8.463   13.948  1.00 11.55 ?  33  ILE E CG2 1 
ATOM   855  C  CD1 . ILE E 1 13 ? -4.702  10.077  16.423  1.00 16.14 ?  33  ILE E CD1 1 
ATOM   856  N  N   . GLY E 1 14 ? -2.570  7.405   11.826  1.00 8.84  ?  34  GLY E N   1 
ATOM   857  C  CA  . GLY E 1 14 ? -2.640  6.998   10.432  1.00 10.40 ?  34  GLY E CA  1 
ATOM   858  C  C   . GLY E 1 14 ? -2.325  5.528   10.242  1.00 10.65 ?  34  GLY E C   1 
ATOM   859  O  O   . GLY E 1 14 ? -2.986  4.834   9.465   1.00 8.01  ?  34  GLY E O   1 
ATOM   860  N  N   . ILE E 1 15 ? -1.315  5.029   10.956  1.00 7.98  ?  35  ILE E N   1 
ATOM   861  C  CA  . ILE E 1 15 ? -0.974  3.611   10.877  1.00 9.84  ?  35  ILE E CA  1 
ATOM   862  C  C   . ILE E 1 15 ? -2.136  2.757   11.376  1.00 10.55 ?  35  ILE E C   1 
ATOM   863  O  O   . ILE E 1 15 ? -2.566  1.808   10.709  1.00 10.52 ?  35  ILE E O   1 
ATOM   864  C  CB  . ILE E 1 15 ? 0.317   3.328   11.665  1.00 11.10 ?  35  ILE E CB  1 
ATOM   865  C  CG1 . ILE E 1 15 ? 1.503   4.048   11.018  1.00 8.77  ?  35  ILE E CG1 1 
ATOM   866  C  CG2 . ILE E 1 15 ? 0.563   1.829   11.758  1.00 5.17  ?  35  ILE E CG2 1 
ATOM   867  C  CD1 . ILE E 1 15 ? 2.773   3.983   11.832  1.00 14.44 ?  35  ILE E CD1 1 
ATOM   868  N  N   . LEU E 1 16 ? -2.659  3.078   12.562  1.00 12.14 ?  36  LEU E N   1 
ATOM   869  C  CA  . LEU E 1 16 ? -3.791  2.326   13.095  1.00 14.87 ?  36  LEU E CA  1 
ATOM   870  C  C   . LEU E 1 16 ? -4.983  2.385   12.149  1.00 8.42  ?  36  LEU E C   1 
ATOM   871  O  O   . LEU E 1 16 ? -5.739  1.414   12.026  1.00 5.71  ?  36  LEU E O   1 
ATOM   872  C  CB  . LEU E 1 16 ? -4.176  2.857   14.475  1.00 10.78 ?  36  LEU E CB  1 
ATOM   873  C  CG  . LEU E 1 16 ? -3.080  2.841   15.542  1.00 17.75 ?  36  LEU E CG  1 
ATOM   874  C  CD1 . LEU E 1 16 ? -3.650  3.234   16.900  1.00 21.42 ?  36  LEU E CD1 1 
ATOM   875  C  CD2 . LEU E 1 16 ? -2.408  1.477   15.610  1.00 19.90 ?  36  LEU E CD2 1 
ATOM   876  N  N   . HIS E 1 17 ? -5.164  3.518   11.468  1.00 6.48  ?  37  HIS E N   1 
ATOM   877  C  CA  . HIS E 1 17 ? -6.284  3.663   10.542  1.00 9.76  ?  37  HIS E CA  1 
ATOM   878  C  C   . HIS E 1 17 ? -6.193  2.650   9.406   1.00 11.14 ?  37  HIS E C   1 
ATOM   879  O  O   . HIS E 1 17 ? -7.183  1.991   9.064   1.00 14.24 ?  37  HIS E O   1 
ATOM   880  C  CB  . HIS E 1 17 ? -6.325  5.088   9.992   1.00 8.01  ?  37  HIS E CB  1 
ATOM   881  C  CG  . HIS E 1 17 ? -7.565  5.405   9.216   1.00 15.52 ?  37  HIS E CG  1 
ATOM   882  N  ND1 . HIS E 1 17 ? -7.764  6.624   8.605   1.00 15.68 ?  37  HIS E ND1 1 
ATOM   883  C  CD2 . HIS E 1 17 ? -8.671  4.669   8.953   1.00 12.27 ?  37  HIS E CD2 1 
ATOM   884  C  CE1 . HIS E 1 17 ? -8.937  6.625   7.998   1.00 14.42 ?  37  HIS E CE1 1 
ATOM   885  N  NE2 . HIS E 1 17 ? -9.508  5.450   8.193   1.00 17.31 ?  37  HIS E NE2 1 
ATOM   886  N  N   . LEU E 1 18 ? -5.008  2.508   8.810   1.00 13.03 ?  38  LEU E N   1 
ATOM   887  C  CA  . LEU E 1 18 ? -4.842  1.542   7.729   1.00 10.27 ?  38  LEU E CA  1 
ATOM   888  C  C   . LEU E 1 18 ? -5.002  0.114   8.236   1.00 12.37 ?  38  LEU E C   1 
ATOM   889  O  O   . LEU E 1 18 ? -5.585  -0.732  7.549   1.00 8.66  ?  38  LEU E O   1 
ATOM   890  C  CB  . LEU E 1 18 ? -3.481  1.725   7.058   1.00 9.07  ?  38  LEU E CB  1 
ATOM   891  C  CG  . LEU E 1 18 ? -3.198  0.753   5.910   1.00 14.75 ?  38  LEU E CG  1 
ATOM   892  C  CD1 . LEU E 1 18 ? -4.253  0.892   4.821   1.00 13.91 ?  38  LEU E CD1 1 
ATOM   893  C  CD2 . LEU E 1 18 ? -1.806  0.967   5.341   1.00 18.03 ?  38  LEU E CD2 1 
ATOM   894  N  N   . ILE E 1 19 ? -4.490  -0.172  9.434   1.00 9.62  ?  39  ILE E N   1 
ATOM   895  C  CA  . ILE E 1 19 ? -4.652  -1.505  10.011  1.00 10.81 ?  39  ILE E CA  1 
ATOM   896  C  C   . ILE E 1 19 ? -6.131  -1.848  10.138  1.00 14.07 ?  39  ILE E C   1 
ATOM   897  O  O   . ILE E 1 19 ? -6.572  -2.934  9.744   1.00 13.59 ?  39  ILE E O   1 
ATOM   898  C  CB  . ILE E 1 19 ? -3.932  -1.593  11.368  1.00 16.17 ?  39  ILE E CB  1 
ATOM   899  C  CG1 . ILE E 1 19 ? -2.416  -1.523  11.171  1.00 16.05 ?  39  ILE E CG1 1 
ATOM   900  C  CG2 . ILE E 1 19 ? -4.331  -2.865  12.101  1.00 11.38 ?  39  ILE E CG2 1 
ATOM   901  C  CD1 . ILE E 1 19 ? -1.629  -1.558  12.462  1.00 10.63 ?  39  ILE E CD1 1 
ATOM   902  N  N   . LEU E 1 20 ? -6.922  -0.924  10.690  1.00 10.41 ?  40  LEU E N   1 
ATOM   903  C  CA  . LEU E 1 20 ? -8.359  -1.152  10.800  1.00 12.37 ?  40  LEU E CA  1 
ATOM   904  C  C   . LEU E 1 20 ? -8.999  -1.307  9.426   1.00 10.84 ?  40  LEU E C   1 
ATOM   905  O  O   . LEU E 1 20 ? -9.878  -2.156  9.233   1.00 13.27 ?  40  LEU E O   1 
ATOM   906  C  CB  . LEU E 1 20 ? -9.016  -0.007  11.570  1.00 16.71 ?  40  LEU E CB  1 
ATOM   907  C  CG  . LEU E 1 20 ? -8.716  0.072   13.068  1.00 13.29 ?  40  LEU E CG  1 
ATOM   908  C  CD1 . LEU E 1 20 ? -9.302  1.340   13.668  1.00 16.17 ?  40  LEU E CD1 1 
ATOM   909  C  CD2 . LEU E 1 20 ? -9.253  -1.155  13.782  1.00 16.36 ?  40  LEU E CD2 1 
ATOM   910  N  N   . TRP E 1 21 ? -8.573  -0.495  8.456   1.00 11.44 ?  41  TRP E N   1 
ATOM   911  C  CA  . TRP E 1 21 ? -9.144  -0.578  7.117   1.00 8.51  ?  41  TRP E CA  1 
ATOM   912  C  C   . TRP E 1 21 ? -8.864  -1.935  6.481   1.00 12.15 ?  41  TRP E C   1 
ATOM   913  O  O   . TRP E 1 21 ? -9.724  -2.496  5.791   1.00 8.14  ?  41  TRP E O   1 
ATOM   914  C  CB  . TRP E 1 21 ? -8.593  0.549   6.244   1.00 13.29 ?  41  TRP E CB  1 
ATOM   915  C  CG  . TRP E 1 21 ? -9.311  0.709   4.938   1.00 15.79 ?  41  TRP E CG  1 
ATOM   916  C  CD1 . TRP E 1 21 ? -10.340 1.562   4.669   1.00 12.93 ?  41  TRP E CD1 1 
ATOM   917  C  CD2 . TRP E 1 21 ? -9.053  -0.005  3.722   1.00 14.89 ?  41  TRP E CD2 1 
ATOM   918  N  NE1 . TRP E 1 21 ? -10.741 1.426   3.362   1.00 18.19 ?  41  TRP E NE1 1 
ATOM   919  C  CE2 . TRP E 1 21 ? -9.966  0.469   2.759   1.00 18.16 ?  41  TRP E CE2 1 
ATOM   920  C  CE3 . TRP E 1 21 ? -8.141  -0.999  3.353   1.00 15.67 ?  41  TRP E CE3 1 
ATOM   921  C  CZ2 . TRP E 1 21 ? -9.992  -0.015  1.452   1.00 21.73 ?  41  TRP E CZ2 1 
ATOM   922  C  CZ3 . TRP E 1 21 ? -8.169  -1.479  2.056   1.00 24.62 ?  41  TRP E CZ3 1 
ATOM   923  C  CH2 . TRP E 1 21 ? -9.088  -0.986  1.122   1.00 21.70 ?  41  TRP E CH2 1 
ATOM   924  N  N   . ILE E 1 22 ? -7.667  -2.479  6.707   1.00 12.20 ?  42  ILE E N   1 
ATOM   925  C  CA  . ILE E 1 22 ? -7.313  -3.772  6.127   1.00 10.25 ?  42  ILE E CA  1 
ATOM   926  C  C   . ILE E 1 22 ? -8.105  -4.891  6.794   1.00 12.57 ?  42  ILE E C   1 
ATOM   927  O  O   . ILE E 1 22 ? -8.683  -5.750  6.119   1.00 13.85 ?  42  ILE E O   1 
ATOM   928  C  CB  . ILE E 1 22 ? -5.796  -4.008  6.235   1.00 13.17 ?  42  ILE E CB  1 
ATOM   929  C  CG1 . ILE E 1 22 ? -5.040  -3.036  5.326   1.00 11.75 ?  42  ILE E CG1 1 
ATOM   930  C  CG2 . ILE E 1 22 ? -5.455  -5.451  5.894   1.00 13.23 ?  42  ILE E CG2 1 
ATOM   931  C  CD1 . ILE E 1 22 ? -3.538  -3.196  5.373   1.00 16.83 ?  42  ILE E CD1 1 
ATOM   932  N  N   . LEU E 1 23 ? -8.137  -4.900  8.128   1.00 10.63 ?  43  LEU E N   1 
ATOM   933  C  CA  . LEU E 1 23 ? -8.902  -5.916  8.844   1.00 14.66 ?  43  LEU E CA  1 
ATOM   934  C  C   . LEU E 1 23 ? -10.357 -5.929  8.395   1.00 14.49 ?  43  LEU E C   1 
ATOM   935  O  O   . LEU E 1 23 ? -10.941 -6.997  8.179   1.00 23.92 ?  43  LEU E O   1 
ATOM   936  C  CB  . LEU E 1 23 ? -8.816  -5.675  10.350  1.00 19.18 ?  43  LEU E CB  1 
ATOM   937  C  CG  . LEU E 1 23 ? -7.430  -5.756  10.991  1.00 17.12 ?  43  LEU E CG  1 
ATOM   938  C  CD1 . LEU E 1 23 ? -7.491  -5.273  12.430  1.00 15.23 ?  43  LEU E CD1 1 
ATOM   939  C  CD2 . LEU E 1 23 ? -6.893  -7.177  10.927  1.00 22.76 ?  43  LEU E CD2 1 
ATOM   940  N  N   . ASP E 1 24 ? -10.961 -4.749  8.252   1.00 17.80 ?  44  ASP E N   1 
ATOM   941  C  CA  . ASP E 1 24 ? -12.350 -4.678  7.818   1.00 15.37 ?  44  ASP E CA  1 
ATOM   942  C  C   . ASP E 1 24 ? -12.498 -5.074  6.355   1.00 23.66 ?  44  ASP E C   1 
ATOM   943  O  O   . ASP E 1 24 ? -13.560 -5.557  5.948   1.00 28.76 ?  44  ASP E O   1 
ATOM   944  C  CB  . ASP E 1 24 ? -12.894 -3.269  8.062   1.00 23.26 ?  44  ASP E CB  1 
ATOM   945  C  CG  . ASP E 1 24 ? -14.353 -3.128  7.678   1.00 37.29 ?  44  ASP E CG  1 
ATOM   946  O  OD1 . ASP E 1 24 ? -14.657 -3.139  6.465   1.00 40.82 ?  44  ASP E OD1 1 
ATOM   947  O  OD2 . ASP E 1 24 ? -15.200 -3.015  8.591   1.00 38.07 -1 44  ASP E OD2 1 
ATOM   948  N  N   . ARG E 1 25 ? -11.446 -4.890  5.553   1.00 23.42 ?  45  ARG E N   1 
ATOM   949  C  CA  . ARG E 1 25 ? -11.511 -5.269  4.146   1.00 22.74 ?  45  ARG E CA  1 
ATOM   950  C  C   . ARG E 1 25 ? -11.463 -6.782  3.979   1.00 19.31 ?  45  ARG E C   1 
ATOM   951  O  O   . ARG E 1 25 ? -12.305 -7.367  3.289   1.00 24.73 ?  45  ARG E O   1 
ATOM   952  C  CB  . ARG E 1 25 ? -10.373 -4.604  3.371   1.00 22.74 ?  45  ARG E CB  1 
ATOM   953  C  CG  . ARG E 1 25 ? -10.278 -5.034  1.911   1.00 25.64 ?  45  ARG E CG  1 
ATOM   954  C  CD  . ARG E 1 25 ? -11.578 -4.769  1.165   1.00 22.98 ?  45  ARG E CD  1 
ATOM   955  N  NE  . ARG E 1 25 ? -11.499 -5.176  -0.235  1.00 26.35 ?  45  ARG E NE  1 
ATOM   956  C  CZ  . ARG E 1 25 ? -11.744 -6.408  -0.671  1.00 30.40 ?  45  ARG E CZ  1 
ATOM   957  N  NH1 . ARG E 1 25 ? -12.081 -7.362  0.186   1.00 25.82 1  45  ARG E NH1 1 
ATOM   958  N  NH2 . ARG E 1 25 ? -11.649 -6.688  -1.964  1.00 34.73 ?  45  ARG E NH2 1 
ATOM   959  N  N   . LEU E 1 26 ? -10.485 -7.433  4.601   1.00 22.76 ?  46  LEU E N   1 
ATOM   960  C  CA  . LEU E 1 26 ? -10.341 -8.880  4.485   1.00 26.04 ?  46  LEU E CA  1 
ATOM   961  C  C   . LEU E 1 26 ? -11.572 -9.598  5.024   1.00 27.75 ?  46  LEU E C   1 
ATOM   962  O  O   . LEU E 1 26 ? -11.481 -10.727 5.505   1.00 28.16 ?  46  LEU E O   1 
ATOM   963  C  CB  . LEU E 1 26 ? -9.087  -9.355  5.222   1.00 15.32 ?  46  LEU E CB  1 
ATOM   964  C  CG  . LEU E 1 26 ? -7.759  -8.822  4.681   1.00 15.08 ?  46  LEU E CG  1 
ATOM   965  C  CD1 . LEU E 1 26 ? -6.584  -9.361  5.484   1.00 24.69 ?  46  LEU E CD1 1 
ATOM   966  C  CD2 . LEU E 1 26 ? -7.611  -9.165  3.202   1.00 16.52 ?  46  LEU E CD2 1 
HETATM 967  C  C   . ACE F 1 1  ? 9.312   20.225  16.356  1.00 21.54 ?  21  ACE F C   1 
HETATM 968  O  O   . ACE F 1 1  ? 8.447   20.766  17.043  1.00 36.46 ?  21  ACE F O   1 
HETATM 969  C  CH3 . ACE F 1 1  ? 10.356  19.322  16.947  1.00 28.31 ?  21  ACE F CH3 1 
ATOM   970  N  N   . SER F 1 2  ? 9.380   20.391  15.038  1.00 18.00 ?  22  SER F N   1 
ATOM   971  C  CA  . SER F 1 2  ? 8.439   21.236  14.313  1.00 22.53 ?  22  SER F CA  1 
ATOM   972  C  C   . SER F 1 2  ? 8.169   20.663  12.925  1.00 21.29 ?  22  SER F C   1 
ATOM   973  O  O   . SER F 1 2  ? 8.972   19.895  12.395  1.00 13.16 ?  22  SER F O   1 
ATOM   974  C  CB  . SER F 1 2  ? 8.970   22.666  14.206  1.00 24.24 ?  22  SER F CB  1 
ATOM   975  O  OG  . SER F 1 2  ? 10.236  22.693  13.571  1.00 28.52 ?  22  SER F OG  1 
ATOM   976  N  N   . SER F 1 3  ? 7.033   21.039  12.339  1.00 18.02 ?  23  SER F N   1 
ATOM   977  C  CA  . SER F 1 3  ? 6.616   20.504  11.052  1.00 8.91  ?  23  SER F CA  1 
ATOM   978  C  C   . SER F 1 3  ? 6.085   21.629  10.176  1.00 12.47 ?  23  SER F C   1 
ATOM   979  O  O   . SER F 1 3  ? 5.743   22.713  10.654  1.00 11.76 ?  23  SER F O   1 
ATOM   980  C  CB  . SER F 1 3  ? 5.545   19.417  11.216  1.00 10.84 ?  23  SER F CB  1 
ATOM   981  O  OG  . SER F 1 3  ? 6.027   18.339  12.001  1.00 12.51 ?  23  SER F OG  1 
ATOM   982  N  N   . ASP F 1 4  ? 6.022   21.354  8.878   1.00 12.21 ?  24  ASP F N   1 
ATOM   983  C  CA  . ASP F 1 4  ? 5.460   22.315  7.943   1.00 12.39 ?  24  ASP F CA  1 
ATOM   984  C  C   . ASP F 1 4  ? 3.984   22.544  8.263   1.00 11.94 ?  24  ASP F C   1 
ATOM   985  O  O   . ASP F 1 4  ? 3.270   21.594  8.607   1.00 12.40 ?  24  ASP F O   1 
ATOM   986  C  CB  . ASP F 1 4  ? 5.616   21.817  6.505   1.00 14.75 ?  24  ASP F CB  1 
ATOM   987  C  CG  . ASP F 1 4  ? 5.173   22.842  5.481   1.00 23.55 ?  24  ASP F CG  1 
ATOM   988  O  OD1 . ASP F 1 4  ? 6.008   23.679  5.078   1.00 27.83 ?  24  ASP F OD1 1 
ATOM   989  O  OD2 . ASP F 1 4  ? 3.988   22.816  5.085   1.00 22.74 -1 24  ASP F OD2 1 
ATOM   990  N  N   . PRO F 1 5  ? 3.494   23.783  8.163   1.00 12.59 ?  25  PRO F N   1 
ATOM   991  C  CA  . PRO F 1 5  ? 2.075   24.028  8.473   1.00 13.40 ?  25  PRO F CA  1 
ATOM   992  C  C   . PRO F 1 5  ? 1.124   23.156  7.672   1.00 11.32 ?  25  PRO F C   1 
ATOM   993  O  O   . PRO F 1 5  ? 0.099   22.712  8.204   1.00 8.11  ?  25  PRO F O   1 
ATOM   994  C  CB  . PRO F 1 5  ? 1.900   25.517  8.144   1.00 13.25 ?  25  PRO F CB  1 
ATOM   995  C  CG  . PRO F 1 5  ? 3.269   26.096  8.298   1.00 21.68 ?  25  PRO F CG  1 
ATOM   996  C  CD  . PRO F 1 5  ? 4.215   25.025  7.835   1.00 16.87 ?  25  PRO F CD  1 
ATOM   997  N  N   . LEU F 1 6  ? 1.434   22.901  6.398   1.00 7.49  ?  26  LEU F N   1 
ATOM   998  C  CA  . LEU F 1 6  ? 0.581   22.030  5.596   1.00 11.23 ?  26  LEU F CA  1 
ATOM   999  C  C   . LEU F 1 6  ? 0.559   20.611  6.146   1.00 11.37 ?  26  LEU F C   1 
ATOM   1000 O  O   . LEU F 1 6  ? -0.462  19.922  6.046   1.00 11.01 ?  26  LEU F O   1 
ATOM   1001 C  CB  . LEU F 1 6  ? 1.053   22.027  4.142   1.00 9.58  ?  26  LEU F CB  1 
ATOM   1002 C  CG  . LEU F 1 6  ? 0.232   21.170  3.176   1.00 13.31 ?  26  LEU F CG  1 
ATOM   1003 C  CD1 . LEU F 1 6  ? -1.191  21.700  3.068   1.00 16.95 ?  26  LEU F CD1 1 
ATOM   1004 C  CD2 . LEU F 1 6  ? 0.896   21.114  1.809   1.00 14.35 ?  26  LEU F CD2 1 
ATOM   1005 N  N   . VAL F 1 7  ? 1.673   20.156  6.723   1.00 7.03  ?  27  VAL F N   1 
ATOM   1006 C  CA  . VAL F 1 7  ? 1.703   18.828  7.326   1.00 10.46 ?  27  VAL F CA  1 
ATOM   1007 C  C   . VAL F 1 7  ? 0.907   18.817  8.625   1.00 9.26  ?  27  VAL F C   1 
ATOM   1008 O  O   . VAL F 1 7  ? 0.221   17.838  8.939   1.00 7.81  ?  27  VAL F O   1 
ATOM   1009 C  CB  . VAL F 1 7  ? 3.157   18.378  7.543   1.00 6.42  ?  27  VAL F CB  1 
ATOM   1010 C  CG1 . VAL F 1 7  ? 3.199   17.035  8.255   1.00 9.02  ?  27  VAL F CG1 1 
ATOM   1011 C  CG2 . VAL F 1 7  ? 3.890   18.306  6.208   1.00 8.42  ?  27  VAL F CG2 1 
ATOM   1012 N  N   . VAL F 1 8  ? 0.984   19.904  9.397   1.00 8.98  ?  28  VAL F N   1 
ATOM   1013 C  CA  . VAL F 1 8  ? 0.197   20.002  10.623  1.00 9.01  ?  28  VAL F CA  1 
ATOM   1014 C  C   . VAL F 1 8  ? -1.290  20.019  10.299  1.00 8.76  ?  28  VAL F C   1 
ATOM   1015 O  O   . VAL F 1 8  ? -2.109  19.462  11.039  1.00 7.97  ?  28  VAL F O   1 
ATOM   1016 C  CB  . VAL F 1 8  ? 0.615   21.245  11.430  1.00 11.92 ?  28  VAL F CB  1 
ATOM   1017 C  CG1 . VAL F 1 8  ? -0.286  21.420  12.644  1.00 12.93 ?  28  VAL F CG1 1 
ATOM   1018 C  CG2 . VAL F 1 8  ? 2.073   21.138  11.852  1.00 10.58 ?  28  VAL F CG2 1 
ATOM   1019 N  N   . ALA F 1 9  ? -1.664  20.661  9.189   1.00 8.54  ?  29  ALA F N   1 
ATOM   1020 C  CA  . ALA F 1 9  ? -3.063  20.664  8.774   1.00 7.99  ?  29  ALA F CA  1 
ATOM   1021 C  C   . ALA F 1 9  ? -3.521  19.263  8.390   1.00 9.71  ?  29  ALA F C   1 
ATOM   1022 O  O   . ALA F 1 9  ? -4.584  18.805  8.824   1.00 11.83 ?  29  ALA F O   1 
ATOM   1023 C  CB  . ALA F 1 9  ? -3.262  21.639  7.611   1.00 8.41  ?  29  ALA F CB  1 
ATOM   1024 N  N   . ALA F 1 10 ? -2.728  18.565  7.572   1.00 8.83  ?  30  ALA F N   1 
ATOM   1025 C  CA  . ALA F 1 10 ? -3.074  17.196  7.204   1.00 10.60 ?  30  ALA F CA  1 
ATOM   1026 C  C   . ALA F 1 10 ? -3.110  16.282  8.420   1.00 7.68  ?  30  ALA F C   1 
ATOM   1027 O  O   . ALA F 1 10 ? -3.853  15.295  8.432   1.00 8.44  ?  30  ALA F O   1 
ATOM   1028 C  CB  . ALA F 1 10 ? -2.083  16.664  6.168   1.00 10.35 ?  30  ALA F CB  1 
ATOM   1029 N  N   . SER F 1 11 ? -2.314  16.589  9.448   1.00 6.93  ?  31  SER F N   1 
ATOM   1030 C  CA  . SER F 1 11 ? -2.353  15.798  10.675  1.00 11.69 ?  31  SER F CA  1 
ATOM   1031 C  C   . SER F 1 11 ? -3.679  15.986  11.399  1.00 7.84  ?  31  SER F C   1 
ATOM   1032 O  O   . SER F 1 11 ? -4.300  15.013  11.846  1.00 9.95  ?  31  SER F O   1 
ATOM   1033 C  CB  . SER F 1 11 ? -1.181  16.176  11.581  1.00 7.41  ?  31  SER F CB  1 
ATOM   1034 O  OG  . SER F 1 11 ? 0.057   15.855  10.975  1.00 15.02 ?  31  SER F OG  1 
ATOM   1035 N  N   . ILE F 1 12 ? -4.129  17.235  11.533  1.00 7.51  ?  32  ILE F N   1 
ATOM   1036 C  CA  . ILE F 1 12 ? -5.441  17.490  12.118  1.00 10.64 ?  32  ILE F CA  1 
ATOM   1037 C  C   . ILE F 1 12 ? -6.528  16.818  11.291  1.00 9.77  ?  32  ILE F C   1 
ATOM   1038 O  O   . ILE F 1 12 ? -7.514  16.303  11.833  1.00 9.13  ?  32  ILE F O   1 
ATOM   1039 C  CB  . ILE F 1 12 ? -5.680  19.006  12.245  1.00 7.27  ?  32  ILE F CB  1 
ATOM   1040 C  CG1 . ILE F 1 12 ? -4.685  19.620  13.234  1.00 11.32 ?  32  ILE F CG1 1 
ATOM   1041 C  CG2 . ILE F 1 12 ? -7.114  19.287  12.661  1.00 11.79 ?  32  ILE F CG2 1 
ATOM   1042 C  CD1 . ILE F 1 12 ? -4.770  21.127  13.327  1.00 12.39 ?  32  ILE F CD1 1 
ATOM   1043 N  N   . ILE F 1 13 ? -6.361  16.804  9.967   1.00 6.77  ?  33  ILE F N   1 
ATOM   1044 C  CA  . ILE F 1 13 ? -7.365  16.217  9.086   1.00 6.36  ?  33  ILE F CA  1 
ATOM   1045 C  C   . ILE F 1 13 ? -7.350  14.696  9.184   1.00 7.66  ?  33  ILE F C   1 
ATOM   1046 O  O   . ILE F 1 13 ? -8.399  14.045  9.106   1.00 7.88  ?  33  ILE F O   1 
ATOM   1047 C  CB  . ILE F 1 13 ? -7.141  16.697  7.641   1.00 10.70 ?  33  ILE F CB  1 
ATOM   1048 C  CG1 . ILE F 1 13 ? -7.488  18.183  7.515   1.00 10.29 ?  33  ILE F CG1 1 
ATOM   1049 C  CG2 . ILE F 1 13 ? -7.952  15.858  6.662   1.00 7.44  ?  33  ILE F CG2 1 
ATOM   1050 C  CD1 . ILE F 1 13 ? -7.146  18.780  6.169   1.00 14.17 ?  33  ILE F CD1 1 
ATOM   1051 N  N   . GLY F 1 14 ? -6.165  14.102  9.348   1.00 8.80  ?  34  GLY F N   1 
ATOM   1052 C  CA  . GLY F 1 14 ? -6.087  12.659  9.491   1.00 3.16  ?  34  GLY F CA  1 
ATOM   1053 C  C   . GLY F 1 14 ? -6.665  12.163  10.799  1.00 5.22  ?  34  GLY F C   1 
ATOM   1054 O  O   . GLY F 1 14 ? -7.245  11.076  10.855  1.00 4.99  ?  34  GLY F O   1 
ATOM   1055 N  N   . ILE F 1 15 ? -6.513  12.943  11.869  1.00 7.53  ?  35  ILE F N   1 
ATOM   1056 C  CA  . ILE F 1 15 ? -7.149  12.588  13.131  1.00 8.32  ?  35  ILE F CA  1 
ATOM   1057 C  C   . ILE F 1 15 ? -8.666  12.641  12.994  1.00 7.55  ?  35  ILE F C   1 
ATOM   1058 O  O   . ILE F 1 15 ? -9.373  11.725  13.429  1.00 7.43  ?  35  ILE F O   1 
ATOM   1059 C  CB  . ILE F 1 15 ? -6.636  13.505  14.255  1.00 10.78 ?  35  ILE F CB  1 
ATOM   1060 C  CG1 . ILE F 1 15 ? -5.132  13.288  14.464  1.00 10.27 ?  35  ILE F CG1 1 
ATOM   1061 C  CG2 . ILE F 1 15 ? -7.414  13.261  15.543  1.00 9.23  ?  35  ILE F CG2 1 
ATOM   1062 C  CD1 . ILE F 1 15 ? -4.520  14.169  15.537  1.00 13.50 ?  35  ILE F CD1 1 
ATOM   1063 N  N   . LEU F 1 16 ? -9.189  13.707  12.382  1.00 5.74  ?  36  LEU F N   1 
ATOM   1064 C  CA  . LEU F 1 16 ? -10.624 13.787  12.128  1.00 5.40  ?  36  LEU F CA  1 
ATOM   1065 C  C   . LEU F 1 16 ? -11.095 12.645  11.237  1.00 9.46  ?  36  LEU F C   1 
ATOM   1066 O  O   . LEU F 1 16 ? -12.210 12.137  11.404  1.00 11.80 ?  36  LEU F O   1 
ATOM   1067 C  CB  . LEU F 1 16 ? -10.969 15.135  11.491  1.00 9.90  ?  36  LEU F CB  1 
ATOM   1068 C  CG  . LEU F 1 16 ? -12.400 15.313  10.975  1.00 8.51  ?  36  LEU F CG  1 
ATOM   1069 C  CD1 . LEU F 1 16 ? -13.400 15.366  12.126  1.00 5.25  ?  36  LEU F CD1 1 
ATOM   1070 C  CD2 . LEU F 1 16 ? -12.514 16.554  10.100  1.00 8.47  ?  36  LEU F CD2 1 
ATOM   1071 N  N   . HIS F 1 17 ? -10.258 12.226  10.284  1.00 7.87  ?  37  HIS F N   1 
ATOM   1072 C  CA  . HIS F 1 17 ? -10.666 11.186  9.345   1.00 7.83  ?  37  HIS F CA  1 
ATOM   1073 C  C   . HIS F 1 17 ? -10.928 9.866   10.061  1.00 9.22  ?  37  HIS F C   1 
ATOM   1074 O  O   . HIS F 1 17 ? -11.930 9.193   9.795   1.00 11.72 ?  37  HIS F O   1 
ATOM   1075 C  CB  . HIS F 1 17 ? -9.596  11.015  8.266   1.00 5.29  ?  37  HIS F CB  1 
ATOM   1076 C  CG  . HIS F 1 17 ? -10.010 10.132  7.131   1.00 9.69  ?  37  HIS F CG  1 
ATOM   1077 N  ND1 . HIS F 1 17 ? -9.234  9.959   6.004   1.00 14.44 ?  37  HIS F ND1 1 
ATOM   1078 C  CD2 . HIS F 1 17 ? -11.118 9.374   6.943   1.00 13.94 ?  37  HIS F CD2 1 
ATOM   1079 C  CE1 . HIS F 1 17 ? -9.846  9.134   5.172   1.00 12.73 ?  37  HIS F CE1 1 
ATOM   1080 N  NE2 . HIS F 1 17 ? -10.991 8.764   5.720   1.00 18.92 ?  37  HIS F NE2 1 
ATOM   1081 N  N   . LEU F 1 18 ? -10.034 9.477   10.973  1.00 10.84 ?  38  LEU F N   1 
ATOM   1082 C  CA  . LEU F 1 18 ? -10.239 8.238   11.714  1.00 12.56 ?  38  LEU F CA  1 
ATOM   1083 C  C   . LEU F 1 18 ? -11.472 8.322   12.605  1.00 10.24 ?  38  LEU F C   1 
ATOM   1084 O  O   . LEU F 1 18 ? -12.235 7.354   12.713  1.00 14.57 ?  38  LEU F O   1 
ATOM   1085 C  CB  . LEU F 1 18 ? -8.999  7.908   12.544  1.00 8.34  ?  38  LEU F CB  1 
ATOM   1086 C  CG  . LEU F 1 18 ? -9.075  6.610   13.352  1.00 14.30 ?  38  LEU F CG  1 
ATOM   1087 C  CD1 . LEU F 1 18 ? -9.444  5.443   12.451  1.00 12.32 ?  38  LEU F CD1 1 
ATOM   1088 C  CD2 . LEU F 1 18 ? -7.759  6.340   14.067  1.00 13.80 ?  38  LEU F CD2 1 
ATOM   1089 N  N   . ILE F 1 19 ? -11.683 9.470   13.253  1.00 10.42 ?  39  ILE F N   1 
ATOM   1090 C  CA  . ILE F 1 19 ? -12.877 9.651   14.075  1.00 14.62 ?  39  ILE F CA  1 
ATOM   1091 C  C   . ILE F 1 19 ? -14.131 9.402   13.246  1.00 11.88 ?  39  ILE F C   1 
ATOM   1092 O  O   . ILE F 1 19 ? -14.985 8.584   13.605  1.00 17.66 ?  39  ILE F O   1 
ATOM   1093 C  CB  . ILE F 1 19 ? -12.889 11.056  14.704  1.00 18.06 ?  39  ILE F CB  1 
ATOM   1094 C  CG1 . ILE F 1 19 ? -11.779 11.183  15.748  1.00 11.17 ?  39  ILE F CG1 1 
ATOM   1095 C  CG2 . ILE F 1 19 ? -14.252 11.359  15.313  1.00 9.55  ?  39  ILE F CG2 1 
ATOM   1096 C  CD1 . ILE F 1 19 ? -11.712 12.545  16.401  1.00 6.35  ?  39  ILE F CD1 1 
ATOM   1097 N  N   . LEU F 1 20 ? -14.256 10.105  12.117  1.00 8.80  ?  40  LEU F N   1 
ATOM   1098 C  CA  . LEU F 1 20 ? -15.426 9.928   11.263  1.00 12.61 ?  40  LEU F CA  1 
ATOM   1099 C  C   . LEU F 1 20 ? -15.513 8.504   10.732  1.00 14.67 ?  40  LEU F C   1 
ATOM   1100 O  O   . LEU F 1 20 ? -16.609 7.942   10.617  1.00 15.01 ?  40  LEU F O   1 
ATOM   1101 C  CB  . LEU F 1 20 ? -15.390 10.927  10.106  1.00 15.31 ?  40  LEU F CB  1 
ATOM   1102 C  CG  . LEU F 1 20 ? -15.467 12.412  10.462  1.00 14.11 ?  40  LEU F CG  1 
ATOM   1103 C  CD1 . LEU F 1 20 ? -15.345 13.265  9.208   1.00 10.76 ?  40  LEU F CD1 1 
ATOM   1104 C  CD2 . LEU F 1 20 ? -16.761 12.718  11.196  1.00 11.46 ?  40  LEU F CD2 1 
ATOM   1105 N  N   . TRP F 1 21 ? -14.371 7.904   10.396  1.00 10.64 ?  41  TRP F N   1 
ATOM   1106 C  CA  . TRP F 1 21 ? -14.384 6.545   9.863   1.00 12.95 ?  41  TRP F CA  1 
ATOM   1107 C  C   . TRP F 1 21 ? -14.915 5.556   10.893  1.00 14.84 ?  41  TRP F C   1 
ATOM   1108 O  O   . TRP F 1 21 ? -15.715 4.673   10.563  1.00 18.58 ?  41  TRP F O   1 
ATOM   1109 C  CB  . TRP F 1 21 ? -12.981 6.150   9.401   1.00 13.96 ?  41  TRP F CB  1 
ATOM   1110 C  CG  . TRP F 1 21 ? -12.936 4.847   8.668   1.00 11.12 ?  41  TRP F CG  1 
ATOM   1111 C  CD1 . TRP F 1 21 ? -13.087 4.657   7.325   1.00 22.04 ?  41  TRP F CD1 1 
ATOM   1112 C  CD2 . TRP F 1 21 ? -12.723 3.550   9.235   1.00 18.35 ?  41  TRP F CD2 1 
ATOM   1113 N  NE1 . TRP F 1 21 ? -12.984 3.321   7.022   1.00 16.86 ?  41  TRP F NE1 1 
ATOM   1114 C  CE2 . TRP F 1 21 ? -12.759 2.621   8.178   1.00 22.32 ?  41  TRP F CE2 1 
ATOM   1115 C  CE3 . TRP F 1 21 ? -12.507 3.085   10.536  1.00 15.23 ?  41  TRP F CE3 1 
ATOM   1116 C  CZ2 . TRP F 1 21 ? -12.587 1.253   8.380   1.00 24.58 ?  41  TRP F CZ2 1 
ATOM   1117 C  CZ3 . TRP F 1 21 ? -12.335 1.728   10.733  1.00 24.41 ?  41  TRP F CZ3 1 
ATOM   1118 C  CH2 . TRP F 1 21 ? -12.376 0.827   9.662   1.00 24.68 ?  41  TRP F CH2 1 
ATOM   1119 N  N   . ILE F 1 22 ? -14.482 5.688   12.148  1.00 14.96 ?  42  ILE F N   1 
ATOM   1120 C  CA  . ILE F 1 22 ? -14.964 4.790   13.194  1.00 19.27 ?  42  ILE F CA  1 
ATOM   1121 C  C   . ILE F 1 22 ? -16.459 4.984   13.416  1.00 21.10 ?  42  ILE F C   1 
ATOM   1122 O  O   . ILE F 1 22 ? -17.210 4.013   13.564  1.00 21.47 ?  42  ILE F O   1 
ATOM   1123 C  CB  . ILE F 1 22 ? -14.163 5.000   14.493  1.00 15.60 ?  42  ILE F CB  1 
ATOM   1124 C  CG1 . ILE F 1 22 ? -12.744 4.442   14.337  1.00 17.04 ?  42  ILE F CG1 1 
ATOM   1125 C  CG2 . ILE F 1 22 ? -14.877 4.358   15.672  1.00 20.78 ?  42  ILE F CG2 1 
ATOM   1126 C  CD1 . ILE F 1 22 ? -11.863 4.659   15.546  1.00 25.04 ?  42  ILE F CD1 1 
ATOM   1127 N  N   . LEU F 1 23 ? -16.914 6.238   13.444  1.00 23.28 ?  43  LEU F N   1 
ATOM   1128 C  CA  . LEU F 1 23 ? -18.340 6.499   13.612  1.00 24.81 ?  43  LEU F CA  1 
ATOM   1129 C  C   . LEU F 1 23 ? -19.144 5.934   12.447  1.00 26.61 ?  43  LEU F C   1 
ATOM   1130 O  O   . LEU F 1 23 ? -20.236 5.389   12.641  1.00 31.68 ?  43  LEU F O   1 
ATOM   1131 C  CB  . LEU F 1 23 ? -18.586 8.000   13.753  1.00 28.32 ?  43  LEU F CB  1 
ATOM   1132 C  CG  . LEU F 1 23 ? -17.967 8.686   14.970  1.00 20.65 ?  43  LEU F CG  1 
ATOM   1133 C  CD1 . LEU F 1 23 ? -18.066 10.197  14.839  1.00 27.28 ?  43  LEU F CD1 1 
ATOM   1134 C  CD2 . LEU F 1 23 ? -18.640 8.215   16.248  1.00 21.93 ?  43  LEU F CD2 1 
ATOM   1135 N  N   . ASP F 1 24 ? -18.615 6.050   11.228  1.00 24.89 ?  44  ASP F N   1 
ATOM   1136 C  CA  . ASP F 1 24 ? -19.355 5.597   10.055  1.00 24.15 ?  44  ASP F CA  1 
ATOM   1137 C  C   . ASP F 1 24 ? -19.478 4.078   10.012  1.00 29.33 ?  44  ASP F C   1 
ATOM   1138 O  O   . ASP F 1 24 ? -20.449 3.552   9.454   1.00 27.04 ?  44  ASP F O   1 
ATOM   1139 C  CB  . ASP F 1 24 ? -18.687 6.121   8.784   1.00 27.87 ?  44  ASP F CB  1 
ATOM   1140 C  CG  . ASP F 1 24 ? -19.216 5.451   7.528   1.00 27.16 ?  44  ASP F CG  1 
ATOM   1141 O  OD1 . ASP F 1 24 ? -18.635 4.428   7.107   1.00 37.63 ?  44  ASP F OD1 1 
ATOM   1142 O  OD2 . ASP F 1 24 ? -20.225 5.937   6.974   1.00 30.11 -1 44  ASP F OD2 1 
ATOM   1143 N  N   . ARG F 1 25 ? -18.518 3.359   10.596  1.00 24.60 ?  45  ARG F N   1 
ATOM   1144 C  CA  . ARG F 1 25 ? -18.570 1.902   10.575  1.00 32.84 ?  45  ARG F CA  1 
ATOM   1145 C  C   . ARG F 1 25 ? -19.526 1.363   11.635  1.00 35.53 ?  45  ARG F C   1 
ATOM   1146 O  O   . ARG F 1 25 ? -20.340 0.476   11.353  1.00 36.89 ?  45  ARG F O   1 
ATOM   1147 C  CB  . ARG F 1 25 ? -17.167 1.319   10.767  1.00 32.60 ?  45  ARG F CB  1 
ATOM   1148 C  CG  . ARG F 1 25 ? -16.241 1.543   9.585   1.00 26.42 ?  45  ARG F CG  1 
ATOM   1149 C  CD  . ARG F 1 25 ? -16.831 0.962   8.312   1.00 34.14 ?  45  ARG F CD  1 
ATOM   1150 N  NE  . ARG F 1 25 ? -15.881 0.984   7.204   1.00 45.41 ?  45  ARG F NE  1 
ATOM   1151 C  CZ  . ARG F 1 25 ? -16.171 0.591   5.968   1.00 53.65 ?  45  ARG F CZ  1 
ATOM   1152 N  NH1 . ARG F 1 25 ? -17.388 0.152   5.681   1.00 56.14 1  45  ARG F NH1 1 
ATOM   1153 N  NH2 . ARG F 1 25 ? -15.246 0.639   5.019   1.00 54.98 ?  45  ARG F NH2 1 
ATOM   1154 N  N   . LEU F 1 26 ? -19.440 1.881   12.854  1.00 37.09 ?  46  LEU F N   1 
ATOM   1155 C  CA  . LEU F 1 26 ? -20.309 1.428   13.934  1.00 41.21 ?  46  LEU F CA  1 
ATOM   1156 C  C   . LEU F 1 26 ? -21.767 1.767   13.638  1.00 47.02 ?  46  LEU F C   1 
ATOM   1157 O  O   . LEU F 1 26 ? -22.294 2.764   14.132  1.00 45.58 ?  46  LEU F O   1 
ATOM   1158 C  CB  . LEU F 1 26 ? -19.884 2.049   15.266  1.00 32.86 ?  46  LEU F CB  1 
ATOM   1159 C  CG  . LEU F 1 26 ? -18.454 1.758   15.725  1.00 38.03 ?  46  LEU F CG  1 
ATOM   1160 C  CD1 . LEU F 1 26 ? -18.218 2.305   17.126  1.00 47.24 ?  46  LEU F CD1 1 
ATOM   1161 C  CD2 . LEU F 1 26 ? -18.158 0.269   15.668  1.00 38.09 ?  46  LEU F CD2 1 
HETATM 1162 C  C   . ACE G 1 1  ? 9.053   23.912  9.440   1.00 21.87 ?  21  ACE G C   1 
HETATM 1163 O  O   . ACE G 1 1  ? 8.708   24.579  8.467   1.00 27.00 ?  21  ACE G O   1 
HETATM 1164 C  CH3 . ACE G 1 1  ? 8.850   24.386  10.849  1.00 18.67 ?  21  ACE G CH3 1 
ATOM   1165 N  N   . SER G 1 2  ? 9.625   22.719  9.316   1.00 10.75 ?  22  SER G N   1 
ATOM   1166 C  CA  . SER G 1 2  ? 9.886   22.120  8.013   1.00 17.97 ?  22  SER G CA  1 
ATOM   1167 C  C   . SER G 1 2  ? 9.584   20.627  8.033   1.00 18.42 ?  22  SER G C   1 
ATOM   1168 O  O   . SER G 1 2  ? 9.509   20.015  9.100   1.00 13.58 ?  22  SER G O   1 
ATOM   1169 C  CB  . SER G 1 2  ? 11.337  22.358  7.591   1.00 21.46 ?  22  SER G CB  1 
ATOM   1170 O  OG  . SER G 1 2  ? 11.607  23.742  7.450   1.00 33.64 ?  22  SER G OG  1 
ATOM   1171 N  N   . SER G 1 3  ? 9.412   20.042  6.850   1.00 18.39 ?  23  SER G N   1 
ATOM   1172 C  CA  . SER G 1 3  ? 9.081   18.630  6.746   1.00 17.13 ?  23  SER G CA  1 
ATOM   1173 C  C   . SER G 1 3  ? 9.758   18.041  5.519   1.00 18.41 ?  23  SER G C   1 
ATOM   1174 O  O   . SER G 1 3  ? 10.192  18.761  4.616   1.00 17.33 ?  23  SER G O   1 
ATOM   1175 C  CB  . SER G 1 3  ? 7.566   18.413  6.680   1.00 11.73 ?  23  SER G CB  1 
ATOM   1176 O  OG  . SER G 1 3  ? 6.934   18.859  7.867   1.00 11.61 ?  23  SER G OG  1 
ATOM   1177 N  N   . ASP G 1 4  ? 9.844   16.715  5.503   1.00 16.93 ?  24  ASP G N   1 
ATOM   1178 C  CA  . ASP G 1 4  ? 10.411  16.021  4.358   1.00 19.48 ?  24  ASP G CA  1 
ATOM   1179 C  C   . ASP G 1 4  ? 9.480   16.163  3.156   1.00 15.32 ?  24  ASP G C   1 
ATOM   1180 O  O   . ASP G 1 4  ? 8.257   16.076  3.305   1.00 13.19 ?  24  ASP G O   1 
ATOM   1181 C  CB  . ASP G 1 4  ? 10.630  14.543  4.694   1.00 18.42 ?  24  ASP G CB  1 
ATOM   1182 C  CG  . ASP G 1 4  ? 11.416  13.806  3.625   1.00 22.05 ?  24  ASP G CG  1 
ATOM   1183 O  OD1 . ASP G 1 4  ? 11.035  13.874  2.438   1.00 24.74 ?  24  ASP G OD1 1 
ATOM   1184 O  OD2 . ASP G 1 4  ? 12.421  13.152  3.978   1.00 39.61 -1 24  ASP G OD2 1 
ATOM   1185 N  N   . PRO G 1 5  ? 10.022  16.398  1.958   1.00 15.20 ?  25  PRO G N   1 
ATOM   1186 C  CA  . PRO G 1 5  ? 9.151   16.523  0.777   1.00 14.57 ?  25  PRO G CA  1 
ATOM   1187 C  C   . PRO G 1 5  ? 8.190   15.358  0.611   1.00 13.26 ?  25  PRO G C   1 
ATOM   1188 O  O   . PRO G 1 5  ? 7.040   15.560  0.203   1.00 12.23 ?  25  PRO G O   1 
ATOM   1189 C  CB  . PRO G 1 5  ? 10.154  16.608  -0.381  1.00 19.09 ?  25  PRO G CB  1 
ATOM   1190 C  CG  . PRO G 1 5  ? 11.387  17.176  0.236   1.00 22.62 ?  25  PRO G CG  1 
ATOM   1191 C  CD  . PRO G 1 5  ? 11.441  16.619  1.630   1.00 15.20 ?  25  PRO G CD  1 
ATOM   1192 N  N   . LEU G 1 6  ? 8.634   14.136  0.915   1.00 12.76 ?  26  LEU G N   1 
ATOM   1193 C  CA  . LEU G 1 6  ? 7.731   12.993  0.851   1.00 12.08 ?  26  LEU G CA  1 
ATOM   1194 C  C   . LEU G 1 6  ? 6.605   13.116  1.868   1.00 11.75 ?  26  LEU G C   1 
ATOM   1195 O  O   . LEU G 1 6  ? 5.492   12.639  1.623   1.00 14.97 ?  26  LEU G O   1 
ATOM   1196 C  CB  . LEU G 1 6  ? 8.510   11.698  1.073   1.00 12.26 ?  26  LEU G CB  1 
ATOM   1197 C  CG  . LEU G 1 6  ? 7.701   10.403  0.998   1.00 12.48 ?  26  LEU G CG  1 
ATOM   1198 C  CD1 . LEU G 1 6  ? 7.083   10.237  -0.383  1.00 18.39 ?  26  LEU G CD1 1 
ATOM   1199 C  CD2 . LEU G 1 6  ? 8.567   9.206   1.350   1.00 17.04 ?  26  LEU G CD2 1 
ATOM   1200 N  N   . VAL G 1 7  ? 6.875   13.751  3.010   1.00 9.14  ?  27  VAL G N   1 
ATOM   1201 C  CA  . VAL G 1 7  ? 5.828   13.971  4.004   1.00 11.46 ?  27  VAL G CA  1 
ATOM   1202 C  C   . VAL G 1 7  ? 4.867   15.056  3.534   1.00 10.16 ?  27  VAL G C   1 
ATOM   1203 O  O   . VAL G 1 7  ? 3.656   14.977  3.773   1.00 10.37 ?  27  VAL G O   1 
ATOM   1204 C  CB  . VAL G 1 7  ? 6.453   14.315  5.367   1.00 7.88  ?  27  VAL G CB  1 
ATOM   1205 C  CG1 . VAL G 1 7  ? 5.365   14.593  6.391   1.00 10.65 ?  27  VAL G CG1 1 
ATOM   1206 C  CG2 . VAL G 1 7  ? 7.357   13.185  5.837   1.00 8.23  ?  27  VAL G CG2 1 
ATOM   1207 N  N   . VAL G 1 8  ? 5.387   16.087  2.865   1.00 10.03 ?  28  VAL G N   1 
ATOM   1208 C  CA  . VAL G 1 8  ? 4.515   17.115  2.306   1.00 10.06 ?  28  VAL G CA  1 
ATOM   1209 C  C   . VAL G 1 8  ? 3.624   16.517  1.226   1.00 10.55 ?  28  VAL G C   1 
ATOM   1210 O  O   . VAL G 1 8  ? 2.429   16.827  1.142   1.00 13.76 ?  28  VAL G O   1 
ATOM   1211 C  CB  . VAL G 1 8  ? 5.348   18.293  1.767   1.00 12.23 ?  28  VAL G CB  1 
ATOM   1212 C  CG1 . VAL G 1 8  ? 4.441   19.353  1.158   1.00 17.74 ?  28  VAL G CG1 1 
ATOM   1213 C  CG2 . VAL G 1 8  ? 6.202   18.887  2.874   1.00 13.38 ?  28  VAL G CG2 1 
ATOM   1214 N  N   . ALA G 1 9  ? 4.188   15.647  0.384   1.00 14.36 ?  29  ALA G N   1 
ATOM   1215 C  CA  . ALA G 1 9  ? 3.382   14.984  -0.635  1.00 9.13  ?  29  ALA G CA  1 
ATOM   1216 C  C   . ALA G 1 9  ? 2.296   14.125  -0.002  1.00 6.43  ?  29  ALA G C   1 
ATOM   1217 O  O   . ALA G 1 9  ? 1.141   14.142  -0.444  1.00 11.12 ?  29  ALA G O   1 
ATOM   1218 C  CB  . ALA G 1 9  ? 4.272   14.142  -1.547  1.00 14.84 ?  29  ALA G CB  1 
ATOM   1219 N  N   . ALA G 1 10 ? 2.647   13.360  1.036   1.00 5.89  ?  30  ALA G N   1 
ATOM   1220 C  CA  . ALA G 1 10 ? 1.650   12.548  1.721   1.00 6.69  ?  30  ALA G CA  1 
ATOM   1221 C  C   . ALA G 1 10 ? 0.606   13.408  2.420   1.00 9.28  ?  30  ALA G C   1 
ATOM   1222 O  O   . ALA G 1 10 ? -0.555  13.000  2.531   1.00 9.86  ?  30  ALA G O   1 
ATOM   1223 C  CB  . ALA G 1 10 ? 2.328   11.615  2.725   1.00 10.23 ?  30  ALA G CB  1 
ATOM   1224 N  N   . SER G 1 11 ? 0.996   14.591  2.902   1.00 8.42  ?  31  SER G N   1 
ATOM   1225 C  CA  . SER G 1 11 ? 0.028   15.480  3.534   1.00 7.48  ?  31  SER G CA  1 
ATOM   1226 C  C   . SER G 1 11 ? -1.003  15.971  2.527   1.00 9.50  ?  31  SER G C   1 
ATOM   1227 O  O   . SER G 1 11 ? -2.202  16.009  2.825   1.00 8.65  ?  31  SER G O   1 
ATOM   1228 C  CB  . SER G 1 11 ? 0.746   16.656  4.193   1.00 9.64  ?  31  SER G CB  1 
ATOM   1229 O  OG  . SER G 1 11 ? 1.470   16.232  5.336   1.00 13.23 ?  31  SER G OG  1 
ATOM   1230 N  N   . ILE G 1 12 ? -0.556  16.351  1.329   1.00 10.55 ?  32  ILE G N   1 
ATOM   1231 C  CA  . ILE G 1 12 ? -1.491  16.714  0.269   1.00 6.93  ?  32  ILE G CA  1 
ATOM   1232 C  C   . ILE G 1 12 ? -2.383  15.530  -0.076  1.00 9.43  ?  32  ILE G C   1 
ATOM   1233 O  O   . ILE G 1 12 ? -3.591  15.681  -0.294  1.00 10.67 ?  32  ILE G O   1 
ATOM   1234 C  CB  . ILE G 1 12 ? -0.725  17.221  -0.967  1.00 10.57 ?  32  ILE G CB  1 
ATOM   1235 C  CG1 . ILE G 1 12 ? 0.092   18.467  -0.617  1.00 16.43 ?  32  ILE G CG1 1 
ATOM   1236 C  CG2 . ILE G 1 12 ? -1.684  17.504  -2.116  1.00 17.10 ?  32  ILE G CG2 1 
ATOM   1237 C  CD1 . ILE G 1 12 ? 0.966   18.958  -1.748  1.00 23.33 ?  32  ILE G CD1 1 
ATOM   1238 N  N   . ILE G 1 13 ? -1.801  14.329  -0.124  1.00 9.19  ?  33  ILE G N   1 
ATOM   1239 C  CA  . ILE G 1 13 ? -2.572  13.138  -0.461  1.00 8.00  ?  33  ILE G CA  1 
ATOM   1240 C  C   . ILE G 1 13 ? -3.581  12.821  0.636   1.00 10.48 ?  33  ILE G C   1 
ATOM   1241 O  O   . ILE G 1 13 ? -4.718  12.425  0.353   1.00 12.02 ?  33  ILE G O   1 
ATOM   1242 C  CB  . ILE G 1 13 ? -1.621  11.957  -0.726  1.00 7.65  ?  33  ILE G CB  1 
ATOM   1243 C  CG1 . ILE G 1 13 ? -0.884  12.164  -2.053  1.00 11.85 ?  33  ILE G CG1 1 
ATOM   1244 C  CG2 . ILE G 1 13 ? -2.376  10.640  -0.710  1.00 6.05  ?  33  ILE G CG2 1 
ATOM   1245 C  CD1 . ILE G 1 13 ? 0.188   11.132  -2.328  1.00 18.19 ?  33  ILE G CD1 1 
ATOM   1246 N  N   . GLY G 1 14 ? -3.189  12.994  1.900   1.00 9.56  ?  34  GLY G N   1 
ATOM   1247 C  CA  . GLY G 1 14 ? -4.114  12.734  2.990   1.00 9.24  ?  34  GLY G CA  1 
ATOM   1248 C  C   . GLY G 1 14 ? -5.321  13.652  2.971   1.00 11.30 ?  34  GLY G C   1 
ATOM   1249 O  O   . GLY G 1 14 ? -6.455  13.207  3.167   1.00 12.35 ?  34  GLY G O   1 
ATOM   1250 N  N   . ILE G 1 15 ? -5.096  14.946  2.738   1.00 7.07  ?  35  ILE G N   1 
ATOM   1251 C  CA  . ILE G 1 15 ? -6.208  15.891  2.670   1.00 9.58  ?  35  ILE G CA  1 
ATOM   1252 C  C   . ILE G 1 15 ? -7.167  15.503  1.550   1.00 11.84 ?  35  ILE G C   1 
ATOM   1253 O  O   . ILE G 1 15 ? -8.392  15.515  1.723   1.00 12.28 ?  35  ILE G O   1 
ATOM   1254 C  CB  . ILE G 1 15 ? -5.683  17.327  2.496   1.00 11.88 ?  35  ILE G CB  1 
ATOM   1255 C  CG1 . ILE G 1 15 ? -4.855  17.743  3.717   1.00 11.18 ?  35  ILE G CG1 1 
ATOM   1256 C  CG2 . ILE G 1 15 ? -6.841  18.288  2.271   1.00 13.59 ?  35  ILE G CG2 1 
ATOM   1257 C  CD1 . ILE G 1 15 ? -4.157  19.073  3.563   1.00 13.37 ?  35  ILE G CD1 1 
ATOM   1258 N  N   . LEU G 1 16 ? -6.625  15.163  0.378   1.00 12.59 ?  36  LEU G N   1 
ATOM   1259 C  CA  . LEU G 1 16 ? -7.474  14.708  -0.719  1.00 12.03 ?  36  LEU G CA  1 
ATOM   1260 C  C   . LEU G 1 16 ? -8.231  13.440  -0.339  1.00 14.70 ?  36  LEU G C   1 
ATOM   1261 O  O   . LEU G 1 16 ? -9.384  13.253  -0.744  1.00 12.10 ?  36  LEU G O   1 
ATOM   1262 C  CB  . LEU G 1 16 ? -6.633  14.470  -1.972  1.00 14.30 ?  36  LEU G CB  1 
ATOM   1263 C  CG  . LEU G 1 16 ? -5.897  15.682  -2.545  1.00 20.50 ?  36  LEU G CG  1 
ATOM   1264 C  CD1 . LEU G 1 16 ? -5.001  15.269  -3.705  1.00 17.81 ?  36  LEU G CD1 1 
ATOM   1265 C  CD2 . LEU G 1 16 ? -6.885  16.752  -2.985  1.00 27.07 ?  36  LEU G CD2 1 
ATOM   1266 N  N   . HIS G 1 17 ? -7.594  12.559  0.436   1.00 8.73  ?  37  HIS G N   1 
ATOM   1267 C  CA  . HIS G 1 17 ? -8.241  11.316  0.846   1.00 12.57 ?  37  HIS G CA  1 
ATOM   1268 C  C   . HIS G 1 17 ? -9.530  11.593  1.610   1.00 10.40 ?  37  HIS G C   1 
ATOM   1269 O  O   . HIS G 1 17 ? -10.582 11.017  1.306   1.00 11.37 ?  37  HIS G O   1 
ATOM   1270 C  CB  . HIS G 1 17 ? -7.274  10.488  1.694   1.00 12.63 ?  37  HIS G CB  1 
ATOM   1271 C  CG  . HIS G 1 17 ? -7.755  9.100   1.987   1.00 11.38 ?  37  HIS G CG  1 
ATOM   1272 N  ND1 . HIS G 1 17 ? -6.998  8.185   2.687   1.00 13.86 ?  37  HIS G ND1 1 
ATOM   1273 C  CD2 . HIS G 1 17 ? -8.911  8.468   1.675   1.00 14.73 ?  37  HIS G CD2 1 
ATOM   1274 C  CE1 . HIS G 1 17 ? -7.668  7.052   2.795   1.00 14.09 ?  37  HIS G CE1 1 
ATOM   1275 N  NE2 . HIS G 1 17 ? -8.832  7.197   2.190   1.00 18.31 ?  37  HIS G NE2 1 
ATOM   1276 N  N   . LEU G 1 18 ? -9.468  12.473  2.612   1.00 10.63 ?  38  LEU G N   1 
ATOM   1277 C  CA  . LEU G 1 18 ? -10.664 12.784  3.390   1.00 10.23 ?  38  LEU G CA  1 
ATOM   1278 C  C   . LEU G 1 18 ? -11.731 13.443  2.524   1.00 7.79  ?  38  LEU G C   1 
ATOM   1279 O  O   . LEU G 1 18 ? -12.917 13.112  2.630   1.00 7.27  ?  38  LEU G O   1 
ATOM   1280 C  CB  . LEU G 1 18 ? -10.308 13.681  4.575   1.00 8.59  ?  38  LEU G CB  1 
ATOM   1281 C  CG  . LEU G 1 18 ? -11.491 14.133  5.433   1.00 9.44  ?  38  LEU G CG  1 
ATOM   1282 C  CD1 . LEU G 1 18 ? -12.241 12.930  5.983   1.00 8.01  ?  38  LEU G CD1 1 
ATOM   1283 C  CD2 . LEU G 1 18 ? -11.031 15.042  6.564   1.00 13.98 ?  38  LEU G CD2 1 
ATOM   1284 N  N   . ILE G 1 19 ? -11.329 14.380  1.663   1.00 8.05  ?  39  ILE G N   1 
ATOM   1285 C  CA  . ILE G 1 19 ? -12.291 15.062  0.800   1.00 7.68  ?  39  ILE G CA  1 
ATOM   1286 C  C   . ILE G 1 19 ? -13.082 14.048  -0.018  1.00 9.95  ?  39  ILE G C   1 
ATOM   1287 O  O   . ILE G 1 19 ? -14.318 14.057  -0.029  1.00 9.67  ?  39  ILE G O   1 
ATOM   1288 C  CB  . ILE G 1 19 ? -11.574 16.080  -0.105  1.00 7.15  ?  39  ILE G CB  1 
ATOM   1289 C  CG1 . ILE G 1 19 ? -10.977 17.211  0.735   1.00 8.00  ?  39  ILE G CG1 1 
ATOM   1290 C  CG2 . ILE G 1 19 ? -12.537 16.632  -1.151  1.00 11.97 ?  39  ILE G CG2 1 
ATOM   1291 C  CD1 . ILE G 1 19 ? -10.185 18.217  -0.072  1.00 7.44  ?  39  ILE G CD1 1 
ATOM   1292 N  N   . LEU G 1 20 ? -12.376 13.155  -0.716  1.00 8.30  ?  40  LEU G N   1 
ATOM   1293 C  CA  . LEU G 1 20 ? -13.055 12.137  -1.511  1.00 11.70 ?  40  LEU G CA  1 
ATOM   1294 C  C   . LEU G 1 20 ? -13.879 11.209  -0.629  1.00 12.61 ?  40  LEU G C   1 
ATOM   1295 O  O   . LEU G 1 20 ? -14.992 10.817  -0.997  1.00 16.11 ?  40  LEU G O   1 
ATOM   1296 C  CB  . LEU G 1 20 ? -12.032 11.342  -2.321  1.00 15.28 ?  40  LEU G CB  1 
ATOM   1297 C  CG  . LEU G 1 20 ? -11.219 12.146  -3.337  1.00 15.41 ?  40  LEU G CG  1 
ATOM   1298 C  CD1 . LEU G 1 20 ? -10.099 11.296  -3.919  1.00 15.29 ?  40  LEU G CD1 1 
ATOM   1299 C  CD2 . LEU G 1 20 ? -12.123 12.672  -4.440  1.00 7.82  ?  40  LEU G CD2 1 
ATOM   1300 N  N   . TRP G 1 21 ? -13.348 10.845  0.541   1.00 11.66 ?  41  TRP G N   1 
ATOM   1301 C  CA  . TRP G 1 21 ? -14.093 9.982   1.453   1.00 10.23 ?  41  TRP G CA  1 
ATOM   1302 C  C   . TRP G 1 21 ? -15.401 10.635  1.881   1.00 15.10 ?  41  TRP G C   1 
ATOM   1303 O  O   . TRP G 1 21 ? -16.438 9.967   1.975   1.00 12.09 ?  41  TRP G O   1 
ATOM   1304 C  CB  . TRP G 1 21 ? -13.232 9.647   2.671   1.00 14.79 ?  41  TRP G CB  1 
ATOM   1305 C  CG  . TRP G 1 21 ? -13.820 8.597   3.562   1.00 14.99 ?  41  TRP G CG  1 
ATOM   1306 C  CD1 . TRP G 1 21 ? -13.734 7.244   3.404   1.00 20.56 ?  41  TRP G CD1 1 
ATOM   1307 C  CD2 . TRP G 1 21 ? -14.580 8.811   4.758   1.00 16.59 ?  41  TRP G CD2 1 
ATOM   1308 N  NE1 . TRP G 1 21 ? -14.394 6.603   4.424   1.00 13.07 ?  41  TRP G NE1 1 
ATOM   1309 C  CE2 . TRP G 1 21 ? -14.923 7.544   5.269   1.00 19.26 ?  41  TRP G CE2 1 
ATOM   1310 C  CE3 . TRP G 1 21 ? -15.003 9.952   5.447   1.00 13.97 ?  41  TRP G CE3 1 
ATOM   1311 C  CZ2 . TRP G 1 21 ? -15.670 7.385   6.434   1.00 14.18 ?  41  TRP G CZ2 1 
ATOM   1312 C  CZ3 . TRP G 1 21 ? -15.743 9.793   6.604   1.00 21.80 ?  41  TRP G CZ3 1 
ATOM   1313 C  CH2 . TRP G 1 21 ? -16.070 8.520   7.085   1.00 17.64 ?  41  TRP G CH2 1 
ATOM   1314 N  N   . ILE G 1 22 ? -15.376 11.944  2.135   1.00 10.75 ?  42  ILE G N   1 
ATOM   1315 C  CA  . ILE G 1 22 ? -16.588 12.652  2.537   1.00 13.83 ?  42  ILE G CA  1 
ATOM   1316 C  C   . ILE G 1 22 ? -17.562 12.751  1.368   1.00 11.63 ?  42  ILE G C   1 
ATOM   1317 O  O   . ILE G 1 22 ? -18.765 12.505  1.519   1.00 13.62 ?  42  ILE G O   1 
ATOM   1318 C  CB  . ILE G 1 22 ? -16.239 14.043  3.095   1.00 8.47  ?  42  ILE G CB  1 
ATOM   1319 C  CG1 . ILE G 1 22 ? -15.583 13.920  4.473   1.00 15.48 ?  42  ILE G CG1 1 
ATOM   1320 C  CG2 . ILE G 1 22 ? -17.484 14.918  3.157   1.00 15.83 ?  42  ILE G CG2 1 
ATOM   1321 C  CD1 . ILE G 1 22 ? -15.192 15.249  5.079   1.00 11.95 ?  42  ILE G CD1 1 
ATOM   1322 N  N   . LEU G 1 23 ? -17.062 13.123  0.187   1.00 8.77  ?  43  LEU G N   1 
ATOM   1323 C  CA  . LEU G 1 23 ? -17.944 13.278  -0.964  1.00 10.18 ?  43  LEU G CA  1 
ATOM   1324 C  C   . LEU G 1 23 ? -18.562 11.948  -1.381  1.00 16.60 ?  43  LEU G C   1 
ATOM   1325 O  O   . LEU G 1 23 ? -19.712 11.916  -1.833  1.00 14.10 ?  43  LEU G O   1 
ATOM   1326 C  CB  . LEU G 1 23 ? -17.182 13.907  -2.131  1.00 7.31  ?  43  LEU G CB  1 
ATOM   1327 C  CG  . LEU G 1 23 ? -16.697 15.345  -1.918  1.00 12.36 ?  43  LEU G CG  1 
ATOM   1328 C  CD1 . LEU G 1 23 ? -15.817 15.805  -3.071  1.00 10.55 ?  43  LEU G CD1 1 
ATOM   1329 C  CD2 . LEU G 1 23 ? -17.873 16.293  -1.732  1.00 16.69 ?  43  LEU G CD2 1 
ATOM   1330 N  N   . ASP G 1 24 ? -17.825 10.845  -1.233  1.00 14.60 ?  44  ASP G N   1 
ATOM   1331 C  CA  . ASP G 1 24 ? -18.367 9.538   -1.580  1.00 14.21 ?  44  ASP G CA  1 
ATOM   1332 C  C   . ASP G 1 24 ? -19.549 9.149   -0.701  1.00 21.10 ?  44  ASP G C   1 
ATOM   1333 O  O   . ASP G 1 24 ? -20.358 8.310   -1.111  1.00 19.85 ?  44  ASP G O   1 
ATOM   1334 C  CB  . ASP G 1 24 ? -17.268 8.474   -1.497  1.00 16.12 ?  44  ASP G CB  1 
ATOM   1335 C  CG  . ASP G 1 24 ? -17.768 7.086   -1.853  1.00 25.88 ?  44  ASP G CG  1 
ATOM   1336 O  OD1 . ASP G 1 24 ? -17.899 6.246   -0.939  1.00 34.50 ?  44  ASP G OD1 1 
ATOM   1337 O  OD2 . ASP G 1 24 ? -18.053 6.844   -3.046  1.00 25.89 -1 44  ASP G OD2 1 
ATOM   1338 N  N   . ARG G 1 25 ? -19.666 9.734   0.489   1.00 20.61 ?  45  ARG G N   1 
ATOM   1339 C  CA  . ARG G 1 25 ? -20.840 9.532   1.325   1.00 22.35 ?  45  ARG G CA  1 
ATOM   1340 C  C   . ARG G 1 25 ? -21.882 10.626  1.150   1.00 18.69 ?  45  ARG G C   1 
ATOM   1341 O  O   . ARG G 1 25 ? -23.031 10.440  1.566   1.00 29.33 ?  45  ARG G O   1 
ATOM   1342 C  CB  . ARG G 1 25 ? -20.433 9.441   2.797   1.00 28.37 ?  45  ARG G CB  1 
ATOM   1343 C  CG  . ARG G 1 25 ? -19.899 8.080   3.188   1.00 26.06 ?  45  ARG G CG  1 
ATOM   1344 C  CD  . ARG G 1 25 ? -18.680 8.192   4.080   1.00 28.22 ?  45  ARG G CD  1 
ATOM   1345 N  NE  . ARG G 1 25 ? -18.113 6.877   4.360   1.00 31.81 ?  45  ARG G NE  1 
ATOM   1346 C  CZ  . ARG G 1 25 ? -17.312 6.220   3.529   1.00 32.81 ?  45  ARG G CZ  1 
ATOM   1347 N  NH1 . ARG G 1 25 ? -16.981 6.755   2.361   1.00 34.63 1  45  ARG G NH1 1 
ATOM   1348 N  NH2 . ARG G 1 25 ? -16.842 5.026   3.863   1.00 39.21 ?  45  ARG G NH2 1 
ATOM   1349 N  N   . LEU G 1 26 ? -21.512 11.752  0.549   1.00 19.67 ?  46  LEU G N   1 
ATOM   1350 C  CA  . LEU G 1 26 ? -22.458 12.824  0.273   1.00 22.85 ?  46  LEU G CA  1 
ATOM   1351 C  C   . LEU G 1 26 ? -22.829 12.844  -1.205  1.00 30.24 ?  46  LEU G C   1 
ATOM   1352 O  O   . LEU G 1 26 ? -23.985 13.065  -1.563  1.00 32.19 ?  46  LEU G O   1 
ATOM   1353 C  CB  . LEU G 1 26 ? -21.878 14.175  0.692   1.00 20.46 ?  46  LEU G CB  1 
ATOM   1354 C  CG  . LEU G 1 26 ? -21.535 14.342  2.172   1.00 30.44 ?  46  LEU G CG  1 
ATOM   1355 C  CD1 . LEU G 1 26 ? -20.957 15.724  2.433   1.00 26.34 ?  46  LEU G CD1 1 
ATOM   1356 C  CD2 . LEU G 1 26 ? -22.764 14.097  3.035   1.00 28.65 ?  46  LEU G CD2 1 
HETATM 1357 C  C   . ACE H 1 1  ? 13.422  18.461  5.961   1.00 22.63 ?  21  ACE H C   1 
HETATM 1358 O  O   . ACE H 1 1  ? 13.685  17.596  5.127   1.00 20.08 ?  21  ACE H O   1 
HETATM 1359 C  CH3 . ACE H 1 1  ? 13.256  19.905  5.590   1.00 16.62 ?  21  ACE H CH3 1 
ATOM   1360 N  N   . SER H 1 2  ? 13.258  18.177  7.250   1.00 18.15 ?  22  SER H N   1 
ATOM   1361 C  CA  . SER H 1 2  ? 13.392  16.814  7.751   1.00 22.32 ?  22  SER H CA  1 
ATOM   1362 C  C   . SER H 1 2  ? 12.174  16.397  8.571   1.00 19.46 ?  22  SER H C   1 
ATOM   1363 O  O   . SER H 1 2  ? 11.418  17.240  9.054   1.00 14.91 ?  22  SER H O   1 
ATOM   1364 C  CB  . SER H 1 2  ? 14.662  16.675  8.595   1.00 28.40 ?  22  SER H CB  1 
ATOM   1365 O  OG  . SER H 1 2  ? 15.823  16.906  7.816   1.00 55.42 ?  22  SER H OG  1 
ATOM   1366 N  N   . SER H 1 3  ? 11.997  15.087  8.722   1.00 15.48 ?  23  SER H N   1 
ATOM   1367 C  CA  . SER H 1 3  ? 10.899  14.530  9.497   1.00 13.23 ?  23  SER H CA  1 
ATOM   1368 C  C   . SER H 1 3  ? 11.392  13.292  10.232  1.00 15.48 ?  23  SER H C   1 
ATOM   1369 O  O   . SER H 1 3  ? 12.395  12.681  9.855   1.00 9.88  ?  23  SER H O   1 
ATOM   1370 C  CB  . SER H 1 3  ? 9.697   14.178  8.606   1.00 16.29 ?  23  SER H CB  1 
ATOM   1371 O  OG  . SER H 1 3  ? 9.249   15.308  7.877   1.00 13.73 ?  23  SER H OG  1 
ATOM   1372 N  N   . ASP H 1 4  ? 10.676  12.931  11.293  1.00 13.53 ?  24  ASP H N   1 
ATOM   1373 C  CA  . ASP H 1 4  ? 11.030  11.743  12.051  1.00 9.78  ?  24  ASP H CA  1 
ATOM   1374 C  C   . ASP H 1 4  ? 10.783  10.487  11.218  1.00 10.57 ?  24  ASP H C   1 
ATOM   1375 O  O   . ASP H 1 4  ? 9.872   10.451  10.387  1.00 10.17 ?  24  ASP H O   1 
ATOM   1376 C  CB  . ASP H 1 4  ? 10.230  11.669  13.348  1.00 12.00 ?  24  ASP H CB  1 
ATOM   1377 C  CG  . ASP H 1 4  ? 10.726  12.644  14.396  1.00 20.47 ?  24  ASP H CG  1 
ATOM   1378 O  OD1 . ASP H 1 4  ? 11.923  12.998  14.360  1.00 20.75 ?  24  ASP H OD1 1 
ATOM   1379 O  OD2 . ASP H 1 4  ? 9.920   13.052  15.260  1.00 19.23 -1 24  ASP H OD2 1 
ATOM   1380 N  N   . PRO H 1 5  ? 11.589  9.442   11.419  1.00 8.97  ?  25  PRO H N   1 
ATOM   1381 C  CA  . PRO H 1 5  ? 11.368  8.194   10.670  1.00 10.55 ?  25  PRO H CA  1 
ATOM   1382 C  C   . PRO H 1 5  ? 9.951   7.660   10.792  1.00 11.15 ?  25  PRO H C   1 
ATOM   1383 O  O   . PRO H 1 5  ? 9.415   7.112   9.820   1.00 10.01 ?  25  PRO H O   1 
ATOM   1384 C  CB  . PRO H 1 5  ? 12.395  7.238   11.290  1.00 13.44 ?  25  PRO H CB  1 
ATOM   1385 C  CG  . PRO H 1 5  ? 13.486  8.132   11.772  1.00 11.96 ?  25  PRO H CG  1 
ATOM   1386 C  CD  . PRO H 1 5  ? 12.803  9.383   12.252  1.00 9.41  ?  25  PRO H CD  1 
ATOM   1387 N  N   . LEU H 1 6  ? 9.327   7.803   11.963  1.00 11.64 ?  26  LEU H N   1 
ATOM   1388 C  CA  . LEU H 1 6  ? 7.948   7.355   12.117  1.00 11.39 ?  26  LEU H CA  1 
ATOM   1389 C  C   . LEU H 1 6  ? 7.001   8.167   11.245  1.00 8.49  ?  26  LEU H C   1 
ATOM   1390 O  O   . LEU H 1 6  ? 6.002   7.635   10.747  1.00 8.52  ?  26  LEU H O   1 
ATOM   1391 C  CB  . LEU H 1 6  ? 7.528   7.443   13.583  1.00 12.40 ?  26  LEU H CB  1 
ATOM   1392 C  CG  . LEU H 1 6  ? 6.118   6.945   13.906  1.00 9.60  ?  26  LEU H CG  1 
ATOM   1393 C  CD1 . LEU H 1 6  ? 6.011   5.447   13.654  1.00 15.24 ?  26  LEU H CD1 1 
ATOM   1394 C  CD2 . LEU H 1 6  ? 5.738   7.277   15.341  1.00 13.17 ?  26  LEU H CD2 1 
ATOM   1395 N  N   . VAL H 1 7  ? 7.293   9.454   11.053  1.00 9.08  ?  27  VAL H N   1 
ATOM   1396 C  CA  . VAL H 1 7  ? 6.457   10.278  10.186  1.00 10.16 ?  27  VAL H CA  1 
ATOM   1397 C  C   . VAL H 1 7  ? 6.679   9.921   8.722   1.00 7.90  ?  27  VAL H C   1 
ATOM   1398 O  O   . VAL H 1 7  ? 5.744   9.969   7.915   1.00 8.78  ?  27  VAL H O   1 
ATOM   1399 C  CB  . VAL H 1 7  ? 6.725   11.771  10.451  1.00 8.81  ?  27  VAL H CB  1 
ATOM   1400 C  CG1 . VAL H 1 7  ? 5.861   12.637  9.543   1.00 7.26  ?  27  VAL H CG1 1 
ATOM   1401 C  CG2 . VAL H 1 7  ? 6.466   12.104  11.914  1.00 11.76 ?  27  VAL H CG2 1 
ATOM   1402 N  N   . VAL H 1 8  ? 7.909   9.561   8.353   1.00 6.31  ?  28  VAL H N   1 
ATOM   1403 C  CA  . VAL H 1 8  ? 8.157   9.096   6.992   1.00 9.21  ?  28  VAL H CA  1 
ATOM   1404 C  C   . VAL H 1 8  ? 7.430   7.780   6.744   1.00 12.60 ?  28  VAL H C   1 
ATOM   1405 O  O   . VAL H 1 8  ? 6.831   7.576   5.682   1.00 8.57  ?  28  VAL H O   1 
ATOM   1406 C  CB  . VAL H 1 8  ? 9.670   8.970   6.739   1.00 12.14 ?  28  VAL H CB  1 
ATOM   1407 C  CG1 . VAL H 1 8  ? 9.929   8.422   5.343   1.00 13.68 ?  28  VAL H CG1 1 
ATOM   1408 C  CG2 . VAL H 1 8  ? 10.352  10.319  6.924   1.00 13.90 ?  28  VAL H CG2 1 
ATOM   1409 N  N   . ALA H 1 9  ? 7.463   6.872   7.723   1.00 11.06 ?  29  ALA H N   1 
ATOM   1410 C  CA  . ALA H 1 9  ? 6.768   5.596   7.576   1.00 13.02 ?  29  ALA H CA  1 
ATOM   1411 C  C   . ALA H 1 9  ? 5.265   5.796   7.432   1.00 12.10 ?  29  ALA H C   1 
ATOM   1412 O  O   . ALA H 1 9  ? 4.617   5.131   6.616   1.00 12.07 ?  29  ALA H O   1 
ATOM   1413 C  CB  . ALA H 1 9  ? 7.077   4.692   8.770   1.00 6.37  ?  29  ALA H CB  1 
ATOM   1414 N  N   . ALA H 1 10 ? 4.688   6.709   8.215   1.00 10.60 ?  30  ALA H N   1 
ATOM   1415 C  CA  . ALA H 1 10 ? 3.251   6.945   8.120   1.00 8.26  ?  30  ALA H CA  1 
ATOM   1416 C  C   . ALA H 1 10 ? 2.880   7.616   6.803   1.00 6.60  ?  30  ALA H C   1 
ATOM   1417 O  O   . ALA H 1 10 ? 1.751   7.460   6.322   1.00 8.63  ?  30  ALA H O   1 
ATOM   1418 C  CB  . ALA H 1 10 ? 2.776   7.789   9.300   1.00 8.52  ?  30  ALA H CB  1 
ATOM   1419 N  N   . SER H 1 11 ? 3.815   8.354   6.203   1.00 10.22 ?  31  SER H N   1 
ATOM   1420 C  CA  . SER H 1 11 ? 3.544   8.974   4.909   1.00 7.01  ?  31  SER H CA  1 
ATOM   1421 C  C   . SER H 1 11 ? 3.456   7.931   3.801   1.00 10.79 ?  31  SER H C   1 
ATOM   1422 O  O   . SER H 1 11 ? 2.559   7.991   2.951   1.00 11.35 ?  31  SER H O   1 
ATOM   1423 C  CB  . SER H 1 11 ? 4.617   10.011  4.584   1.00 10.04 ?  31  SER H CB  1 
ATOM   1424 O  OG  . SER H 1 11 ? 4.641   11.041  5.554   1.00 9.28  ?  31  SER H OG  1 
ATOM   1425 N  N   . ILE H 1 12 ? 4.379   6.969   3.790   1.00 5.25  ?  32  ILE H N   1 
ATOM   1426 C  CA  . ILE H 1 12 ? 4.278   5.865   2.841   1.00 12.42 ?  32  ILE H CA  1 
ATOM   1427 C  C   . ILE H 1 12 ? 2.979   5.100   3.061   1.00 11.41 ?  32  ILE H C   1 
ATOM   1428 O  O   . ILE H 1 12 ? 2.309   4.696   2.104   1.00 10.12 ?  32  ILE H O   1 
ATOM   1429 C  CB  . ILE H 1 12 ? 5.507   4.945   2.961   1.00 13.22 ?  32  ILE H CB  1 
ATOM   1430 C  CG1 . ILE H 1 12 ? 6.790   5.735   2.690   1.00 7.94  ?  32  ILE H CG1 1 
ATOM   1431 C  CG2 . ILE H 1 12 ? 5.389   3.766   2.007   1.00 11.20 ?  32  ILE H CG2 1 
ATOM   1432 C  CD1 . ILE H 1 12 ? 8.059   4.970   2.982   1.00 15.07 ?  32  ILE H CD1 1 
ATOM   1433 N  N   . ILE H 1 13 ? 2.602   4.896   4.325   1.00 7.22  ?  33  ILE H N   1 
ATOM   1434 C  CA  . ILE H 1 13 ? 1.375   4.167   4.630   1.00 6.12  ?  33  ILE H CA  1 
ATOM   1435 C  C   . ILE H 1 13 ? 0.151   4.966   4.200   1.00 9.52  ?  33  ILE H C   1 
ATOM   1436 O  O   . ILE H 1 13 ? -0.828  4.403   3.694   1.00 7.38  ?  33  ILE H O   1 
ATOM   1437 C  CB  . ILE H 1 13 ? 1.330   3.819   6.130   1.00 11.27 ?  33  ILE H CB  1 
ATOM   1438 C  CG1 . ILE H 1 13 ? 2.392   2.768   6.467   1.00 14.40 ?  33  ILE H CG1 1 
ATOM   1439 C  CG2 . ILE H 1 13 ? -0.063  3.350   6.530   1.00 9.68  ?  33  ILE H CG2 1 
ATOM   1440 C  CD1 . ILE H 1 13 ? 2.478   2.431   7.939   1.00 11.78 ?  33  ILE H CD1 1 
ATOM   1441 N  N   . GLY H 1 14 ? 0.179   6.284   4.399   1.00 4.74  ?  34  GLY H N   1 
ATOM   1442 C  CA  . GLY H 1 14 ? -0.946  7.105   3.980   1.00 9.38  ?  34  GLY H CA  1 
ATOM   1443 C  C   . GLY H 1 14 ? -1.147  7.092   2.478   1.00 11.64 ?  34  GLY H C   1 
ATOM   1444 O  O   . GLY H 1 14 ? -2.279  7.024   1.991   1.00 13.32 ?  34  GLY H O   1 
ATOM   1445 N  N   . ILE H 1 15 ? -0.051  7.159   1.720   1.00 12.63 ?  35  ILE H N   1 
ATOM   1446 C  CA  . ILE H 1 15 ? -0.143  7.082   0.265   1.00 9.60  ?  35  ILE H CA  1 
ATOM   1447 C  C   . ILE H 1 15 ? -0.747  5.747   -0.154  1.00 11.27 ?  35  ILE H C   1 
ATOM   1448 O  O   . ILE H 1 15 ? -1.656  5.688   -0.991  1.00 10.81 ?  35  ILE H O   1 
ATOM   1449 C  CB  . ILE H 1 15 ? 1.241   7.306   -0.370  1.00 8.49  ?  35  ILE H CB  1 
ATOM   1450 C  CG1 . ILE H 1 15 ? 1.744   8.716   -0.049  1.00 10.64 ?  35  ILE H CG1 1 
ATOM   1451 C  CG2 . ILE H 1 15 ? 1.188   7.078   -1.873  1.00 7.97  ?  35  ILE H CG2 1 
ATOM   1452 C  CD1 . ILE H 1 15 ? 3.151   8.994   -0.528  1.00 9.05  ?  35  ILE H CD1 1 
ATOM   1453 N  N   . LEU H 1 16 ? -0.251  4.653   0.430   1.00 9.74  ?  36  LEU H N   1 
ATOM   1454 C  CA  . LEU H 1 16 ? -0.835  3.342   0.161   1.00 10.63 ?  36  LEU H CA  1 
ATOM   1455 C  C   . LEU H 1 16 ? -2.318  3.321   0.508   1.00 8.65  ?  36  LEU H C   1 
ATOM   1456 O  O   . LEU H 1 16 ? -3.120  2.693   -0.195  1.00 10.69 ?  36  LEU H O   1 
ATOM   1457 C  CB  . LEU H 1 16 ? -0.084  2.266   0.947   1.00 6.53  ?  36  LEU H CB  1 
ATOM   1458 C  CG  . LEU H 1 16 ? -0.703  0.866   0.996   1.00 8.29  ?  36  LEU H CG  1 
ATOM   1459 C  CD1 . LEU H 1 16 ? -0.572  0.151   -0.345  1.00 5.31  ?  36  LEU H CD1 1 
ATOM   1460 C  CD2 . LEU H 1 16 ? -0.085  0.038   2.118   1.00 6.57  ?  36  LEU H CD2 1 
ATOM   1461 N  N   . HIS H 1 17 ? -2.704  4.012   1.583   1.00 8.73  ?  37  HIS H N   1 
ATOM   1462 C  CA  . HIS H 1 17 ? -4.095  3.984   2.022   1.00 11.14 ?  37  HIS H CA  1 
ATOM   1463 C  C   . HIS H 1 17 ? -5.017  4.619   0.989   1.00 8.75  ?  37  HIS H C   1 
ATOM   1464 O  O   . HIS H 1 17 ? -6.089  4.081   0.688   1.00 6.06  ?  37  HIS H O   1 
ATOM   1465 C  CB  . HIS H 1 17 ? -4.227  4.686   3.373   1.00 11.15 ?  37  HIS H CB  1 
ATOM   1466 C  CG  . HIS H 1 17 ? -5.548  4.470   4.043   1.00 14.77 ?  37  HIS H CG  1 
ATOM   1467 N  ND1 . HIS H 1 17 ? -5.839  4.974   5.293   1.00 11.37 ?  37  HIS H ND1 1 
ATOM   1468 C  CD2 . HIS H 1 17 ? -6.654  3.799   3.641   1.00 16.71 ?  37  HIS H CD2 1 
ATOM   1469 C  CE1 . HIS H 1 17 ? -7.069  4.625   5.630   1.00 14.80 ?  37  HIS H CE1 1 
ATOM   1470 N  NE2 . HIS H 1 17 ? -7.585  3.914   4.645   1.00 16.48 ?  37  HIS H NE2 1 
ATOM   1471 N  N   . LEU H 1 18 ? -4.624  5.768   0.437   1.00 10.42 ?  38  LEU H N   1 
ATOM   1472 C  CA  . LEU H 1 18 ? -5.445  6.401   -0.591  1.00 9.51  ?  38  LEU H CA  1 
ATOM   1473 C  C   . LEU H 1 18 ? -5.507  5.545   -1.849  1.00 11.74 ?  38  LEU H C   1 
ATOM   1474 O  O   . LEU H 1 18 ? -6.562  5.442   -2.485  1.00 10.52 ?  38  LEU H O   1 
ATOM   1475 C  CB  . LEU H 1 18 ? -4.906  7.792   -0.917  1.00 11.24 ?  38  LEU H CB  1 
ATOM   1476 C  CG  . LEU H 1 18 ? -5.623  8.509   -2.064  1.00 16.92 ?  38  LEU H CG  1 
ATOM   1477 C  CD1 . LEU H 1 18 ? -7.108  8.643   -1.764  1.00 11.40 ?  38  LEU H CD1 1 
ATOM   1478 C  CD2 . LEU H 1 18 ? -4.999  9.869   -2.330  1.00 19.62 ?  38  LEU H CD2 1 
ATOM   1479 N  N   . ILE H 1 19 ? -4.386  4.925   -2.224  1.00 7.85  ?  39  ILE H N   1 
ATOM   1480 C  CA  . ILE H 1 19 ? -4.361  4.073   -3.411  1.00 16.30 ?  39  ILE H CA  1 
ATOM   1481 C  C   . ILE H 1 19 ? -5.326  2.907   -3.246  1.00 12.22 ?  39  ILE H C   1 
ATOM   1482 O  O   . ILE H 1 19 ? -6.107  2.589   -4.150  1.00 9.42  ?  39  ILE H O   1 
ATOM   1483 C  CB  . ILE H 1 19 ? -2.928  3.584   -3.689  1.00 11.01 ?  39  ILE H CB  1 
ATOM   1484 C  CG1 . ILE H 1 19 ? -2.027  4.760   -4.068  1.00 10.29 ?  39  ILE H CG1 1 
ATOM   1485 C  CG2 . ILE H 1 19 ? -2.924  2.523   -4.780  1.00 12.52 ?  39  ILE H CG2 1 
ATOM   1486 C  CD1 . ILE H 1 19 ? -0.564  4.393   -4.214  1.00 14.52 ?  39  ILE H CD1 1 
ATOM   1487 N  N   . LEU H 1 20 ? -5.288  2.251   -2.084  1.00 14.30 ?  40  LEU H N   1 
ATOM   1488 C  CA  . LEU H 1 20 ? -6.173  1.115   -1.851  1.00 13.96 ?  40  LEU H CA  1 
ATOM   1489 C  C   . LEU H 1 20 ? -7.635  1.541   -1.837  1.00 13.28 ?  40  LEU H C   1 
ATOM   1490 O  O   . LEU H 1 20 ? -8.507  0.786   -2.280  1.00 10.97 ?  40  LEU H O   1 
ATOM   1491 C  CB  . LEU H 1 20 ? -5.806  0.424   -0.538  1.00 11.67 ?  40  LEU H CB  1 
ATOM   1492 C  CG  . LEU H 1 20 ? -4.407  -0.188  -0.462  1.00 13.30 ?  40  LEU H CG  1 
ATOM   1493 C  CD1 . LEU H 1 20 ? -4.154  -0.776  0.918   1.00 16.02 ?  40  LEU H CD1 1 
ATOM   1494 C  CD2 . LEU H 1 20 ? -4.224  -1.245  -1.540  1.00 10.06 ?  40  LEU H CD2 1 
ATOM   1495 N  N   . TRP H 1 21 ? -7.922  2.742   -1.332  1.00 11.45 ?  41  TRP H N   1 
ATOM   1496 C  CA  . TRP H 1 21 ? -9.304  3.203   -1.275  1.00 11.83 ?  41  TRP H CA  1 
ATOM   1497 C  C   . TRP H 1 21 ? -9.843  3.506   -2.667  1.00 10.14 ?  41  TRP H C   1 
ATOM   1498 O  O   . TRP H 1 21 ? -10.998 3.188   -2.974  1.00 13.48 ?  41  TRP H O   1 
ATOM   1499 C  CB  . TRP H 1 21 ? -9.410  4.433   -0.374  1.00 10.31 ?  41  TRP H CB  1 
ATOM   1500 C  CG  . TRP H 1 21 ? -10.815 4.901   -0.175  1.00 14.81 ?  41  TRP H CG  1 
ATOM   1501 C  CD1 . TRP H 1 21 ? -11.677 4.510   0.807   1.00 13.47 ?  41  TRP H CD1 1 
ATOM   1502 C  CD2 . TRP H 1 21 ? -11.529 5.844   -0.984  1.00 15.06 ?  41  TRP H CD2 1 
ATOM   1503 N  NE1 . TRP H 1 21 ? -12.882 5.152   0.663   1.00 16.37 ?  41  TRP H NE1 1 
ATOM   1504 C  CE2 . TRP H 1 21 ? -12.818 5.977   -0.429  1.00 18.05 ?  41  TRP H CE2 1 
ATOM   1505 C  CE3 . TRP H 1 21 ? -11.204 6.588   -2.123  1.00 19.70 ?  41  TRP H CE3 1 
ATOM   1506 C  CZ2 . TRP H 1 21 ? -13.781 6.825   -0.973  1.00 20.77 ?  41  TRP H CZ2 1 
ATOM   1507 C  CZ3 . TRP H 1 21 ? -12.163 7.431   -2.661  1.00 18.44 ?  41  TRP H CZ3 1 
ATOM   1508 C  CH2 . TRP H 1 21 ? -13.435 7.541   -2.086  1.00 17.06 ?  41  TRP H CH2 1 
ATOM   1509 N  N   . ILE H 1 22 ? -9.023  4.117   -3.523  1.00 9.60  ?  42  ILE H N   1 
ATOM   1510 C  CA  . ILE H 1 22 ? -9.452  4.413   -4.887  1.00 12.89 ?  42  ILE H CA  1 
ATOM   1511 C  C   . ILE H 1 22 ? -9.658  3.123   -5.673  1.00 14.43 ?  42  ILE H C   1 
ATOM   1512 O  O   . ILE H 1 22 ? -10.685 2.939   -6.336  1.00 13.50 ?  42  ILE H O   1 
ATOM   1513 C  CB  . ILE H 1 22 ? -8.437  5.340   -5.579  1.00 12.01 ?  42  ILE H CB  1 
ATOM   1514 C  CG1 . ILE H 1 22 ? -8.432  6.716   -4.910  1.00 13.24 ?  42  ILE H CG1 1 
ATOM   1515 C  CG2 . ILE H 1 22 ? -8.751  5.461   -7.064  1.00 20.84 ?  42  ILE H CG2 1 
ATOM   1516 C  CD1 . ILE H 1 22 ? -7.474  7.700   -5.543  1.00 12.19 ?  42  ILE H CD1 1 
ATOM   1517 N  N   . LEU H 1 23 ? -8.683  2.212   -5.613  1.00 12.74 ?  43  LEU H N   1 
ATOM   1518 C  CA  . LEU H 1 23 ? -8.820  0.939   -6.315  1.00 16.55 ?  43  LEU H CA  1 
ATOM   1519 C  C   . LEU H 1 23 ? -10.046 0.174   -5.837  1.00 15.40 ?  43  LEU H C   1 
ATOM   1520 O  O   . LEU H 1 23 ? -10.781 -0.405  -6.645  1.00 16.68 ?  43  LEU H O   1 
ATOM   1521 C  CB  . LEU H 1 23 ? -7.556  0.100   -6.127  1.00 17.06 ?  43  LEU H CB  1 
ATOM   1522 C  CG  . LEU H 1 23 ? -6.282  0.651   -6.765  1.00 16.87 ?  43  LEU H CG  1 
ATOM   1523 C  CD1 . LEU H 1 23 ? -5.094  -0.239  -6.440  1.00 20.67 ?  43  LEU H CD1 1 
ATOM   1524 C  CD2 . LEU H 1 23 ? -6.459  0.783   -8.266  1.00 15.97 ?  43  LEU H CD2 1 
ATOM   1525 N  N   . ASP H 1 24 ? -10.284 0.158   -4.523  1.00 12.81 ?  44  ASP H N   1 
ATOM   1526 C  CA  . ASP H 1 24 ? -11.462 -0.520  -3.997  1.00 17.68 ?  44  ASP H CA  1 
ATOM   1527 C  C   . ASP H 1 24 ? -12.748 0.180   -4.416  1.00 17.09 ?  44  ASP H C   1 
ATOM   1528 O  O   . ASP H 1 24 ? -13.782 -0.476  -4.587  1.00 19.74 ?  44  ASP H O   1 
ATOM   1529 C  CB  . ASP H 1 24 ? -11.377 -0.605  -2.473  1.00 18.21 ?  44  ASP H CB  1 
ATOM   1530 C  CG  . ASP H 1 24 ? -12.445 -1.499  -1.877  1.00 29.46 ?  44  ASP H CG  1 
ATOM   1531 O  OD1 . ASP H 1 24 ? -13.154 -2.180  -2.649  1.00 46.91 ?  44  ASP H OD1 1 
ATOM   1532 O  OD2 . ASP H 1 24 ? -12.577 -1.521  -0.636  1.00 33.01 -1 44  ASP H OD2 1 
ATOM   1533 N  N   . ARG H 1 25 ? -12.705 1.504   -4.592  1.00 14.38 ?  45  ARG H N   1 
ATOM   1534 C  CA  . ARG H 1 25 ? -13.914 2.236   -4.959  1.00 18.28 ?  45  ARG H CA  1 
ATOM   1535 C  C   . ARG H 1 25 ? -14.258 2.039   -6.431  1.00 18.74 ?  45  ARG H C   1 
ATOM   1536 O  O   . ARG H 1 25 ? -15.438 1.964   -6.790  1.00 15.48 ?  45  ARG H O   1 
ATOM   1537 C  CB  . ARG H 1 25 ? -13.751 3.723   -4.646  1.00 14.52 ?  45  ARG H CB  1 
ATOM   1538 C  CG  . ARG H 1 25 ? -14.975 4.558   -5.001  1.00 13.24 ?  45  ARG H CG  1 
ATOM   1539 C  CD  . ARG H 1 25 ? -16.206 4.081   -4.243  1.00 18.66 ?  45  ARG H CD  1 
ATOM   1540 N  NE  . ARG H 1 25 ? -17.418 4.781   -4.663  1.00 18.81 ?  45  ARG H NE  1 
ATOM   1541 C  CZ  . ARG H 1 25 ? -18.183 4.402   -5.681  1.00 13.55 ?  45  ARG H CZ  1 
ATOM   1542 N  NH1 . ARG H 1 25 ? -17.862 3.329   -6.391  1.00 14.10 1  45  ARG H NH1 1 
ATOM   1543 N  NH2 . ARG H 1 25 ? -19.268 5.098   -5.993  1.00 17.39 ?  45  ARG H NH2 1 
ATOM   1544 N  N   . LEU H 1 26 ? -13.252 1.971   -7.297  1.00 16.09 ?  46  LEU H N   1 
ATOM   1545 C  CA  . LEU H 1 26 ? -13.492 1.810   -8.727  1.00 19.70 ?  46  LEU H CA  1 
ATOM   1546 C  C   . LEU H 1 26 ? -14.197 0.494   -9.033  1.00 19.22 ?  46  LEU H C   1 
ATOM   1547 O  O   . LEU H 1 26 ? -14.269 0.081   -10.188 1.00 19.42 ?  46  LEU H O   1 
ATOM   1548 C  CB  . LEU H 1 26 ? -12.176 1.895   -9.504  1.00 17.15 ?  46  LEU H CB  1 
ATOM   1549 C  CG  . LEU H 1 26 ? -11.506 3.268   -9.484  1.00 17.82 ?  46  LEU H CG  1 
ATOM   1550 C  CD1 . LEU H 1 26 ? -10.192 3.245   -10.251 1.00 18.41 ?  46  LEU H CD1 1 
ATOM   1551 C  CD2 . LEU H 1 26 ? -12.454 4.314   -10.054 1.00 18.49 ?  46  LEU H CD2 1 
HETATM 1552 N  N1  . 308 I 2 .  ? 1.625   -9.973  -6.760  1.00 25.18 ?  101 308 B N1  1 
HETATM 1553 C  C10 . 308 I 2 .  ? 0.372   -10.699 -6.845  1.00 28.31 ?  101 308 B C10 1 
HETATM 1554 C  C7  . 308 I 2 .  ? 0.641   -12.196 -6.718  1.00 25.42 ?  101 308 B C7  1 
HETATM 1555 C  C1  . 308 I 2 .  ? -0.677  -12.960 -6.811  1.00 19.62 ?  101 308 B C1  1 
HETATM 1556 C  C8  . 308 I 2 .  ? -0.555  -10.255 -5.718  1.00 18.54 ?  101 308 B C8  1 
HETATM 1557 C  C5  . 308 I 2 .  ? -1.875  -11.014 -5.812  1.00 18.79 ?  101 308 B C5  1 
HETATM 1558 C  C6  . 308 I 2 .  ? -1.610  -12.513 -5.687  1.00 19.07 ?  101 308 B C6  1 
HETATM 1559 C  C4  . 308 I 2 .  ? -2.535  -10.730 -7.159  1.00 14.01 ?  101 308 B C4  1 
HETATM 1560 C  C9  . 308 I 2 .  ? -0.290  -10.410 -8.190  1.00 13.83 ?  101 308 B C9  1 
HETATM 1561 C  C3  . 308 I 2 .  ? -1.606  -11.177 -8.285  1.00 15.01 ?  101 308 B C3  1 
HETATM 1562 C  C2  . 308 I 2 .  ? -1.333  -12.674 -8.159  1.00 13.41 ?  101 308 B C2  1 
HETATM 1563 CL CL  . CL  J 3 .  ? -9.153  -14.375 -7.666  1.00 12.13 ?  101 CL  C CL  1 
HETATM 1564 CL CL  . CL  K 3 .  ? 7.655   16.725  9.876   1.00 11.94 ?  101 CL  E CL  1 
HETATM 1565 N  N1  . 308 L 2 .  ? -2.335  10.943  7.669   1.00 22.82 ?  101 308 F N1  1 
HETATM 1566 C  C10 . 308 L 2 .  ? -1.053  11.621  7.722   1.00 25.11 ?  101 308 F C10 1 
HETATM 1567 C  C7  . 308 L 2 .  ? -0.534  11.841  6.304   1.00 19.20 ?  101 308 F C7  1 
HETATM 1568 C  C1  . 308 L 2 .  ? 0.813   12.557  6.360   1.00 14.69 ?  101 308 F C1  1 
HETATM 1569 C  C8  . 308 L 2 .  ? -1.222  12.970  8.418   1.00 19.63 ?  101 308 F C8  1 
HETATM 1570 C  C5  . 308 L 2 .  ? 0.126   13.684  8.477   1.00 19.63 ?  101 308 F C5  1 
HETATM 1571 C  C6  . 308 L 2 .  ? 0.644   13.905  7.058   1.00 19.73 ?  101 308 F C6  1 
HETATM 1572 C  C4  . 308 L 2 .  ? 1.123   12.830  9.256   1.00 13.81 ?  101 308 F C4  1 
HETATM 1573 C  C9  . 308 L 2 .  ? -0.057  10.768  8.503   1.00 17.49 ?  101 308 F C9  1 
HETATM 1574 C  C3  . 308 L 2 .  ? 1.293   11.483  8.558   1.00 16.35 ?  101 308 F C3  1 
HETATM 1575 C  C2  . 308 L 2 .  ? 1.812   11.706  7.139   1.00 12.19 ?  101 308 F C2  1 
HETATM 1576 O  O   . HOH M 4 .  ? 16.731  -4.678  -10.876 1.00 20.31 ?  101 HOH A O   1 
HETATM 1577 O  O   . HOH M 4 .  ? 5.681   -9.476  -10.209 1.00 14.82 ?  102 HOH A O   1 
HETATM 1578 O  O   . HOH M 4 .  ? 1.548   -6.786  -7.070  1.00 12.98 ?  103 HOH A O   1 
HETATM 1579 O  O   . HOH M 4 .  ? 17.846  2.988   -10.960 1.00 41.30 ?  104 HOH A O   1 
HETATM 1580 O  O   . HOH M 4 .  ? 22.102  -2.056  -15.085 1.00 27.51 ?  105 HOH A O   1 
HETATM 1581 O  O   . HOH M 4 .  ? -3.859  -0.590  -10.811 1.00 18.81 ?  106 HOH A O   1 
HETATM 1582 O  O   . HOH M 4 .  ? -15.537 -6.586  -3.649  1.00 39.63 ?  107 HOH A O   1 
HETATM 1583 O  O   . HOH M 4 .  ? 17.591  -0.512  -20.205 1.00 39.13 ?  108 HOH A O   1 
HETATM 1584 O  O   . HOH M 4 .  ? 22.642  -4.157  -13.103 1.00 32.23 ?  109 HOH A O   1 
HETATM 1585 O  O   . HOH M 4 .  ? 19.986  3.313   -12.064 1.00 42.39 ?  110 HOH A O   1 
HETATM 1586 O  O   . HOH M 4 .  ? -3.609  -0.804  -13.184 1.00 27.61 ?  111 HOH A O   1 
HETATM 1587 O  O   . HOH M 4 .  ? -2.762  0.911   -11.870 1.00 20.37 ?  112 HOH A O   1 
HETATM 1588 O  O   . HOH N 4 .  ? 4.247   -5.825  -6.602  1.00 21.65 ?  201 HOH B O   1 
HETATM 1589 O  O   . HOH N 4 .  ? -14.384 -16.042 -7.032  1.00 28.62 ?  202 HOH B O   1 
HETATM 1590 O  O   . HOH N 4 .  ? -8.359  -17.684 3.078   1.00 29.99 ?  203 HOH B O   1 
HETATM 1591 O  O   . HOH N 4 .  ? 2.445   -9.820  -3.184  1.00 17.38 ?  204 HOH B O   1 
HETATM 1592 O  O   . HOH N 4 .  ? 14.784  -5.990  -6.182  1.00 16.92 ?  205 HOH B O   1 
HETATM 1593 O  O   . HOH N 4 .  ? -7.574  -19.648 2.104   1.00 32.93 ?  206 HOH B O   1 
HETATM 1594 O  O   . HOH N 4 .  ? 19.617  -0.939  -1.817  1.00 38.56 ?  207 HOH B O   1 
HETATM 1595 O  O   . HOH N 4 .  ? 4.967   -8.377  -6.212  1.00 26.00 ?  208 HOH B O   1 
HETATM 1596 O  O   . HOH N 4 .  ? -19.351 -14.842 -4.702  1.00 35.48 ?  209 HOH B O   1 
HETATM 1597 O  O   . HOH N 4 .  ? 12.892  4.267   -10.840 1.00 30.15 ?  210 HOH B O   1 
HETATM 1598 O  O   . HOH N 4 .  ? 21.556  -1.770  -3.102  1.00 28.85 ?  211 HOH B O   1 
HETATM 1599 O  O   . HOH O 4 .  ? -12.394 -15.488 -7.712  1.00 12.24 ?  201 HOH C O   1 
HETATM 1600 O  O   . HOH O 4 .  ? -9.182  -19.232 -13.405 1.00 23.28 ?  202 HOH C O   1 
HETATM 1601 O  O   . HOH O 4 .  ? 21.246  -8.572  2.392   1.00 17.53 ?  203 HOH C O   1 
HETATM 1602 O  O   . HOH O 4 .  ? -8.720  -22.243 -3.851  1.00 24.55 ?  204 HOH C O   1 
HETATM 1603 O  O   . HOH O 4 .  ? 5.122   -9.051  -3.164  1.00 11.91 ?  205 HOH C O   1 
HETATM 1604 O  O   . HOH O 4 .  ? 19.088  -3.391  -2.470  1.00 39.05 ?  206 HOH C O   1 
HETATM 1605 O  O   . HOH O 4 .  ? -9.955  -19.969 -2.750  1.00 21.59 ?  207 HOH C O   1 
HETATM 1606 O  O   . HOH O 4 .  ? 3.856   -13.566 -6.550  1.00 26.11 ?  208 HOH C O   1 
HETATM 1607 O  O   . HOH O 4 .  ? 18.658  -7.648  -3.732  1.00 33.26 ?  209 HOH C O   1 
HETATM 1608 O  O   . HOH O 4 .  ? 20.675  -4.843  -1.210  1.00 37.11 ?  210 HOH C O   1 
HETATM 1609 O  O   . HOH O 4 .  ? 21.752  -6.703  -2.350  1.00 36.23 ?  211 HOH C O   1 
HETATM 1610 O  O   . HOH O 4 .  ? 15.986  -4.804  12.474  1.00 30.63 ?  212 HOH C O   1 
HETATM 1611 O  O   . HOH O 4 .  ? 12.628  -8.824  11.009  1.00 32.28 ?  213 HOH C O   1 
HETATM 1612 O  O   . HOH P 4 .  ? -12.725 -9.140  -12.703 1.00 18.74 ?  101 HOH D O   1 
HETATM 1613 O  O   . HOH P 4 .  ? 18.099  -10.277 -6.011  1.00 20.49 ?  102 HOH D O   1 
HETATM 1614 O  O   . HOH P 4 .  ? 2.901   -10.454 -10.373 0.50 10.81 ?  103 HOH D O   1 
HETATM 1615 O  O   . HOH P 4 .  ? 24.722  -14.729 -2.240  1.00 22.68 ?  104 HOH D O   1 
HETATM 1616 O  O   . HOH P 4 .  ? 6.155   -12.368 -6.134  1.00 11.68 ?  105 HOH D O   1 
HETATM 1617 O  O   . HOH P 4 .  ? 23.558  -9.781  -5.963  1.00 28.32 ?  106 HOH D O   1 
HETATM 1618 O  O   . HOH P 4 .  ? 11.814  -6.924  -6.236  1.00 15.06 ?  107 HOH D O   1 
HETATM 1619 O  O   . HOH P 4 .  ? 22.100  -8.018  -6.374  1.00 35.28 ?  108 HOH D O   1 
HETATM 1620 O  O   . HOH P 4 .  ? 5.287   -10.372 -7.558  1.00 21.02 ?  109 HOH D O   1 
HETATM 1621 O  O   . HOH P 4 .  ? 2.534   -15.181 -18.566 1.00 19.78 ?  110 HOH D O   1 
HETATM 1622 O  O   . HOH P 4 .  ? 22.595  -5.206  -7.660  1.00 49.87 ?  111 HOH D O   1 
HETATM 1623 O  O   . HOH Q 4 .  ? -15.041 -3.338  10.979  1.00 40.12 ?  201 HOH E O   1 
HETATM 1624 O  O   . HOH Q 4 .  ? -6.261  8.501   9.468   1.00 15.78 ?  202 HOH E O   1 
HETATM 1625 O  O   . HOH Q 4 .  ? 7.743   15.722  18.698  1.00 26.81 ?  203 HOH E O   1 
HETATM 1626 O  O   . HOH Q 4 .  ? -3.509  10.462  10.374  1.00 8.40  ?  204 HOH E O   1 
HETATM 1627 O  O   . HOH Q 4 .  ? -3.414  5.611   6.737   1.00 15.83 ?  205 HOH E O   1 
HETATM 1628 O  O   . HOH Q 4 .  ? -11.583 -4.724  -4.188  1.00 19.63 ?  206 HOH E O   1 
HETATM 1629 O  O   . HOH Q 4 .  ? -12.577 -1.530  4.960   1.00 23.94 ?  207 HOH E O   1 
HETATM 1630 O  O   . HOH Q 4 .  ? -13.317 3.334   3.722   1.00 18.82 ?  208 HOH E O   1 
HETATM 1631 O  O   . HOH Q 4 .  ? -10.692 5.389   5.038   1.00 22.46 ?  209 HOH E O   1 
HETATM 1632 O  O   . HOH Q 4 .  ? 16.805  14.957  15.515  1.00 43.28 ?  210 HOH E O   1 
HETATM 1633 O  O   . HOH Q 4 .  ? -2.482  8.252   19.922  1.00 24.76 ?  211 HOH E O   1 
HETATM 1634 O  O   . HOH Q 4 .  ? -7.912  6.086   17.237  1.00 25.92 ?  212 HOH E O   1 
HETATM 1635 O  O   . HOH Q 4 .  ? -5.763  5.650   19.013  1.00 35.86 ?  213 HOH E O   1 
HETATM 1636 O  O   . HOH Q 4 .  ? -8.483  3.159   17.433  1.00 29.79 ?  214 HOH E O   1 
HETATM 1637 O  O   . HOH Q 4 .  ? -4.271  6.998   21.277  1.00 39.92 ?  215 HOH E O   1 
HETATM 1638 O  O   . HOH R 4 .  ? -22.916 5.206   14.952  1.00 33.21 ?  201 HOH F O   1 
HETATM 1639 O  O   . HOH R 4 .  ? -7.088  11.608  5.683   1.00 13.12 ?  202 HOH F O   1 
HETATM 1640 O  O   . HOH R 4 .  ? -19.456 -1.391  9.527   1.00 36.89 ?  203 HOH F O   1 
HETATM 1641 O  O   . HOH R 4 .  ? -4.478  13.619  6.292   1.00 15.88 ?  204 HOH F O   1 
HETATM 1642 O  O   . HOH R 4 .  ? 6.206   22.165  18.339  1.00 37.14 ?  205 HOH F O   1 
HETATM 1643 O  O   . HOH R 4 .  ? 5.535   24.273  2.027   1.00 33.18 ?  206 HOH F O   1 
HETATM 1644 O  O   . HOH R 4 .  ? -3.431  8.470   5.845   1.00 31.50 ?  207 HOH F O   1 
HETATM 1645 O  O   . HOH R 4 .  ? -21.310 4.231   4.240   1.00 30.24 ?  208 HOH F O   1 
HETATM 1646 O  O   . HOH R 4 .  ? -21.262 4.517   17.642  1.00 32.38 ?  209 HOH F O   1 
HETATM 1647 O  O   . HOH R 4 .  ? -19.273 11.101  7.907   1.00 40.92 ?  210 HOH F O   1 
HETATM 1648 O  O   . HOH R 4 .  ? -4.315  23.653  3.856   1.00 31.40 ?  211 HOH F O   1 
HETATM 1649 O  O   . HOH R 4 .  ? -13.297 -0.545  14.040  1.00 28.85 ?  212 HOH F O   1 
HETATM 1650 O  O   . HOH R 4 .  ? -6.756  22.900  3.413   1.00 40.27 ?  213 HOH F O   1 
HETATM 1651 O  O   . HOH R 4 .  ? -8.277  4.973   18.975  1.00 40.45 ?  214 HOH F O   1 
HETATM 1652 O  O   . HOH S 4 .  ? 10.119  18.467  10.587  1.00 13.19 ?  101 HOH G O   1 
HETATM 1653 O  O   . HOH S 4 .  ? 12.136  12.690  0.893   1.00 25.38 ?  102 HOH G O   1 
HETATM 1654 O  O   . HOH S 4 .  ? -20.360 7.170   -3.657  1.00 20.69 ?  103 HOH G O   1 
HETATM 1655 O  O   . HOH S 4 .  ? -1.886  10.755  3.789   1.00 24.43 ?  104 HOH G O   1 
HETATM 1656 O  O   . HOH S 4 .  ? 8.685   21.825  4.661   1.00 15.61 ?  105 HOH G O   1 
HETATM 1657 O  O   . HOH S 4 .  ? 14.527  23.876  8.317   1.00 18.65 ?  106 HOH G O   1 
HETATM 1658 O  O   . HOH S 4 .  ? -19.854 3.692   -0.957  1.00 37.23 ?  107 HOH G O   1 
HETATM 1659 O  O   . HOH S 4 .  ? -21.816 4.782   -2.450  1.00 30.98 ?  108 HOH G O   1 
HETATM 1660 O  O   . HOH S 4 .  ? -24.042 17.130  -2.259  1.00 31.76 ?  109 HOH G O   1 
HETATM 1661 O  O   . HOH S 4 .  ? 6.644   18.465  -2.835  1.00 30.59 ?  110 HOH G O   1 
HETATM 1662 O  O   . HOH S 4 .  ? -20.212 3.706   1.647   1.00 48.21 ?  111 HOH G O   1 
HETATM 1663 O  O   . HOH S 4 .  ? 7.427   11.666  -3.968  1.00 29.58 ?  112 HOH G O   1 
HETATM 1664 O  O   . HOH S 4 .  ? -24.442 18.506  0.063   1.00 32.91 ?  113 HOH G O   1 
HETATM 1665 O  O   . HOH S 4 .  ? -19.365 13.653  7.073   1.00 36.80 ?  114 HOH G O   1 
HETATM 1666 O  O   . HOH S 4 .  ? 5.221   11.055  -4.195  1.00 33.53 ?  115 HOH G O   1 
HETATM 1667 O  O   . HOH S 4 .  ? -17.951 19.110  1.655   1.00 33.48 ?  116 HOH G O   1 
HETATM 1668 O  O   . HOH S 4 .  ? 2.393   10.076  -5.002  1.00 40.93 ?  117 HOH G O   1 
HETATM 1669 O  O   . HOH S 4 .  ? -20.465 18.648  1.552   1.00 29.77 ?  118 HOH G O   1 
HETATM 1670 O  O   . HOH S 4 .  ? -9.145  22.449  3.972   1.00 42.37 ?  119 HOH G O   1 
HETATM 1671 O  O   . HOH T 4 .  ? -19.475 2.148   -7.887  1.00 29.21 ?  101 HOH H O   1 
HETATM 1672 O  O   . HOH T 4 .  ? -12.851 2.375   -1.259  1.00 28.20 ?  102 HOH H O   1 
HETATM 1673 O  O   . HOH T 4 .  ? -3.997  9.091   3.036   1.00 13.22 ?  103 HOH H O   1 
HETATM 1674 O  O   . HOH T 4 .  ? -0.972  7.701   7.513   0.50 17.88 ?  104 HOH H O   1 
HETATM 1675 O  O   . HOH T 4 .  ? 13.663  12.475  7.143   1.00 34.30 ?  105 HOH H O   1 
HETATM 1676 O  O   . HOH T 4 .  ? 15.323  21.460  7.836   1.00 35.20 ?  106 HOH H O   1 
HETATM 1677 O  O   . HOH T 4 .  ? -18.008 -0.930  -5.614  1.00 34.45 ?  107 HOH H O   1 
HETATM 1678 O  O   . HOH T 4 .  ? 6.122   1.211   5.493   1.00 23.26 ?  108 HOH H O   1 
HETATM 1679 O  O   . HOH T 4 .  ? 18.956  20.310  8.912   1.00 37.10 ?  109 HOH H O   1 
HETATM 1680 O  O   . HOH T 4 .  ? 13.596  21.443  1.690   1.00 45.46 ?  110 HOH H O   1 
# 
